data_2IVO
#
_entry.id   2IVO
#
_cell.length_a   89.824
_cell.length_b   230.305
_cell.length_c   81.968
_cell.angle_alpha   90.00
_cell.angle_beta   90.00
_cell.angle_gamma   90.00
#
_symmetry.space_group_name_H-M   'P 21 21 2'
#
loop_
_entity.id
_entity.type
_entity.pdbx_description
1 polymer UP1
2 non-polymer TUNGSTATE(VI)ION
3 water water
#
_entity_poly.entity_id   1
_entity_poly.type   'polypeptide(L)'
_entity_poly.pdbx_seq_one_letter_code
;MLALGIEGTAHTLGIGIVSEDKVLANVFDTLTTEKGGIHPKEAAEHHARLMKPLLRKALSEAGVSLDDIDVIAFSQGPGL
GPALRVVATAARALAVKYRKPIVGVNHCIAHVEITKMFGVKDPVGLYVSGGNTQVLALEGGRYRVFGETLDIGIGNAIDV
FARELGLGFPGGPKVEKLAEKGEKYIELPYAVKGMDLSFSGLLTEAIRKYRSGKYRVEDLAYSFQETAFAALVEVTERAV
AHTEKDEVVLVGGVAANNRLREMLRIMTEDRGIKFFVPPYDLCRDNGAMIAYTGLRMYKAGISFRLEETIVKQKFRTDEV
EIVWHHHHHH
;
_entity_poly.pdbx_strand_id   A,B,C,D
#
loop_
_chem_comp.id
_chem_comp.type
_chem_comp.name
_chem_comp.formula
WO4 non-polymer TUNGSTATE(VI)ION 'O4 W -2'
#
# COMPACT_ATOMS: atom_id res chain seq x y z
N MET A 1 -9.10 1.92 33.61
CA MET A 1 -8.99 3.36 33.89
C MET A 1 -10.24 3.88 34.58
N LEU A 2 -10.17 5.08 35.14
CA LEU A 2 -11.28 5.69 35.83
C LEU A 2 -11.73 6.99 35.16
N ALA A 3 -13.00 7.30 35.28
CA ALA A 3 -13.54 8.54 34.78
C ALA A 3 -14.48 9.09 35.82
N LEU A 4 -14.42 10.41 36.02
CA LEU A 4 -15.34 11.09 36.91
C LEU A 4 -16.35 11.85 36.05
N GLY A 5 -17.64 11.76 36.38
CA GLY A 5 -18.66 12.37 35.56
C GLY A 5 -19.60 13.27 36.34
N ILE A 6 -19.83 14.47 35.84
CA ILE A 6 -20.76 15.38 36.49
C ILE A 6 -21.98 15.61 35.61
N GLU A 7 -23.16 15.36 36.17
CA GLU A 7 -24.41 15.66 35.51
C GLU A 7 -25.08 16.82 36.21
N GLY A 8 -25.59 17.78 35.44
CA GLY A 8 -26.37 18.87 36.00
C GLY A 8 -27.16 19.66 34.97
N THR A 9 -27.83 18.95 34.07
CA THR A 9 -28.59 19.58 32.98
C THR A 9 -29.92 20.16 33.48
N ALA A 10 -30.38 19.66 34.62
CA ALA A 10 -31.61 20.13 35.22
C ALA A 10 -31.44 20.22 36.75
N HIS A 11 -32.35 19.58 37.47
CA HIS A 11 -32.47 19.80 38.89
C HIS A 11 -31.64 18.83 39.71
N THR A 12 -31.20 17.76 39.07
CA THR A 12 -30.29 16.85 39.72
C THR A 12 -28.85 17.24 39.40
N LEU A 13 -28.05 17.33 40.46
CA LEU A 13 -26.60 17.29 40.33
C LEU A 13 -26.18 15.87 40.63
N GLY A 14 -25.61 15.21 39.63
CA GLY A 14 -25.16 13.84 39.80
C GLY A 14 -23.67 13.74 39.63
N ILE A 15 -23.03 13.01 40.54
CA ILE A 15 -21.61 12.75 40.38
C ILE A 15 -21.32 11.24 40.40
N GLY A 16 -20.74 10.77 39.30
CA GLY A 16 -20.39 9.38 39.18
C GLY A 16 -18.91 9.17 38.96
N ILE A 17 -18.43 8.01 39.42
CA ILE A 17 -17.09 7.54 39.14
C ILE A 17 -17.18 6.11 38.62
N VAL A 18 -16.66 5.86 37.42
CA VAL A 18 -16.78 4.56 36.79
C VAL A 18 -15.47 4.12 36.13
N SER A 19 -15.20 2.82 36.16
CA SER A 19 -14.22 2.22 35.27
C SER A 19 -14.97 1.64 34.07
N GLU A 20 -14.28 0.96 33.15
CA GLU A 20 -14.90 0.31 31.98
C GLU A 20 -16.06 -0.64 32.33
N ASP A 21 -16.02 -1.28 33.51
CA ASP A 21 -17.02 -2.28 33.82
C ASP A 21 -17.67 -2.18 35.20
N LYS A 22 -17.18 -1.32 36.08
CA LYS A 22 -17.90 -1.09 37.34
C LYS A 22 -18.20 0.35 37.67
N VAL A 23 -19.29 0.57 38.40
CA VAL A 23 -19.66 1.88 38.89
C VAL A 23 -19.15 1.95 40.31
N LEU A 24 -18.10 2.74 40.50
CA LEU A 24 -17.48 2.87 41.82
C LEU A 24 -18.33 3.74 42.75
N ALA A 25 -18.99 4.75 42.18
CA ALA A 25 -19.82 5.67 42.94
C ALA A 25 -20.89 6.31 42.08
N ASN A 26 -22.08 6.52 42.65
CA ASN A 26 -23.16 7.21 41.97
C ASN A 26 -24.01 7.98 42.97
N VAL A 27 -23.71 9.27 43.11
CA VAL A 27 -24.33 10.12 44.14
C VAL A 27 -25.20 11.25 43.58
N PHE A 28 -26.13 11.71 44.42
CA PHE A 28 -27.21 12.58 43.98
C PHE A 28 -27.52 13.66 44.98
N ASP A 29 -27.98 14.78 44.46
CA ASP A 29 -28.70 15.76 45.25
C ASP A 29 -29.60 16.54 44.31
N THR A 30 -30.87 16.67 44.70
CA THR A 30 -31.85 17.30 43.85
C THR A 30 -32.47 18.51 44.52
N LEU A 31 -32.69 19.55 43.73
CA LEU A 31 -33.37 20.74 44.20
C LEU A 31 -34.83 20.40 44.47
N THR A 32 -35.31 20.79 45.66
CA THR A 32 -36.72 20.61 46.02
C THR A 32 -37.52 21.70 45.32
N THR A 33 -38.67 21.31 44.76
CA THR A 33 -39.59 22.26 44.12
C THR A 33 -41.02 22.03 44.59
N GLU A 34 -41.50 22.92 45.46
CA GLU A 34 -42.85 22.80 46.00
C GLU A 34 -43.89 22.76 44.89
N LYS A 35 -44.05 23.88 44.18
CA LYS A 35 -45.00 23.99 43.07
C LYS A 35 -44.66 23.06 41.90
N GLY A 36 -43.40 22.66 41.80
CA GLY A 36 -42.93 21.84 40.69
C GLY A 36 -42.51 22.73 39.54
N GLY A 37 -42.01 22.12 38.46
CA GLY A 37 -41.61 22.85 37.26
C GLY A 37 -40.15 23.31 37.21
N ILE A 38 -39.83 24.04 36.15
CA ILE A 38 -38.46 24.38 35.77
C ILE A 38 -38.00 25.75 36.33
N HIS A 39 -36.87 25.75 37.04
CA HIS A 39 -36.32 26.97 37.67
C HIS A 39 -34.80 27.12 37.46
N PRO A 40 -34.37 27.62 36.28
CA PRO A 40 -32.96 27.66 35.88
C PRO A 40 -32.00 28.27 36.91
N LYS A 41 -32.38 29.39 37.53
CA LYS A 41 -31.48 30.09 38.44
C LYS A 41 -31.22 29.32 39.73
N GLU A 42 -32.29 28.81 40.34
CA GLU A 42 -32.19 28.14 41.64
C GLU A 42 -31.42 26.83 41.51
N ALA A 43 -31.52 26.22 40.34
CA ALA A 43 -30.78 25.01 40.01
C ALA A 43 -29.27 25.27 39.95
N ALA A 44 -28.88 26.36 39.29
CA ALA A 44 -27.48 26.77 39.20
C ALA A 44 -26.93 27.10 40.57
N GLU A 45 -27.77 27.68 41.41
CA GLU A 45 -27.41 27.94 42.80
C GLU A 45 -27.30 26.63 43.56
N HIS A 46 -28.24 25.73 43.33
CA HIS A 46 -28.18 24.39 43.94
C HIS A 46 -26.87 23.68 43.61
N HIS A 47 -26.51 23.65 42.33
CA HIS A 47 -25.33 22.92 41.87
C HIS A 47 -24.04 23.53 42.41
N ALA A 48 -24.00 24.86 42.48
CA ALA A 48 -22.85 25.58 43.02
C ALA A 48 -22.59 25.20 44.50
N ARG A 49 -23.65 25.25 45.30
CA ARG A 49 -23.56 24.96 46.73
C ARG A 49 -23.26 23.49 47.05
N LEU A 50 -23.69 22.59 46.17
CA LEU A 50 -23.57 21.15 46.41
C LEU A 50 -22.36 20.48 45.75
N MET A 51 -21.69 21.20 44.84
CA MET A 51 -20.59 20.62 44.09
C MET A 51 -19.55 19.96 44.99
N LYS A 52 -18.96 20.74 45.90
CA LYS A 52 -17.90 20.21 46.77
C LYS A 52 -18.33 19.07 47.73
N PRO A 53 -19.44 19.26 48.47
CA PRO A 53 -19.95 18.14 49.27
C PRO A 53 -20.15 16.83 48.48
N LEU A 54 -20.86 16.90 47.35
CA LEU A 54 -21.16 15.70 46.56
C LEU A 54 -19.93 15.06 45.96
N LEU A 55 -18.99 15.90 45.53
CA LEU A 55 -17.72 15.43 45.01
C LEU A 55 -16.92 14.73 46.10
N ARG A 56 -16.96 15.27 47.32
CA ARG A 56 -16.28 14.67 48.47
C ARG A 56 -16.92 13.34 48.81
N LYS A 57 -18.25 13.30 48.77
CA LYS A 57 -19.00 12.07 49.01
C LYS A 57 -18.72 11.00 47.97
N ALA A 58 -18.67 11.40 46.71
CA ALA A 58 -18.38 10.47 45.62
C ALA A 58 -17.04 9.78 45.81
N LEU A 59 -15.98 10.59 45.94
CA LEU A 59 -14.60 10.09 46.06
C LEU A 59 -14.50 9.13 47.22
N SER A 60 -15.33 9.39 48.22
CA SER A 60 -15.42 8.58 49.42
C SER A 60 -16.02 7.19 49.14
N GLU A 61 -17.25 7.13 48.60
CA GLU A 61 -17.84 5.83 48.28
C GLU A 61 -17.02 5.06 47.27
N ALA A 62 -16.46 5.76 46.29
CA ALA A 62 -15.60 5.14 45.28
C ALA A 62 -14.31 4.66 45.92
N GLY A 63 -13.96 5.28 47.04
CA GLY A 63 -12.72 5.02 47.76
C GLY A 63 -11.53 5.33 46.89
N VAL A 64 -11.54 6.52 46.25
CA VAL A 64 -10.42 6.99 45.40
C VAL A 64 -10.22 8.49 45.54
N SER A 65 -9.16 9.01 44.92
CA SER A 65 -8.86 10.44 44.95
C SER A 65 -8.81 11.00 43.54
N LEU A 66 -8.91 12.32 43.40
CA LEU A 66 -8.93 12.93 42.08
C LEU A 66 -7.68 12.64 41.23
N ASP A 67 -6.58 12.29 41.91
CA ASP A 67 -5.37 11.86 41.23
C ASP A 67 -5.49 10.52 40.52
N ASP A 68 -6.35 9.65 41.05
CA ASP A 68 -6.58 8.35 40.45
C ASP A 68 -7.49 8.43 39.23
N ILE A 69 -8.19 9.54 39.06
CA ILE A 69 -9.06 9.78 37.91
C ILE A 69 -8.24 10.00 36.63
N ASP A 70 -8.63 9.37 35.54
CA ASP A 70 -7.95 9.54 34.24
C ASP A 70 -8.59 10.59 33.32
N VAL A 71 -9.89 10.86 33.49
CA VAL A 71 -10.59 11.81 32.64
C VAL A 71 -11.83 12.41 33.33
N ILE A 72 -12.11 13.68 33.01
CA ILE A 72 -13.23 14.36 33.61
C ILE A 72 -14.30 14.63 32.57
N ALA A 73 -15.47 14.04 32.79
CA ALA A 73 -16.59 14.12 31.86
C ALA A 73 -17.67 14.96 32.50
N PHE A 74 -18.31 15.80 31.70
CA PHE A 74 -19.42 16.59 32.22
C PHE A 74 -20.55 16.65 31.20
N SER A 75 -21.77 16.87 31.70
CA SER A 75 -22.93 17.05 30.83
C SER A 75 -22.88 18.43 30.21
N GLN A 76 -22.56 18.46 28.92
CA GLN A 76 -22.34 19.71 28.22
C GLN A 76 -23.67 20.26 27.71
N GLY A 77 -24.66 19.38 27.56
CA GLY A 77 -25.98 19.73 27.05
C GLY A 77 -26.79 18.51 26.60
N PRO A 78 -28.09 18.71 26.29
CA PRO A 78 -28.81 19.95 26.38
C PRO A 78 -29.43 20.09 27.76
N GLY A 79 -29.81 21.31 28.13
CA GLY A 79 -30.34 21.53 29.46
C GLY A 79 -30.43 23.01 29.74
N LEU A 80 -30.51 23.34 31.01
CA LEU A 80 -30.70 24.72 31.43
C LEU A 80 -29.38 25.45 31.51
N GLY A 81 -29.22 26.47 30.66
CA GLY A 81 -28.01 27.28 30.62
C GLY A 81 -27.28 27.47 31.95
N PRO A 82 -27.89 28.20 32.92
CA PRO A 82 -27.17 28.54 34.15
C PRO A 82 -26.65 27.32 34.92
N ALA A 83 -27.38 26.22 34.89
CA ALA A 83 -26.93 24.98 35.54
C ALA A 83 -25.80 24.32 34.77
N LEU A 84 -25.89 24.33 33.44
CA LEU A 84 -24.82 23.80 32.62
C LEU A 84 -23.51 24.53 32.91
N ARG A 85 -23.60 25.85 33.02
CA ARG A 85 -22.44 26.72 33.24
C ARG A 85 -21.71 26.42 34.54
N VAL A 86 -22.47 26.13 35.59
CA VAL A 86 -21.90 25.74 36.88
C VAL A 86 -21.19 24.39 36.78
N VAL A 87 -21.80 23.46 36.07
CA VAL A 87 -21.21 22.15 35.84
C VAL A 87 -19.87 22.25 35.07
N ALA A 88 -19.85 23.06 34.01
CA ALA A 88 -18.67 23.20 33.15
C ALA A 88 -17.54 23.94 33.83
N THR A 89 -17.86 24.96 34.62
CA THR A 89 -16.83 25.66 35.38
C THR A 89 -16.19 24.70 36.37
N ALA A 90 -17.01 24.01 37.17
CA ALA A 90 -16.54 22.99 38.12
C ALA A 90 -15.67 21.90 37.46
N ALA A 91 -16.05 21.50 36.24
CA ALA A 91 -15.30 20.46 35.54
C ALA A 91 -13.99 20.99 34.96
N ARG A 92 -14.00 22.24 34.51
CA ARG A 92 -12.80 22.87 33.97
C ARG A 92 -11.76 23.11 35.07
N ALA A 93 -12.24 23.59 36.21
CA ALA A 93 -11.42 23.82 37.39
C ALA A 93 -10.67 22.55 37.81
N LEU A 94 -11.40 21.43 37.87
CA LEU A 94 -10.80 20.13 38.22
C LEU A 94 -9.74 19.73 37.21
N ALA A 95 -10.05 19.95 35.93
CA ALA A 95 -9.15 19.61 34.84
C ALA A 95 -7.78 20.29 34.97
N VAL A 96 -7.75 21.59 35.28
CA VAL A 96 -6.48 22.29 35.49
C VAL A 96 -5.81 21.93 36.80
N LYS A 97 -6.59 21.90 37.87
CA LYS A 97 -6.04 21.69 39.19
C LYS A 97 -5.33 20.35 39.30
N TYR A 98 -5.86 19.33 38.62
CA TYR A 98 -5.27 17.98 38.69
C TYR A 98 -4.66 17.50 37.37
N ARG A 99 -4.46 18.44 36.44
CA ARG A 99 -3.86 18.17 35.12
C ARG A 99 -4.51 16.95 34.47
N LYS A 100 -5.84 16.98 34.39
CA LYS A 100 -6.62 15.88 33.78
C LYS A 100 -7.25 16.34 32.46
N PRO A 101 -7.31 15.44 31.46
CA PRO A 101 -8.02 15.77 30.25
C PRO A 101 -9.52 15.84 30.52
N ILE A 102 -10.26 16.46 29.62
CA ILE A 102 -11.68 16.72 29.82
C ILE A 102 -12.46 16.40 28.55
N VAL A 103 -13.65 15.82 28.70
CA VAL A 103 -14.56 15.55 27.58
C VAL A 103 -15.94 16.10 27.92
N GLY A 104 -16.59 16.72 26.94
CA GLY A 104 -17.97 17.19 27.07
C GLY A 104 -18.94 16.13 26.56
N VAL A 105 -19.92 15.79 27.38
CA VAL A 105 -20.80 14.66 27.05
C VAL A 105 -22.23 15.11 26.77
N ASN A 106 -22.81 14.52 25.72
CA ASN A 106 -24.21 14.74 25.43
C ASN A 106 -25.08 13.92 26.37
N HIS A 107 -25.94 14.64 27.09
CA HIS A 107 -26.80 14.09 28.12
C HIS A 107 -27.73 12.98 27.60
N CYS A 108 -28.30 13.17 26.41
CA CYS A 108 -29.22 12.17 25.86
C CYS A 108 -28.50 10.91 25.43
N ILE A 109 -27.44 11.06 24.63
CA ILE A 109 -26.57 9.95 24.24
C ILE A 109 -26.14 9.15 25.47
N ALA A 110 -25.69 9.84 26.52
CA ALA A 110 -25.26 9.18 27.74
C ALA A 110 -26.34 8.26 28.26
N HIS A 111 -27.58 8.77 28.30
CA HIS A 111 -28.72 8.01 28.80
C HIS A 111 -28.85 6.66 28.10
N VAL A 112 -28.64 6.64 26.79
CA VAL A 112 -28.71 5.41 26.02
C VAL A 112 -27.43 4.59 26.18
N GLU A 113 -26.28 5.23 26.00
CA GLU A 113 -24.97 4.56 26.03
C GLU A 113 -24.75 3.75 27.30
N ILE A 114 -25.23 4.27 28.44
CA ILE A 114 -25.04 3.59 29.73
C ILE A 114 -25.53 2.14 29.72
N THR A 115 -26.51 1.84 28.88
CA THR A 115 -27.02 0.48 28.81
C THR A 115 -25.97 -0.46 28.23
N LYS A 116 -25.06 0.09 27.43
CA LYS A 116 -23.96 -0.69 26.83
C LYS A 116 -22.93 -1.18 27.87
N MET A 117 -22.86 -0.48 29.01
CA MET A 117 -21.99 -0.90 30.09
C MET A 117 -22.30 -2.31 30.58
N PHE A 118 -23.54 -2.72 30.45
CA PHE A 118 -23.97 -3.99 31.02
C PHE A 118 -24.43 -5.05 30.00
N GLY A 119 -24.27 -4.77 28.71
CA GLY A 119 -24.50 -5.82 27.72
C GLY A 119 -25.21 -5.44 26.43
N VAL A 120 -25.98 -4.37 26.46
CA VAL A 120 -26.76 -3.96 25.29
C VAL A 120 -25.83 -3.57 24.13
N LYS A 121 -26.08 -4.12 22.95
CA LYS A 121 -25.19 -3.92 21.80
C LYS A 121 -25.51 -2.66 20.98
N ASP A 122 -26.76 -2.55 20.53
CA ASP A 122 -27.15 -1.55 19.54
C ASP A 122 -28.67 -1.31 19.58
N PRO A 123 -29.12 -0.55 20.59
CA PRO A 123 -30.55 -0.42 20.82
C PRO A 123 -31.23 0.65 19.99
N VAL A 124 -32.56 0.58 19.93
CA VAL A 124 -33.41 1.74 19.70
C VAL A 124 -33.76 2.22 21.11
N GLY A 125 -33.45 3.48 21.41
CA GLY A 125 -33.65 4.02 22.75
C GLY A 125 -34.82 4.99 22.83
N LEU A 126 -35.69 4.77 23.81
CA LEU A 126 -36.72 5.74 24.14
C LEU A 126 -36.32 6.44 25.41
N TYR A 127 -35.96 7.70 25.27
CA TYR A 127 -35.57 8.51 26.40
C TYR A 127 -36.73 9.40 26.78
N VAL A 128 -37.19 9.24 28.02
CA VAL A 128 -38.34 9.99 28.52
C VAL A 128 -38.05 10.56 29.90
N SER A 129 -37.96 11.88 29.98
CA SER A 129 -37.74 12.51 31.28
C SER A 129 -38.76 13.62 31.48
N GLY A 130 -38.47 14.54 32.40
CA GLY A 130 -39.32 15.71 32.65
C GLY A 130 -39.59 16.48 31.37
N GLY A 131 -38.54 17.04 30.77
CA GLY A 131 -38.67 17.87 29.58
C GLY A 131 -38.17 17.24 28.29
N ASN A 132 -37.57 16.06 28.40
CA ASN A 132 -37.11 15.36 27.20
C ASN A 132 -38.04 14.23 26.80
N THR A 133 -38.19 14.05 25.49
CA THR A 133 -38.83 12.85 24.94
C THR A 133 -38.30 12.63 23.53
N GLN A 134 -37.51 11.59 23.38
CA GLN A 134 -36.88 11.28 22.11
C GLN A 134 -36.81 9.79 21.88
N VAL A 135 -36.99 9.41 20.62
CA VAL A 135 -36.60 8.09 20.16
C VAL A 135 -35.36 8.30 19.31
N LEU A 136 -34.27 7.66 19.71
CA LEU A 136 -32.97 7.81 19.08
C LEU A 136 -32.24 6.49 18.94
N ALA A 137 -31.45 6.33 17.88
CA ALA A 137 -30.70 5.10 17.64
C ALA A 137 -29.50 5.37 16.73
N LEU A 138 -28.43 4.59 16.94
CA LEU A 138 -27.18 4.75 16.20
C LEU A 138 -27.34 4.30 14.76
N GLU A 139 -26.98 5.18 13.84
CA GLU A 139 -27.17 4.94 12.42
C GLU A 139 -26.37 5.96 11.61
N GLY A 140 -25.51 5.47 10.74
CA GLY A 140 -24.66 6.33 9.92
C GLY A 140 -23.72 7.19 10.76
N GLY A 141 -23.05 6.55 11.72
CA GLY A 141 -22.07 7.21 12.56
C GLY A 141 -22.63 8.12 13.65
N ARG A 142 -23.95 8.27 13.71
CA ARG A 142 -24.52 9.16 14.71
C ARG A 142 -25.75 8.55 15.34
N TYR A 143 -26.08 8.98 16.55
CA TYR A 143 -27.41 8.74 17.10
C TYR A 143 -28.38 9.69 16.38
N ARG A 144 -29.26 9.11 15.58
CA ARG A 144 -30.24 9.89 14.84
C ARG A 144 -31.54 9.97 15.64
N VAL A 145 -32.31 11.04 15.46
CA VAL A 145 -33.61 11.18 16.14
C VAL A 145 -34.74 10.73 15.21
N PHE A 146 -35.51 9.74 15.66
CA PHE A 146 -36.63 9.20 14.87
C PHE A 146 -37.98 9.83 15.21
N GLY A 147 -38.07 10.47 16.38
CA GLY A 147 -39.28 11.20 16.76
C GLY A 147 -39.01 11.85 18.07
N GLU A 148 -39.57 13.04 18.28
CA GLU A 148 -39.35 13.78 19.52
C GLU A 148 -40.51 14.72 19.79
N THR A 149 -40.64 15.13 21.05
CA THR A 149 -41.67 16.09 21.42
C THR A 149 -41.45 17.43 20.70
N LEU A 150 -42.54 18.00 20.19
CA LEU A 150 -42.49 19.32 19.57
C LEU A 150 -42.73 20.41 20.60
N ASP A 151 -43.17 20.02 21.80
CA ASP A 151 -43.55 20.98 22.83
C ASP A 151 -42.99 20.65 24.20
N ILE A 152 -43.64 19.74 24.91
CA ILE A 152 -43.28 19.45 26.29
C ILE A 152 -42.92 17.98 26.50
N GLY A 153 -42.06 17.72 27.48
CA GLY A 153 -41.69 16.35 27.78
C GLY A 153 -42.84 15.62 28.43
N ILE A 154 -42.88 14.31 28.25
CA ILE A 154 -43.93 13.48 28.85
C ILE A 154 -43.96 13.62 30.38
N GLY A 155 -42.78 13.72 30.97
CA GLY A 155 -42.65 13.87 32.42
C GLY A 155 -43.45 15.06 32.89
N ASN A 156 -43.16 16.21 32.31
CA ASN A 156 -43.77 17.46 32.74
C ASN A 156 -45.25 17.53 32.47
N ALA A 157 -45.69 16.86 31.39
CA ALA A 157 -47.11 16.72 31.10
C ALA A 157 -47.83 15.96 32.22
N ILE A 158 -47.37 14.74 32.52
CA ILE A 158 -47.92 13.98 33.63
C ILE A 158 -47.94 14.81 34.92
N ASP A 159 -46.88 15.57 35.16
CA ASP A 159 -46.80 16.46 36.33
C ASP A 159 -47.81 17.62 36.33
N VAL A 160 -48.01 18.26 35.18
CA VAL A 160 -49.02 19.32 35.10
C VAL A 160 -50.40 18.74 35.43
N PHE A 161 -50.72 17.62 34.81
CA PHE A 161 -51.95 16.87 35.06
C PHE A 161 -52.14 16.52 36.53
N ALA A 162 -51.07 16.11 37.20
CA ALA A 162 -51.13 15.77 38.62
C ALA A 162 -51.39 16.99 39.53
N ARG A 163 -50.65 18.07 39.31
CA ARG A 163 -50.86 19.33 40.02
C ARG A 163 -52.29 19.81 39.82
N GLU A 164 -52.84 19.56 38.63
CA GLU A 164 -54.20 19.95 38.31
C GLU A 164 -55.19 19.16 39.14
N LEU A 165 -54.93 17.86 39.28
CA LEU A 165 -55.76 16.97 40.08
C LEU A 165 -55.55 17.16 41.58
N GLY A 166 -54.69 18.11 41.94
CA GLY A 166 -54.37 18.39 43.34
C GLY A 166 -53.61 17.27 44.01
N LEU A 167 -52.71 16.65 43.27
CA LEU A 167 -51.95 15.51 43.75
C LEU A 167 -50.55 15.91 44.25
N GLY A 168 -50.17 15.33 45.39
CA GLY A 168 -48.92 15.69 46.07
C GLY A 168 -47.69 15.17 45.38
N PHE A 169 -46.72 16.06 45.17
CA PHE A 169 -45.48 15.73 44.46
C PHE A 169 -44.83 14.49 45.08
N PRO A 170 -44.35 13.55 44.23
CA PRO A 170 -44.30 13.65 42.77
C PRO A 170 -45.54 13.07 42.05
N GLY A 171 -45.87 13.65 40.89
CA GLY A 171 -47.08 13.29 40.16
C GLY A 171 -47.12 11.89 39.57
N GLY A 172 -46.09 11.53 38.80
CA GLY A 172 -46.03 10.25 38.10
C GLY A 172 -46.64 9.05 38.79
N PRO A 173 -46.06 8.62 39.94
CA PRO A 173 -46.52 7.41 40.64
C PRO A 173 -47.97 7.49 41.10
N LYS A 174 -48.44 8.68 41.43
CA LYS A 174 -49.81 8.85 41.88
C LYS A 174 -50.83 8.70 40.75
N VAL A 175 -50.52 9.29 39.59
CA VAL A 175 -51.34 9.16 38.38
C VAL A 175 -51.29 7.71 37.88
N GLU A 176 -50.12 7.10 37.99
CA GLU A 176 -49.94 5.71 37.61
C GLU A 176 -50.87 4.79 38.41
N LYS A 177 -50.98 5.06 39.70
CA LYS A 177 -51.82 4.27 40.61
C LYS A 177 -53.33 4.43 40.33
N LEU A 178 -53.76 5.65 40.03
CA LEU A 178 -55.14 5.90 39.66
C LEU A 178 -55.47 5.25 38.32
N ALA A 179 -54.49 5.23 37.40
CA ALA A 179 -54.70 4.64 36.09
C ALA A 179 -55.03 3.15 36.13
N GLU A 180 -54.45 2.43 37.11
CA GLU A 180 -54.65 0.98 37.23
C GLU A 180 -56.08 0.59 37.51
N LYS A 181 -56.81 1.48 38.18
CA LYS A 181 -58.22 1.29 38.50
C LYS A 181 -59.16 1.70 37.37
N GLY A 182 -58.64 2.35 36.33
CA GLY A 182 -59.46 2.80 35.20
C GLY A 182 -60.02 1.65 34.39
N GLU A 183 -61.29 1.73 34.02
CA GLU A 183 -61.91 0.69 33.18
C GLU A 183 -62.67 1.23 31.97
N LYS A 184 -62.57 2.53 31.70
CA LYS A 184 -63.17 3.09 30.50
C LYS A 184 -62.22 4.03 29.76
N TYR A 185 -61.94 3.75 28.50
CA TYR A 185 -61.18 4.69 27.69
C TYR A 185 -62.05 5.88 27.33
N ILE A 186 -61.54 7.07 27.61
CA ILE A 186 -62.17 8.31 27.21
C ILE A 186 -61.27 8.91 26.15
N GLU A 187 -61.81 9.16 24.95
CA GLU A 187 -60.99 9.67 23.83
C GLU A 187 -60.38 11.03 24.12
N LEU A 188 -59.11 11.14 23.73
CA LEU A 188 -58.30 12.35 23.89
C LEU A 188 -57.45 12.48 22.61
N PRO A 189 -56.95 13.70 22.32
CA PRO A 189 -56.12 13.95 21.11
C PRO A 189 -54.93 13.01 20.96
N TYR A 190 -54.79 12.41 19.78
CA TYR A 190 -53.60 11.62 19.50
C TYR A 190 -52.34 12.48 19.61
N ALA A 191 -51.28 11.89 20.19
CA ALA A 191 -50.07 12.61 20.46
C ALA A 191 -48.98 12.46 19.38
N VAL A 192 -49.25 11.67 18.33
CA VAL A 192 -48.30 11.54 17.22
C VAL A 192 -48.61 12.58 16.16
N LYS A 193 -47.67 13.50 15.91
CA LYS A 193 -47.81 14.47 14.82
C LYS A 193 -46.71 14.34 13.77
N GLY A 194 -47.03 13.62 12.70
CA GLY A 194 -46.08 13.25 11.67
C GLY A 194 -45.11 12.19 12.17
N MET A 195 -43.85 12.58 12.26
CA MET A 195 -42.75 11.77 12.76
C MET A 195 -42.61 11.93 14.25
N ASP A 196 -43.15 13.02 14.76
CA ASP A 196 -42.79 13.49 16.09
C ASP A 196 -43.90 13.32 17.11
N LEU A 197 -43.66 13.81 18.32
CA LEU A 197 -44.65 13.71 19.39
C LEU A 197 -45.16 15.09 19.74
N SER A 198 -46.41 15.16 20.20
CA SER A 198 -46.95 16.39 20.79
C SER A 198 -47.85 16.06 21.97
N PHE A 199 -47.69 16.81 23.06
CA PHE A 199 -48.45 16.49 24.27
C PHE A 199 -49.34 17.60 24.79
N SER A 200 -49.13 18.82 24.32
CA SER A 200 -49.94 19.99 24.71
C SER A 200 -51.43 19.77 24.50
N GLY A 201 -51.82 19.46 23.26
CA GLY A 201 -53.21 19.23 22.91
C GLY A 201 -53.82 18.24 23.84
N LEU A 202 -53.14 17.10 24.02
CA LEU A 202 -53.60 16.04 24.91
C LEU A 202 -53.77 16.55 26.35
N LEU A 203 -52.76 17.23 26.85
CA LEU A 203 -52.77 17.74 28.21
C LEU A 203 -53.92 18.71 28.46
N THR A 204 -54.12 19.69 27.57
CA THR A 204 -55.17 20.68 27.82
C THR A 204 -56.56 20.03 27.74
N GLU A 205 -56.73 19.10 26.81
CA GLU A 205 -58.00 18.39 26.71
C GLU A 205 -58.27 17.55 27.95
N ALA A 206 -57.31 16.73 28.35
CA ALA A 206 -57.44 15.93 29.58
C ALA A 206 -57.84 16.81 30.77
N ILE A 207 -57.23 17.99 30.90
CA ILE A 207 -57.57 18.93 31.96
C ILE A 207 -59.00 19.46 31.81
N ARG A 208 -59.40 19.77 30.58
CA ARG A 208 -60.73 20.27 30.33
C ARG A 208 -61.80 19.27 30.77
N LYS A 209 -61.65 18.00 30.37
CA LYS A 209 -62.62 16.95 30.72
C LYS A 209 -62.62 16.63 32.22
N TYR A 210 -61.51 16.92 32.89
CA TYR A 210 -61.46 16.73 34.33
C TYR A 210 -62.33 17.76 35.01
N ARG A 211 -62.19 19.00 34.55
CA ARG A 211 -62.88 20.13 35.14
C ARG A 211 -64.38 20.03 34.96
N SER A 212 -64.81 19.26 33.97
CA SER A 212 -66.23 19.10 33.70
C SER A 212 -66.92 18.29 34.80
N GLY A 213 -66.14 17.59 35.63
CA GLY A 213 -66.69 16.75 36.70
C GLY A 213 -67.46 15.55 36.19
N LYS A 214 -67.59 15.44 34.86
CA LYS A 214 -68.35 14.38 34.20
C LYS A 214 -67.75 12.97 34.32
N TYR A 215 -66.43 12.88 34.53
CA TYR A 215 -65.74 11.59 34.48
C TYR A 215 -65.06 11.18 35.79
N ARG A 216 -64.87 9.88 35.97
CA ARG A 216 -64.02 9.33 37.04
C ARG A 216 -62.55 9.68 36.78
N VAL A 217 -61.87 10.17 37.81
CA VAL A 217 -60.43 10.47 37.69
C VAL A 217 -59.67 9.25 37.13
N GLU A 218 -59.89 8.07 37.70
CA GLU A 218 -59.23 6.83 37.24
C GLU A 218 -59.33 6.58 35.75
N ASP A 219 -60.49 6.87 35.16
CA ASP A 219 -60.66 6.71 33.71
C ASP A 219 -59.81 7.74 32.95
N LEU A 220 -59.84 9.00 33.41
CA LEU A 220 -59.03 10.05 32.82
C LEU A 220 -57.53 9.82 32.95
N ALA A 221 -57.08 9.36 34.11
CA ALA A 221 -55.67 9.01 34.35
C ALA A 221 -55.21 7.89 33.41
N TYR A 222 -56.05 6.87 33.30
CA TYR A 222 -55.79 5.74 32.43
C TYR A 222 -55.79 6.17 30.95
N SER A 223 -56.72 7.06 30.61
CA SER A 223 -56.86 7.53 29.23
C SER A 223 -55.71 8.45 28.81
N PHE A 224 -55.31 9.35 29.71
CA PHE A 224 -54.12 10.16 29.54
C PHE A 224 -52.91 9.26 29.27
N GLN A 225 -52.68 8.31 30.17
CA GLN A 225 -51.56 7.39 30.02
C GLN A 225 -51.59 6.56 28.74
N GLU A 226 -52.73 5.96 28.41
CA GLU A 226 -52.82 5.12 27.22
C GLU A 226 -52.55 5.93 25.96
N THR A 227 -53.09 7.15 25.90
CA THR A 227 -52.92 7.92 24.68
C THR A 227 -51.45 8.29 24.51
N ALA A 228 -50.87 8.90 25.54
CA ALA A 228 -49.48 9.33 25.51
C ALA A 228 -48.49 8.17 25.28
N PHE A 229 -48.71 7.05 25.97
CA PHE A 229 -47.78 5.94 25.86
C PHE A 229 -47.91 5.21 24.54
N ALA A 230 -49.12 5.11 24.01
CA ALA A 230 -49.32 4.47 22.71
C ALA A 230 -48.56 5.25 21.64
N ALA A 231 -48.60 6.59 21.76
CA ALA A 231 -47.79 7.47 20.94
C ALA A 231 -46.31 7.11 21.02
N LEU A 232 -45.79 7.05 22.26
CA LEU A 232 -44.40 6.64 22.50
C LEU A 232 -44.04 5.28 21.91
N VAL A 233 -44.91 4.29 22.13
CA VAL A 233 -44.68 2.95 21.59
C VAL A 233 -44.65 2.95 20.04
N GLU A 234 -45.59 3.66 19.41
CA GLU A 234 -45.67 3.71 17.95
C GLU A 234 -44.41 4.29 17.33
N VAL A 235 -43.94 5.41 17.89
CA VAL A 235 -42.75 6.06 17.38
C VAL A 235 -41.52 5.15 17.56
N THR A 236 -41.42 4.51 18.72
CA THR A 236 -40.39 3.51 18.99
C THR A 236 -40.50 2.35 18.01
N GLU A 237 -41.70 1.77 17.89
CA GLU A 237 -41.91 0.68 16.95
C GLU A 237 -41.54 1.07 15.51
N ARG A 238 -41.83 2.31 15.12
CA ARG A 238 -41.49 2.80 13.78
C ARG A 238 -40.00 2.72 13.54
N ALA A 239 -39.22 3.19 14.52
CA ALA A 239 -37.77 3.14 14.46
C ALA A 239 -37.25 1.70 14.44
N VAL A 240 -37.85 0.85 15.27
CA VAL A 240 -37.51 -0.56 15.31
C VAL A 240 -37.68 -1.22 13.94
N ALA A 241 -38.83 -1.02 13.33
CA ALA A 241 -39.13 -1.59 12.01
C ALA A 241 -38.16 -1.08 10.96
N HIS A 242 -37.85 0.22 11.00
CA HIS A 242 -37.02 0.82 9.97
C HIS A 242 -35.55 0.48 10.13
N THR A 243 -35.02 0.57 11.33
CA THR A 243 -33.61 0.29 11.56
C THR A 243 -33.31 -1.20 11.58
N GLU A 244 -34.36 -2.01 11.75
CA GLU A 244 -34.22 -3.46 11.95
C GLU A 244 -33.28 -3.82 13.09
N LYS A 245 -33.28 -3.01 14.16
CA LYS A 245 -32.47 -3.29 15.34
C LYS A 245 -33.19 -4.26 16.27
N ASP A 246 -32.44 -5.13 16.92
CA ASP A 246 -33.03 -6.27 17.61
C ASP A 246 -33.14 -6.05 19.11
N GLU A 247 -32.99 -4.81 19.55
CA GLU A 247 -33.14 -4.47 20.96
C GLU A 247 -33.67 -3.05 21.19
N VAL A 248 -34.54 -2.89 22.19
CA VAL A 248 -35.07 -1.59 22.59
C VAL A 248 -34.68 -1.33 24.04
N VAL A 249 -34.28 -0.10 24.34
CA VAL A 249 -34.02 0.27 25.74
C VAL A 249 -34.90 1.44 26.19
N LEU A 250 -35.33 1.41 27.45
CA LEU A 250 -36.13 2.50 27.99
C LEU A 250 -35.37 3.22 29.08
N VAL A 251 -35.11 4.51 28.85
CA VAL A 251 -34.29 5.30 29.78
C VAL A 251 -34.92 6.65 30.10
N GLY A 252 -34.48 7.25 31.20
CA GLY A 252 -35.01 8.53 31.67
C GLY A 252 -35.76 8.36 32.97
N GLY A 253 -36.06 9.49 33.62
CA GLY A 253 -36.81 9.46 34.87
C GLY A 253 -38.17 8.80 34.77
N VAL A 254 -38.77 8.87 33.59
CA VAL A 254 -40.13 8.39 33.38
C VAL A 254 -40.17 6.86 33.22
N ALA A 255 -39.00 6.23 33.09
CA ALA A 255 -38.92 4.76 32.98
C ALA A 255 -39.44 4.02 34.22
N ALA A 256 -39.57 4.74 35.34
CA ALA A 256 -40.15 4.19 36.56
C ALA A 256 -41.56 3.64 36.34
N ASN A 257 -42.27 4.12 35.30
CA ASN A 257 -43.66 3.76 35.07
C ASN A 257 -43.84 2.33 34.51
N ASN A 258 -44.50 1.47 35.27
CA ASN A 258 -44.67 0.05 34.87
C ASN A 258 -45.60 -0.18 33.70
N ARG A 259 -46.53 0.76 33.49
CA ARG A 259 -47.48 0.61 32.39
C ARG A 259 -46.77 0.82 31.06
N LEU A 260 -45.88 1.82 31.01
CA LEU A 260 -45.05 2.08 29.86
C LEU A 260 -44.10 0.91 29.59
N ARG A 261 -43.50 0.36 30.64
CA ARG A 261 -42.63 -0.79 30.48
C ARG A 261 -43.36 -1.96 29.84
N GLU A 262 -44.56 -2.21 30.34
CA GLU A 262 -45.43 -3.29 29.91
C GLU A 262 -45.83 -3.14 28.46
N MET A 263 -46.22 -1.92 28.08
CA MET A 263 -46.64 -1.63 26.71
C MET A 263 -45.49 -1.84 25.74
N LEU A 264 -44.28 -1.50 26.20
CA LEU A 264 -43.08 -1.72 25.40
C LEU A 264 -42.73 -3.22 25.27
N ARG A 265 -42.82 -3.98 26.37
CA ARG A 265 -42.61 -5.44 26.31
C ARG A 265 -43.55 -6.13 25.32
N ILE A 266 -44.82 -5.74 25.32
CA ILE A 266 -45.76 -6.30 24.36
C ILE A 266 -45.27 -6.05 22.94
N MET A 267 -44.86 -4.81 22.67
CA MET A 267 -44.41 -4.44 21.34
C MET A 267 -43.18 -5.24 20.95
N THR A 268 -42.23 -5.35 21.88
CA THR A 268 -40.99 -6.07 21.63
C THR A 268 -41.20 -7.58 21.55
N GLU A 269 -42.12 -8.10 22.35
CA GLU A 269 -42.41 -9.53 22.35
C GLU A 269 -43.07 -9.99 21.05
N ASP A 270 -44.01 -9.19 20.56
CA ASP A 270 -44.69 -9.47 19.30
C ASP A 270 -43.72 -9.48 18.10
N ARG A 271 -42.66 -8.68 18.18
CA ARG A 271 -41.65 -8.62 17.12
C ARG A 271 -40.51 -9.62 17.34
N GLY A 272 -40.58 -10.38 18.44
CA GLY A 272 -39.55 -11.35 18.79
C GLY A 272 -38.19 -10.72 19.07
N ILE A 273 -38.18 -9.55 19.70
CA ILE A 273 -36.93 -8.85 19.99
C ILE A 273 -36.81 -8.48 21.47
N LYS A 274 -35.68 -7.92 21.86
CA LYS A 274 -35.35 -7.78 23.27
C LYS A 274 -35.59 -6.38 23.82
N PHE A 275 -35.91 -6.31 25.11
CA PHE A 275 -36.24 -5.05 25.77
C PHE A 275 -35.54 -4.93 27.12
N PHE A 276 -34.87 -3.82 27.38
CA PHE A 276 -34.13 -3.64 28.61
C PHE A 276 -34.36 -2.29 29.23
N VAL A 277 -34.32 -2.25 30.56
CA VAL A 277 -34.30 -0.99 31.30
C VAL A 277 -33.15 -1.07 32.30
N PRO A 278 -32.23 -0.09 32.26
CA PRO A 278 -31.10 -0.11 33.19
C PRO A 278 -31.60 0.09 34.62
N PRO A 279 -30.82 -0.34 35.63
CA PRO A 279 -31.22 -0.11 37.02
C PRO A 279 -31.63 1.33 37.28
N TYR A 280 -32.55 1.54 38.21
CA TYR A 280 -33.10 2.87 38.49
C TYR A 280 -32.06 4.01 38.57
N ASP A 281 -30.96 3.82 39.30
CA ASP A 281 -29.98 4.90 39.50
C ASP A 281 -29.17 5.25 38.26
N LEU A 282 -29.16 4.35 37.27
CA LEU A 282 -28.50 4.60 35.99
C LEU A 282 -29.51 5.03 34.93
N CYS A 283 -30.77 5.05 35.35
CA CYS A 283 -31.86 5.33 34.45
C CYS A 283 -32.23 6.81 34.48
N ARG A 284 -32.35 7.32 35.71
CA ARG A 284 -32.59 8.74 35.96
C ARG A 284 -31.33 9.57 35.74
N ASP A 285 -31.49 10.89 35.62
CA ASP A 285 -30.34 11.79 35.48
C ASP A 285 -29.32 11.45 36.55
N ASN A 286 -28.10 11.11 36.13
CA ASN A 286 -27.03 10.74 37.05
C ASN A 286 -25.65 10.99 36.45
N GLY A 287 -24.64 11.07 37.31
CA GLY A 287 -23.26 11.30 36.88
C GLY A 287 -22.52 10.11 36.30
N ALA A 288 -22.91 8.90 36.71
CA ALA A 288 -22.28 7.65 36.23
C ALA A 288 -22.44 7.43 34.71
N MET A 289 -23.61 7.78 34.18
CA MET A 289 -23.83 7.73 32.73
C MET A 289 -22.90 8.70 32.00
N ILE A 290 -22.68 9.88 32.57
CA ILE A 290 -21.76 10.85 32.01
C ILE A 290 -20.32 10.30 32.05
N ALA A 291 -19.94 9.74 33.19
CA ALA A 291 -18.59 9.17 33.37
C ALA A 291 -18.33 8.03 32.38
N TYR A 292 -19.31 7.13 32.25
CA TYR A 292 -19.14 5.96 31.39
C TYR A 292 -18.95 6.36 29.93
N THR A 293 -19.82 7.24 29.43
CA THR A 293 -19.70 7.73 28.06
C THR A 293 -18.38 8.50 27.90
N GLY A 294 -18.15 9.46 28.80
CA GLY A 294 -16.87 10.15 28.87
C GLY A 294 -15.68 9.22 28.69
N LEU A 295 -15.68 8.10 29.41
CA LEU A 295 -14.57 7.17 29.38
C LEU A 295 -14.45 6.46 28.05
N ARG A 296 -15.57 6.09 27.47
CA ARG A 296 -15.53 5.43 26.18
C ARG A 296 -14.98 6.39 25.14
N MET A 297 -15.31 7.67 25.29
CA MET A 297 -14.87 8.70 24.34
C MET A 297 -13.37 8.89 24.42
N TYR A 298 -12.85 9.04 25.64
CA TYR A 298 -11.43 9.29 25.86
C TYR A 298 -10.54 8.15 25.34
N LYS A 299 -10.98 6.91 25.56
CA LYS A 299 -10.27 5.73 25.09
C LYS A 299 -10.22 5.64 23.56
N ALA A 300 -11.14 6.32 22.90
CA ALA A 300 -11.16 6.42 21.44
C ALA A 300 -10.39 7.65 20.94
N GLY A 301 -9.79 8.40 21.87
CA GLY A 301 -8.93 9.52 21.51
C GLY A 301 -9.57 10.89 21.57
N ILE A 302 -10.83 10.96 21.96
CA ILE A 302 -11.47 12.27 22.14
C ILE A 302 -11.04 12.87 23.45
N SER A 303 -10.41 14.04 23.36
CA SER A 303 -9.95 14.81 24.51
C SER A 303 -10.10 16.28 24.15
N PHE A 304 -10.89 17.00 24.94
CA PHE A 304 -11.30 18.35 24.55
C PHE A 304 -10.23 19.42 24.75
N ARG A 305 -10.30 20.44 23.92
CA ARG A 305 -9.64 21.72 24.15
C ARG A 305 -10.63 22.61 24.91
N LEU A 306 -10.13 23.51 25.74
CA LEU A 306 -10.99 24.35 26.58
C LEU A 306 -12.12 25.09 25.85
N GLU A 307 -11.88 25.54 24.62
CA GLU A 307 -12.93 26.26 23.89
C GLU A 307 -14.00 25.30 23.33
N GLU A 308 -13.67 24.02 23.26
CA GLU A 308 -14.64 22.98 22.88
C GLU A 308 -15.62 22.65 24.02
N THR A 309 -15.35 23.18 25.22
CA THR A 309 -16.19 22.86 26.38
C THR A 309 -17.19 23.97 26.72
N ILE A 310 -17.49 24.83 25.74
CA ILE A 310 -18.57 25.82 25.85
C ILE A 310 -19.87 25.03 26.01
N VAL A 311 -20.74 25.43 26.94
CA VAL A 311 -22.03 24.74 27.14
C VAL A 311 -22.88 24.75 25.86
N LYS A 312 -23.67 23.70 25.69
CA LYS A 312 -24.57 23.62 24.55
C LYS A 312 -26.00 23.38 25.04
N GLN A 313 -26.67 24.48 25.37
CA GLN A 313 -28.04 24.47 25.86
C GLN A 313 -28.99 23.68 24.96
N LYS A 314 -28.75 23.75 23.66
CA LYS A 314 -29.56 23.05 22.68
C LYS A 314 -28.75 22.02 21.88
N PHE A 315 -27.85 21.32 22.57
CA PHE A 315 -27.05 20.24 22.00
C PHE A 315 -27.92 19.26 21.20
N ARG A 316 -27.69 19.14 19.90
CA ARG A 316 -28.39 18.14 19.09
C ARG A 316 -27.70 16.80 19.26
N THR A 317 -28.52 15.76 19.48
CA THR A 317 -28.07 14.39 19.55
C THR A 317 -27.21 13.97 18.35
N ASP A 318 -27.54 14.46 17.16
CA ASP A 318 -26.80 14.07 15.98
C ASP A 318 -25.50 14.86 15.69
N GLU A 319 -25.11 15.77 16.58
CA GLU A 319 -23.89 16.57 16.39
C GLU A 319 -22.63 15.74 16.65
N VAL A 320 -22.77 14.65 17.40
CA VAL A 320 -21.63 13.89 17.94
C VAL A 320 -21.33 12.68 17.06
N GLU A 321 -20.13 12.66 16.49
CA GLU A 321 -19.65 11.52 15.75
C GLU A 321 -19.28 10.42 16.73
N ILE A 322 -20.09 9.35 16.73
CA ILE A 322 -19.92 8.24 17.67
C ILE A 322 -18.82 7.31 17.18
N VAL A 323 -17.58 7.74 17.39
CA VAL A 323 -16.40 7.05 16.86
C VAL A 323 -15.95 5.87 17.73
N TRP A 324 -16.64 5.62 18.83
CA TRP A 324 -16.15 4.63 19.80
C TRP A 324 -17.00 3.35 19.89
N HIS A 325 -17.98 3.21 19.00
CA HIS A 325 -19.01 2.17 19.14
C HIS A 325 -18.48 0.75 18.88
N MET B 1 -12.46 22.87 -13.57
CA MET B 1 -12.34 21.38 -13.47
C MET B 1 -13.46 20.67 -14.21
N LEU B 2 -13.13 19.58 -14.89
CA LEU B 2 -14.12 18.76 -15.59
C LEU B 2 -14.19 17.34 -15.01
N ALA B 3 -15.37 16.72 -15.07
CA ALA B 3 -15.56 15.36 -14.58
C ALA B 3 -16.34 14.52 -15.57
N LEU B 4 -15.93 13.27 -15.73
CA LEU B 4 -16.67 12.33 -16.55
C LEU B 4 -17.41 11.39 -15.64
N GLY B 5 -18.72 11.23 -15.88
CA GLY B 5 -19.56 10.36 -15.06
C GLY B 5 -20.24 9.29 -15.87
N ILE B 6 -20.13 8.04 -15.41
CA ILE B 6 -20.80 6.91 -16.06
C ILE B 6 -21.87 6.36 -15.14
N GLU B 7 -23.09 6.25 -15.65
CA GLU B 7 -24.24 5.75 -14.86
C GLU B 7 -24.82 4.47 -15.45
N GLY B 8 -24.97 3.45 -14.61
CA GLY B 8 -25.62 2.22 -15.03
C GLY B 8 -26.04 1.33 -13.88
N THR B 9 -26.86 1.86 -12.99
CA THR B 9 -27.34 1.06 -11.86
C THR B 9 -28.48 0.17 -12.30
N ALA B 10 -29.11 0.56 -13.40
CA ALA B 10 -30.30 -0.11 -13.88
C ALA B 10 -30.24 -0.24 -15.39
N HIS B 11 -31.36 0.09 -16.04
CA HIS B 11 -31.54 -0.10 -17.46
C HIS B 11 -30.82 0.92 -18.33
N THR B 12 -30.72 2.14 -17.83
CA THR B 12 -30.07 3.21 -18.58
C THR B 12 -28.57 3.14 -18.40
N LEU B 13 -27.85 3.23 -19.52
CA LEU B 13 -26.46 3.61 -19.46
C LEU B 13 -26.39 5.07 -19.84
N GLY B 14 -25.76 5.86 -18.97
CA GLY B 14 -25.64 7.28 -19.20
C GLY B 14 -24.24 7.78 -18.96
N ILE B 15 -23.69 8.48 -19.95
CA ILE B 15 -22.39 9.13 -19.81
C ILE B 15 -22.58 10.64 -19.88
N GLY B 16 -21.91 11.35 -18.98
CA GLY B 16 -22.07 12.80 -18.87
C GLY B 16 -20.80 13.53 -18.49
N ILE B 17 -20.64 14.74 -19.02
CA ILE B 17 -19.50 15.58 -18.68
C ILE B 17 -20.01 16.93 -18.15
N VAL B 18 -19.51 17.31 -16.99
CA VAL B 18 -19.90 18.56 -16.36
C VAL B 18 -18.67 19.26 -15.80
N SER B 19 -18.77 20.57 -15.65
CA SER B 19 -17.86 21.33 -14.81
C SER B 19 -18.62 21.72 -13.54
N GLU B 20 -18.17 22.74 -12.83
CA GLU B 20 -18.85 23.17 -11.61
C GLU B 20 -20.27 23.69 -11.92
N ASP B 21 -20.37 24.57 -12.91
CA ASP B 21 -21.62 25.31 -13.16
C ASP B 21 -22.46 24.75 -14.31
N LYS B 22 -21.82 24.11 -15.29
CA LYS B 22 -22.54 23.69 -16.48
C LYS B 22 -22.35 22.23 -16.89
N VAL B 23 -23.36 21.69 -17.55
CA VAL B 23 -23.32 20.36 -18.14
C VAL B 23 -22.83 20.47 -19.58
N LEU B 24 -21.68 19.89 -19.86
CA LEU B 24 -21.09 19.91 -21.20
C LEU B 24 -21.66 18.84 -22.10
N ALA B 25 -21.97 17.68 -21.54
CA ALA B 25 -22.59 16.57 -22.28
C ALA B 25 -23.49 15.76 -21.36
N ASN B 26 -24.51 15.13 -21.91
CA ASN B 26 -25.41 14.26 -21.16
C ASN B 26 -26.11 13.27 -22.09
N VAL B 27 -25.48 12.12 -22.33
CA VAL B 27 -25.98 11.17 -23.32
C VAL B 27 -26.52 9.84 -22.75
N PHE B 28 -27.54 9.30 -23.41
CA PHE B 28 -28.32 8.17 -22.87
C PHE B 28 -28.47 6.97 -23.79
N ASP B 29 -28.79 5.84 -23.18
CA ASP B 29 -29.34 4.68 -23.86
C ASP B 29 -29.94 3.71 -22.86
N THR B 30 -31.26 3.64 -22.83
CA THR B 30 -31.96 2.75 -21.93
C THR B 30 -32.24 1.45 -22.67
N LEU B 31 -32.19 0.34 -21.96
CA LEU B 31 -32.59 -0.96 -22.48
C LEU B 31 -34.10 -0.99 -22.67
N THR B 32 -34.53 -1.28 -23.89
CA THR B 32 -35.95 -1.39 -24.21
C THR B 32 -36.35 -2.86 -24.31
N THR B 33 -37.22 -3.28 -23.39
CA THR B 33 -37.85 -4.61 -23.52
C THR B 33 -39.34 -4.46 -23.77
N GLU B 34 -39.91 -5.46 -24.44
CA GLU B 34 -41.34 -5.46 -24.75
C GLU B 34 -42.15 -5.89 -23.53
N LYS B 35 -41.59 -6.83 -22.75
CA LYS B 35 -42.29 -7.42 -21.61
C LYS B 35 -42.15 -6.64 -20.28
N GLY B 36 -41.17 -5.74 -20.20
CA GLY B 36 -40.92 -4.94 -19.00
C GLY B 36 -40.14 -5.69 -17.93
N GLY B 37 -40.09 -5.11 -16.72
CA GLY B 37 -39.42 -5.75 -15.56
C GLY B 37 -37.90 -5.66 -15.55
N ILE B 38 -37.28 -6.31 -14.56
CA ILE B 38 -35.82 -6.29 -14.33
C ILE B 38 -35.11 -7.51 -14.97
N HIS B 39 -34.12 -7.25 -15.83
CA HIS B 39 -33.28 -8.32 -16.43
C HIS B 39 -31.78 -8.00 -16.30
N PRO B 40 -31.17 -8.34 -15.14
CA PRO B 40 -29.81 -7.90 -14.82
C PRO B 40 -28.72 -8.33 -15.80
N LYS B 41 -28.84 -9.53 -16.38
CA LYS B 41 -27.81 -10.07 -17.27
C LYS B 41 -27.83 -9.39 -18.64
N GLU B 42 -29.01 -8.96 -19.07
CA GLU B 42 -29.19 -8.31 -20.36
C GLU B 42 -28.64 -6.88 -20.37
N ALA B 43 -28.94 -6.13 -19.31
CA ALA B 43 -28.45 -4.77 -19.13
C ALA B 43 -26.92 -4.70 -19.09
N ALA B 44 -26.29 -5.67 -18.44
CA ALA B 44 -24.83 -5.76 -18.41
C ALA B 44 -24.23 -5.81 -19.81
N GLU B 45 -24.80 -6.67 -20.66
CA GLU B 45 -24.37 -6.75 -22.06
C GLU B 45 -24.61 -5.39 -22.75
N HIS B 46 -25.84 -4.88 -22.61
CA HIS B 46 -26.23 -3.55 -23.09
C HIS B 46 -25.17 -2.49 -22.74
N HIS B 47 -24.82 -2.39 -21.47
CA HIS B 47 -23.87 -1.38 -20.99
C HIS B 47 -22.47 -1.59 -21.56
N ALA B 48 -22.12 -2.85 -21.84
CA ALA B 48 -20.79 -3.15 -22.39
C ALA B 48 -20.69 -2.78 -23.87
N ARG B 49 -21.79 -2.96 -24.60
CA ARG B 49 -21.83 -2.67 -26.02
C ARG B 49 -21.81 -1.17 -26.27
N LEU B 50 -22.61 -0.45 -25.47
CA LEU B 50 -22.75 1.00 -25.62
C LEU B 50 -21.66 1.85 -24.96
N MET B 51 -20.80 1.23 -24.15
CA MET B 51 -19.73 1.98 -23.47
C MET B 51 -18.92 2.86 -24.42
N LYS B 52 -18.35 2.25 -25.46
CA LYS B 52 -17.53 2.97 -26.46
C LYS B 52 -18.28 4.05 -27.28
N PRO B 53 -19.44 3.72 -27.88
CA PRO B 53 -20.20 4.74 -28.60
C PRO B 53 -20.54 5.98 -27.77
N LEU B 54 -21.29 5.79 -26.67
CA LEU B 54 -21.70 6.91 -25.81
C LEU B 54 -20.50 7.72 -25.30
N LEU B 55 -19.46 7.01 -24.87
CA LEU B 55 -18.23 7.63 -24.41
C LEU B 55 -17.61 8.48 -25.52
N ARG B 56 -17.57 7.94 -26.74
CA ARG B 56 -17.04 8.66 -27.90
C ARG B 56 -17.96 9.84 -28.23
N LYS B 57 -19.27 9.63 -28.05
CA LYS B 57 -20.27 10.62 -28.36
C LYS B 57 -20.31 11.77 -27.36
N ALA B 58 -20.16 11.47 -26.07
CA ALA B 58 -20.19 12.47 -25.01
C ALA B 58 -19.00 13.42 -25.11
N LEU B 59 -17.81 12.86 -25.30
CA LEU B 59 -16.57 13.62 -25.46
C LEU B 59 -16.67 14.59 -26.65
N SER B 60 -17.37 14.15 -27.69
CA SER B 60 -17.58 14.96 -28.87
C SER B 60 -18.53 16.12 -28.57
N GLU B 61 -19.70 15.81 -28.03
CA GLU B 61 -20.72 16.81 -27.71
C GLU B 61 -20.21 17.90 -26.75
N ALA B 62 -19.21 17.57 -25.92
CA ALA B 62 -18.61 18.52 -25.00
C ALA B 62 -17.39 19.21 -25.60
N GLY B 63 -16.90 18.67 -26.72
CA GLY B 63 -15.70 19.17 -27.38
C GLY B 63 -14.46 19.03 -26.53
N VAL B 64 -14.25 17.85 -25.94
CA VAL B 64 -13.09 17.61 -25.07
C VAL B 64 -12.57 16.17 -25.19
N SER B 65 -11.35 15.93 -24.70
CA SER B 65 -10.77 14.59 -24.67
C SER B 65 -10.43 14.16 -23.23
N LEU B 66 -10.21 12.86 -23.05
CA LEU B 66 -9.92 12.29 -21.73
C LEU B 66 -8.78 12.98 -20.97
N ASP B 67 -7.85 13.61 -21.67
CA ASP B 67 -6.76 14.31 -21.00
C ASP B 67 -7.21 15.63 -20.37
N ASP B 68 -8.35 16.15 -20.83
CA ASP B 68 -8.94 17.38 -20.26
C ASP B 68 -9.76 17.05 -19.01
N ILE B 69 -10.30 15.83 -18.98
CA ILE B 69 -11.04 15.30 -17.83
C ILE B 69 -10.12 15.25 -16.60
N ASP B 70 -10.58 15.85 -15.50
CA ASP B 70 -9.83 15.85 -14.25
C ASP B 70 -10.12 14.63 -13.36
N VAL B 71 -11.36 14.14 -13.39
CA VAL B 71 -11.77 13.03 -12.53
C VAL B 71 -12.81 12.14 -13.22
N ILE B 72 -12.71 10.83 -12.98
CA ILE B 72 -13.66 9.85 -13.50
C ILE B 72 -14.58 9.36 -12.37
N ALA B 73 -15.89 9.47 -12.59
CA ALA B 73 -16.88 9.10 -11.59
C ALA B 73 -17.84 8.06 -12.14
N PHE B 74 -18.24 7.12 -11.31
CA PHE B 74 -19.13 6.05 -11.74
C PHE B 74 -20.16 5.79 -10.68
N SER B 75 -21.34 5.35 -11.12
CA SER B 75 -22.40 4.94 -10.20
C SER B 75 -22.02 3.61 -9.55
N GLN B 76 -21.58 3.67 -8.30
CA GLN B 76 -21.10 2.50 -7.58
C GLN B 76 -22.25 1.62 -7.06
N GLY B 77 -23.42 2.21 -6.89
CA GLY B 77 -24.61 1.52 -6.38
C GLY B 77 -25.60 2.54 -5.82
N PRO B 78 -26.74 2.06 -5.29
CA PRO B 78 -27.16 0.67 -5.31
C PRO B 78 -27.71 0.28 -6.69
N GLY B 79 -27.94 -1.01 -6.89
CA GLY B 79 -28.48 -1.49 -8.16
C GLY B 79 -28.18 -2.93 -8.49
N LEU B 80 -28.33 -3.26 -9.78
CA LEU B 80 -28.10 -4.61 -10.31
C LEU B 80 -26.60 -4.85 -10.52
N GLY B 81 -26.07 -5.85 -9.82
CA GLY B 81 -24.63 -6.10 -9.78
C GLY B 81 -23.92 -6.21 -11.12
N PRO B 82 -24.43 -7.07 -12.00
CA PRO B 82 -23.72 -7.29 -13.27
C PRO B 82 -23.55 -6.02 -14.09
N ALA B 83 -24.52 -5.11 -14.01
CA ALA B 83 -24.43 -3.82 -14.69
C ALA B 83 -23.44 -2.88 -13.97
N LEU B 84 -23.52 -2.82 -12.64
CA LEU B 84 -22.57 -2.05 -11.85
C LEU B 84 -21.11 -2.41 -12.16
N ARG B 85 -20.86 -3.72 -12.35
CA ARG B 85 -19.52 -4.23 -12.61
C ARG B 85 -18.99 -3.84 -13.98
N VAL B 86 -19.89 -3.77 -14.96
CA VAL B 86 -19.53 -3.27 -16.28
C VAL B 86 -19.08 -1.82 -16.20
N VAL B 87 -19.91 -1.00 -15.57
CA VAL B 87 -19.62 0.41 -15.33
C VAL B 87 -18.27 0.58 -14.63
N ALA B 88 -18.09 -0.12 -13.49
CA ALA B 88 -16.86 -0.04 -12.69
C ALA B 88 -15.60 -0.47 -13.42
N THR B 89 -15.68 -1.51 -14.25
CA THR B 89 -14.48 -1.94 -14.98
C THR B 89 -14.03 -0.87 -15.97
N ALA B 90 -14.99 -0.34 -16.74
CA ALA B 90 -14.73 0.72 -17.71
C ALA B 90 -14.15 1.97 -17.03
N ALA B 91 -14.69 2.29 -15.86
CA ALA B 91 -14.19 3.42 -15.09
C ALA B 91 -12.77 3.18 -14.59
N ARG B 92 -12.53 1.99 -14.03
CA ARG B 92 -11.19 1.61 -13.60
C ARG B 92 -10.18 1.59 -14.76
N ALA B 93 -10.60 1.06 -15.92
CA ALA B 93 -9.78 1.09 -17.14
C ALA B 93 -9.20 2.48 -17.41
N LEU B 94 -10.08 3.48 -17.42
CA LEU B 94 -9.72 4.86 -17.75
C LEU B 94 -8.84 5.53 -16.71
N ALA B 95 -9.14 5.33 -15.43
CA ALA B 95 -8.26 5.86 -14.38
C ALA B 95 -6.83 5.29 -14.49
N VAL B 96 -6.70 4.02 -14.88
CA VAL B 96 -5.39 3.36 -15.05
C VAL B 96 -4.67 3.86 -16.31
N LYS B 97 -5.43 4.05 -17.39
CA LYS B 97 -4.88 4.51 -18.65
C LYS B 97 -4.40 5.97 -18.57
N TYR B 98 -5.23 6.85 -18.02
CA TYR B 98 -4.94 8.28 -17.96
C TYR B 98 -4.47 8.76 -16.59
N ARG B 99 -4.37 7.83 -15.65
CA ARG B 99 -3.84 8.08 -14.30
C ARG B 99 -4.54 9.25 -13.61
N LYS B 100 -5.82 9.37 -13.92
CA LYS B 100 -6.73 10.36 -13.34
C LYS B 100 -7.36 9.81 -12.06
N PRO B 101 -7.72 10.69 -11.11
CA PRO B 101 -8.49 10.25 -9.94
C PRO B 101 -9.83 9.58 -10.30
N ILE B 102 -10.31 8.73 -9.40
CA ILE B 102 -11.56 8.00 -9.61
C ILE B 102 -12.35 8.00 -8.31
N VAL B 103 -13.62 8.39 -8.39
CA VAL B 103 -14.53 8.36 -7.23
C VAL B 103 -15.71 7.41 -7.44
N GLY B 104 -16.13 6.76 -6.37
CA GLY B 104 -17.34 5.94 -6.38
C GLY B 104 -18.50 6.77 -5.90
N VAL B 105 -19.56 6.82 -6.71
CA VAL B 105 -20.67 7.71 -6.45
C VAL B 105 -21.95 6.93 -6.13
N ASN B 106 -22.65 7.35 -5.07
CA ASN B 106 -23.99 6.82 -4.74
C ASN B 106 -25.10 7.41 -5.62
N HIS B 107 -25.65 6.55 -6.50
CA HIS B 107 -26.78 6.83 -7.39
C HIS B 107 -27.88 7.70 -6.76
N CYS B 108 -28.25 7.38 -5.52
CA CYS B 108 -29.33 8.08 -4.86
C CYS B 108 -28.94 9.48 -4.44
N ILE B 109 -27.75 9.61 -3.88
CA ILE B 109 -27.24 10.92 -3.53
C ILE B 109 -27.09 11.76 -4.78
N ALA B 110 -26.54 11.17 -5.84
CA ALA B 110 -26.39 11.87 -7.10
C ALA B 110 -27.71 12.45 -7.60
N HIS B 111 -28.81 11.71 -7.41
CA HIS B 111 -30.13 12.18 -7.86
C HIS B 111 -30.57 13.46 -7.18
N VAL B 112 -30.29 13.58 -5.88
CA VAL B 112 -30.61 14.79 -5.12
C VAL B 112 -29.57 15.91 -5.31
N GLU B 113 -28.28 15.57 -5.21
CA GLU B 113 -27.20 16.57 -5.36
C GLU B 113 -27.25 17.37 -6.68
N ILE B 114 -27.72 16.78 -7.76
CA ILE B 114 -27.72 17.49 -9.05
C ILE B 114 -28.55 18.78 -8.99
N THR B 115 -29.55 18.82 -8.11
CA THR B 115 -30.39 19.99 -7.99
C THR B 115 -29.57 21.18 -7.52
N LYS B 116 -28.50 20.90 -6.79
CA LYS B 116 -27.62 21.95 -6.25
C LYS B 116 -26.79 22.68 -7.33
N MET B 117 -26.83 22.15 -8.55
CA MET B 117 -26.26 22.86 -9.69
C MET B 117 -27.25 23.93 -10.15
N PHE B 118 -28.47 23.88 -9.60
CA PHE B 118 -29.53 24.81 -9.96
C PHE B 118 -30.02 25.68 -8.82
N GLY B 119 -29.14 26.14 -7.94
CA GLY B 119 -29.56 27.08 -6.90
C GLY B 119 -30.60 26.56 -5.91
N VAL B 120 -30.57 25.26 -5.65
CA VAL B 120 -31.30 24.64 -4.55
C VAL B 120 -30.22 24.39 -3.49
N LYS B 121 -30.47 24.76 -2.23
CA LYS B 121 -29.41 24.72 -1.22
C LYS B 121 -29.38 23.46 -0.35
N ASP B 122 -30.48 23.14 0.31
CA ASP B 122 -30.52 22.06 1.27
C ASP B 122 -31.94 21.49 1.33
N PRO B 123 -32.30 20.66 0.35
CA PRO B 123 -33.67 20.21 0.20
C PRO B 123 -34.00 18.89 0.90
N VAL B 124 -35.29 18.68 1.17
CA VAL B 124 -35.80 17.33 1.36
C VAL B 124 -36.06 16.80 -0.04
N GLY B 125 -35.51 15.63 -0.35
CA GLY B 125 -35.60 15.04 -1.68
C GLY B 125 -36.49 13.81 -1.77
N LEU B 126 -37.31 13.78 -2.80
CA LEU B 126 -38.13 12.61 -3.10
C LEU B 126 -37.64 11.94 -4.37
N TYR B 127 -36.98 10.80 -4.19
CA TYR B 127 -36.48 10.03 -5.31
C TYR B 127 -37.44 8.90 -5.63
N VAL B 128 -38.07 8.98 -6.80
CA VAL B 128 -39.03 7.97 -7.27
C VAL B 128 -38.68 7.48 -8.67
N SER B 129 -38.29 6.21 -8.76
CA SER B 129 -37.94 5.59 -10.03
C SER B 129 -38.71 4.27 -10.19
N GLY B 130 -38.25 3.43 -11.11
CA GLY B 130 -38.86 2.12 -11.30
C GLY B 130 -38.76 1.34 -10.01
N GLY B 131 -37.53 1.04 -9.59
CA GLY B 131 -37.26 0.23 -8.41
C GLY B 131 -36.87 0.94 -7.12
N ASN B 132 -36.58 2.23 -7.19
CA ASN B 132 -36.28 3.03 -6.00
C ASN B 132 -37.45 3.90 -5.57
N THR B 133 -37.63 4.06 -4.26
CA THR B 133 -38.57 5.05 -3.73
C THR B 133 -38.12 5.46 -2.35
N GLN B 134 -37.68 6.71 -2.25
CA GLN B 134 -36.94 7.19 -1.08
C GLN B 134 -37.12 8.68 -0.85
N VAL B 135 -37.45 9.04 0.38
CA VAL B 135 -37.40 10.42 0.81
C VAL B 135 -36.11 10.56 1.61
N LEU B 136 -35.23 11.45 1.17
CA LEU B 136 -33.93 11.63 1.83
C LEU B 136 -33.55 13.09 2.04
N ALA B 137 -32.76 13.35 3.07
CA ALA B 137 -32.35 14.71 3.40
C ALA B 137 -31.03 14.71 4.17
N LEU B 138 -30.26 15.79 4.02
CA LEU B 138 -29.00 15.94 4.73
C LEU B 138 -29.25 16.29 6.19
N GLU B 139 -28.76 15.44 7.08
CA GLU B 139 -28.97 15.63 8.50
C GLU B 139 -27.79 14.95 9.19
N GLY B 140 -27.16 15.67 10.11
CA GLY B 140 -26.03 15.15 10.85
C GLY B 140 -24.94 14.60 9.95
N GLY B 141 -24.53 15.39 8.97
CA GLY B 141 -23.39 15.03 8.12
C GLY B 141 -23.65 14.00 7.04
N ARG B 142 -24.82 13.38 7.03
CA ARG B 142 -25.14 12.42 5.96
C ARG B 142 -26.53 12.58 5.38
N TYR B 143 -26.73 12.06 4.18
CA TYR B 143 -28.05 11.91 3.60
C TYR B 143 -28.76 10.77 4.30
N ARG B 144 -29.76 11.11 5.11
CA ARG B 144 -30.52 10.13 5.87
C ARG B 144 -31.83 9.81 5.17
N VAL B 145 -32.31 8.58 5.32
CA VAL B 145 -33.58 8.15 4.75
C VAL B 145 -34.71 8.39 5.74
N PHE B 146 -35.75 9.09 5.28
CA PHE B 146 -36.91 9.37 6.10
C PHE B 146 -38.11 8.49 5.76
N GLY B 147 -37.96 7.68 4.72
CA GLY B 147 -39.04 6.79 4.29
C GLY B 147 -38.70 6.17 2.95
N GLU B 148 -38.93 4.86 2.85
CA GLU B 148 -38.59 4.13 1.64
C GLU B 148 -39.50 2.95 1.44
N THR B 149 -39.67 2.54 0.19
CA THR B 149 -40.42 1.34 -0.14
C THR B 149 -39.86 0.14 0.60
N LEU B 150 -40.73 -0.72 1.10
CA LEU B 150 -40.31 -1.94 1.80
C LEU B 150 -40.35 -3.12 0.84
N ASP B 151 -40.80 -2.85 -0.37
CA ASP B 151 -40.92 -3.88 -1.39
C ASP B 151 -40.52 -3.33 -2.77
N ILE B 152 -41.48 -2.78 -3.51
CA ILE B 152 -41.27 -2.45 -4.91
C ILE B 152 -41.31 -0.95 -5.12
N GLY B 153 -40.61 -0.48 -6.15
CA GLY B 153 -40.58 0.94 -6.47
C GLY B 153 -41.92 1.38 -7.01
N ILE B 154 -42.23 2.66 -6.82
CA ILE B 154 -43.49 3.22 -7.31
C ILE B 154 -43.62 3.06 -8.82
N GLY B 155 -42.52 3.25 -9.54
CA GLY B 155 -42.48 3.11 -10.99
C GLY B 155 -42.89 1.73 -11.44
N ASN B 156 -42.21 0.71 -10.89
CA ASN B 156 -42.50 -0.68 -11.21
C ASN B 156 -43.92 -1.08 -10.82
N ALA B 157 -44.42 -0.52 -9.72
CA ALA B 157 -45.78 -0.77 -9.24
C ALA B 157 -46.82 -0.28 -10.25
N ILE B 158 -46.60 0.90 -10.80
CA ILE B 158 -47.45 1.48 -11.83
C ILE B 158 -47.36 0.65 -13.13
N ASP B 159 -46.25 -0.06 -13.31
CA ASP B 159 -46.08 -0.92 -14.48
C ASP B 159 -46.93 -2.22 -14.40
N VAL B 160 -46.81 -2.94 -13.29
CA VAL B 160 -47.56 -4.19 -13.10
C VAL B 160 -49.05 -3.91 -13.28
N PHE B 161 -49.51 -2.83 -12.67
CA PHE B 161 -50.89 -2.40 -12.77
C PHE B 161 -51.30 -2.13 -14.23
N ALA B 162 -50.40 -1.54 -15.00
CA ALA B 162 -50.64 -1.22 -16.40
C ALA B 162 -50.77 -2.48 -17.27
N ARG B 163 -49.84 -3.43 -17.10
CA ARG B 163 -49.88 -4.67 -17.87
C ARG B 163 -51.10 -5.53 -17.52
N GLU B 164 -51.55 -5.43 -16.26
CA GLU B 164 -52.78 -6.08 -15.84
C GLU B 164 -53.99 -5.51 -16.58
N LEU B 165 -53.96 -4.20 -16.82
CA LEU B 165 -55.04 -3.54 -17.55
C LEU B 165 -54.90 -3.68 -19.07
N GLY B 166 -53.84 -4.37 -19.51
CA GLY B 166 -53.59 -4.58 -20.94
C GLY B 166 -52.92 -3.42 -21.66
N LEU B 167 -52.79 -2.28 -20.97
CA LEU B 167 -52.17 -1.07 -21.52
C LEU B 167 -50.75 -1.31 -22.06
N GLY B 168 -50.36 -0.50 -23.05
CA GLY B 168 -49.07 -0.68 -23.73
C GLY B 168 -47.92 0.09 -23.12
N PHE B 169 -46.75 -0.57 -23.06
CA PHE B 169 -45.52 0.01 -22.54
C PHE B 169 -45.10 1.29 -23.30
N PRO B 170 -44.71 2.38 -22.59
CA PRO B 170 -44.49 2.47 -21.13
C PRO B 170 -45.78 2.70 -20.32
N GLY B 171 -45.91 1.93 -19.24
CA GLY B 171 -47.09 1.99 -18.38
C GLY B 171 -47.38 3.32 -17.69
N GLY B 172 -46.31 4.05 -17.37
CA GLY B 172 -46.39 5.30 -16.63
C GLY B 172 -47.46 6.27 -17.11
N PRO B 173 -47.24 6.91 -18.28
CA PRO B 173 -48.16 7.95 -18.77
C PRO B 173 -49.55 7.42 -19.14
N LYS B 174 -49.64 6.13 -19.43
CA LYS B 174 -50.90 5.50 -19.80
C LYS B 174 -51.86 5.42 -18.62
N VAL B 175 -51.35 5.01 -17.46
CA VAL B 175 -52.15 5.02 -16.23
C VAL B 175 -52.47 6.45 -15.81
N GLU B 176 -51.57 7.39 -16.11
CA GLU B 176 -51.78 8.81 -15.77
C GLU B 176 -52.92 9.41 -16.58
N LYS B 177 -52.94 9.08 -17.87
CA LYS B 177 -54.01 9.44 -18.81
C LYS B 177 -55.38 9.04 -18.25
N LEU B 178 -55.56 7.75 -18.00
CA LEU B 178 -56.78 7.20 -17.43
C LEU B 178 -57.18 7.89 -16.13
N ALA B 179 -56.21 8.00 -15.23
CA ALA B 179 -56.41 8.62 -13.92
C ALA B 179 -57.11 9.97 -14.01
N GLU B 180 -56.73 10.76 -15.03
CA GLU B 180 -57.26 12.10 -15.21
C GLU B 180 -58.72 12.13 -15.63
N LYS B 181 -59.27 10.95 -15.95
CA LYS B 181 -60.68 10.80 -16.35
C LYS B 181 -61.58 10.24 -15.25
N GLY B 182 -60.97 9.51 -14.31
CA GLY B 182 -61.71 8.98 -13.15
C GLY B 182 -62.34 10.07 -12.30
N GLU B 183 -63.47 9.75 -11.69
CA GLU B 183 -64.24 10.72 -10.90
C GLU B 183 -64.83 10.14 -9.62
N LYS B 184 -64.65 8.84 -9.41
CA LYS B 184 -65.01 8.21 -8.15
C LYS B 184 -63.76 7.76 -7.43
N TYR B 185 -63.57 8.19 -6.18
CA TYR B 185 -62.44 7.73 -5.38
C TYR B 185 -62.81 6.46 -4.62
N ILE B 186 -62.24 5.34 -5.06
CA ILE B 186 -62.49 4.03 -4.48
C ILE B 186 -61.40 3.73 -3.46
N GLU B 187 -61.79 3.26 -2.28
CA GLU B 187 -60.84 3.00 -1.20
C GLU B 187 -59.93 1.82 -1.47
N LEU B 188 -58.64 2.01 -1.20
CA LEU B 188 -57.59 1.00 -1.41
C LEU B 188 -56.60 1.08 -0.25
N PRO B 189 -55.88 -0.02 0.04
CA PRO B 189 -54.97 -0.05 1.19
C PRO B 189 -53.99 1.13 1.18
N TYR B 190 -53.86 1.79 2.34
CA TYR B 190 -52.93 2.91 2.49
C TYR B 190 -51.48 2.45 2.35
N ALA B 191 -50.65 3.28 1.71
CA ALA B 191 -49.29 2.88 1.35
C ALA B 191 -48.21 3.30 2.35
N VAL B 192 -48.62 3.95 3.45
CA VAL B 192 -47.70 4.31 4.52
C VAL B 192 -47.71 3.21 5.58
N LYS B 193 -46.56 2.62 5.84
CA LYS B 193 -46.44 1.63 6.91
C LYS B 193 -45.39 2.05 7.92
N GLY B 194 -45.85 2.55 9.06
CA GLY B 194 -44.99 3.13 10.07
C GLY B 194 -44.28 4.34 9.50
N MET B 195 -42.96 4.25 9.42
CA MET B 195 -42.12 5.31 8.85
C MET B 195 -42.04 5.22 7.34
N ASP B 196 -42.28 4.02 6.80
CA ASP B 196 -41.91 3.69 5.42
C ASP B 196 -43.07 3.62 4.43
N LEU B 197 -42.77 3.10 3.24
CA LEU B 197 -43.77 2.90 2.19
C LEU B 197 -43.90 1.43 1.81
N SER B 198 -45.12 1.02 1.48
CA SER B 198 -45.40 -0.30 0.94
C SER B 198 -46.43 -0.20 -0.18
N PHE B 199 -46.12 -0.77 -1.34
CA PHE B 199 -47.04 -0.72 -2.47
C PHE B 199 -47.62 -2.08 -2.83
N SER B 200 -47.10 -3.15 -2.23
CA SER B 200 -47.53 -4.50 -2.55
C SER B 200 -48.97 -4.81 -2.19
N GLY B 201 -49.36 -4.54 -0.95
CA GLY B 201 -50.75 -4.67 -0.52
C GLY B 201 -51.67 -3.90 -1.45
N LEU B 202 -51.39 -2.61 -1.61
CA LEU B 202 -52.18 -1.73 -2.47
C LEU B 202 -52.28 -2.24 -3.90
N LEU B 203 -51.15 -2.64 -4.46
CA LEU B 203 -51.11 -3.14 -5.83
C LEU B 203 -52.03 -4.34 -6.03
N THR B 204 -51.90 -5.37 -5.19
CA THR B 204 -52.64 -6.61 -5.43
C THR B 204 -54.15 -6.43 -5.20
N GLU B 205 -54.52 -5.51 -4.31
CA GLU B 205 -55.93 -5.19 -4.07
C GLU B 205 -56.52 -4.45 -5.26
N ALA B 206 -55.81 -3.43 -5.72
CA ALA B 206 -56.18 -2.70 -6.93
C ALA B 206 -56.45 -3.65 -8.11
N ILE B 207 -55.67 -4.72 -8.22
CA ILE B 207 -55.84 -5.73 -9.27
C ILE B 207 -57.09 -6.59 -9.01
N ARG B 208 -57.28 -6.99 -7.77
CA ARG B 208 -58.43 -7.80 -7.39
C ARG B 208 -59.74 -7.04 -7.66
N LYS B 209 -59.77 -5.75 -7.36
CA LYS B 209 -60.96 -4.92 -7.65
C LYS B 209 -61.14 -4.65 -9.16
N TYR B 210 -60.05 -4.72 -9.92
CA TYR B 210 -60.14 -4.59 -11.36
C TYR B 210 -60.79 -5.85 -11.94
N ARG B 211 -60.32 -7.00 -11.47
CA ARG B 211 -60.81 -8.29 -11.92
C ARG B 211 -62.28 -8.58 -11.56
N SER B 212 -62.82 -7.82 -10.61
CA SER B 212 -64.20 -8.02 -10.15
C SER B 212 -65.22 -7.41 -11.11
N GLY B 213 -64.77 -6.48 -11.95
CA GLY B 213 -65.63 -5.84 -12.94
C GLY B 213 -66.57 -4.78 -12.39
N LYS B 214 -66.63 -4.68 -11.06
CA LYS B 214 -67.62 -3.84 -10.39
C LYS B 214 -67.40 -2.34 -10.57
N TYR B 215 -66.22 -1.96 -11.07
CA TYR B 215 -65.84 -0.54 -11.14
C TYR B 215 -65.40 -0.11 -12.52
N ARG B 216 -65.56 1.18 -12.79
CA ARG B 216 -65.04 1.81 -13.99
C ARG B 216 -63.52 1.79 -13.96
N VAL B 217 -62.91 1.43 -15.09
CA VAL B 217 -61.45 1.39 -15.21
C VAL B 217 -60.83 2.73 -14.79
N GLU B 218 -61.29 3.82 -15.39
CA GLU B 218 -60.73 5.15 -15.11
C GLU B 218 -60.74 5.48 -13.62
N ASP B 219 -61.78 5.02 -12.92
CA ASP B 219 -61.97 5.31 -11.50
C ASP B 219 -60.95 4.60 -10.61
N LEU B 220 -60.57 3.39 -11.02
CA LEU B 220 -59.55 2.63 -10.31
C LEU B 220 -58.15 3.21 -10.54
N ALA B 221 -57.86 3.56 -11.78
CA ALA B 221 -56.62 4.25 -12.12
C ALA B 221 -56.46 5.54 -11.31
N TYR B 222 -57.52 6.33 -11.22
CA TYR B 222 -57.50 7.55 -10.42
C TYR B 222 -57.12 7.24 -8.98
N SER B 223 -57.83 6.27 -8.40
CA SER B 223 -57.69 5.91 -6.99
C SER B 223 -56.32 5.28 -6.67
N PHE B 224 -55.88 4.35 -7.51
CA PHE B 224 -54.57 3.70 -7.38
C PHE B 224 -53.45 4.75 -7.31
N GLN B 225 -53.47 5.70 -8.24
CA GLN B 225 -52.52 6.81 -8.20
C GLN B 225 -52.67 7.67 -6.96
N GLU B 226 -53.86 8.22 -6.73
CA GLU B 226 -54.06 9.11 -5.57
C GLU B 226 -53.48 8.53 -4.28
N THR B 227 -53.82 7.29 -3.97
CA THR B 227 -53.41 6.64 -2.72
C THR B 227 -51.89 6.49 -2.67
N ALA B 228 -51.30 5.98 -3.75
CA ALA B 228 -49.86 5.82 -3.88
C ALA B 228 -49.15 7.15 -3.68
N PHE B 229 -49.64 8.18 -4.37
CA PHE B 229 -49.04 9.51 -4.33
C PHE B 229 -49.33 10.27 -3.03
N ALA B 230 -50.45 9.98 -2.40
CA ALA B 230 -50.80 10.62 -1.14
C ALA B 230 -49.81 10.15 -0.07
N ALA B 231 -49.48 8.88 -0.13
CA ALA B 231 -48.47 8.27 0.72
C ALA B 231 -47.10 8.92 0.51
N LEU B 232 -46.74 9.18 -0.74
CA LEU B 232 -45.46 9.81 -1.05
C LEU B 232 -45.42 11.23 -0.54
N VAL B 233 -46.53 11.95 -0.67
CA VAL B 233 -46.60 13.30 -0.16
C VAL B 233 -46.46 13.28 1.38
N GLU B 234 -47.15 12.36 2.04
CA GLU B 234 -47.18 12.34 3.50
C GLU B 234 -45.79 12.12 4.10
N VAL B 235 -45.06 11.14 3.57
CA VAL B 235 -43.70 10.88 4.01
C VAL B 235 -42.81 12.08 3.73
N THR B 236 -42.90 12.63 2.52
CA THR B 236 -42.17 13.85 2.19
C THR B 236 -42.51 14.97 3.17
N GLU B 237 -43.78 15.12 3.50
CA GLU B 237 -44.19 16.20 4.39
C GLU B 237 -43.69 15.98 5.82
N ARG B 238 -43.74 14.72 6.26
CA ARG B 238 -43.19 14.32 7.57
C ARG B 238 -41.75 14.76 7.67
N ALA B 239 -40.97 14.56 6.60
CA ALA B 239 -39.54 14.93 6.57
C ALA B 239 -39.35 16.44 6.66
N VAL B 240 -40.07 17.16 5.80
CA VAL B 240 -40.05 18.62 5.79
C VAL B 240 -40.30 19.19 7.19
N ALA B 241 -41.41 18.78 7.80
CA ALA B 241 -41.79 19.25 9.12
C ALA B 241 -40.72 18.94 10.16
N HIS B 242 -40.15 17.73 10.08
CA HIS B 242 -39.14 17.30 11.05
C HIS B 242 -37.79 18.00 10.88
N THR B 243 -37.29 18.08 9.66
CA THR B 243 -35.99 18.68 9.42
C THR B 243 -36.03 20.20 9.43
N GLU B 244 -37.23 20.78 9.30
CA GLU B 244 -37.40 22.23 9.17
C GLU B 244 -36.70 22.80 7.93
N LYS B 245 -36.59 22.00 6.86
CA LYS B 245 -36.01 22.51 5.61
C LYS B 245 -37.07 23.22 4.78
N ASP B 246 -36.64 24.15 3.95
CA ASP B 246 -37.58 24.98 3.22
C ASP B 246 -37.53 24.73 1.72
N GLU B 247 -36.92 23.61 1.31
CA GLU B 247 -36.91 23.21 -0.09
C GLU B 247 -37.29 21.73 -0.23
N VAL B 248 -38.05 21.41 -1.27
CA VAL B 248 -38.38 20.04 -1.60
C VAL B 248 -37.99 19.84 -3.06
N VAL B 249 -37.33 18.74 -3.37
CA VAL B 249 -37.05 18.43 -4.77
C VAL B 249 -37.68 17.10 -5.14
N LEU B 250 -38.03 16.95 -6.41
CA LEU B 250 -38.64 15.73 -6.92
C LEU B 250 -37.77 15.23 -8.05
N VAL B 251 -37.27 14.01 -7.92
CA VAL B 251 -36.28 13.45 -8.86
C VAL B 251 -36.55 11.98 -9.17
N GLY B 252 -35.90 11.46 -10.21
CA GLY B 252 -36.13 10.10 -10.69
C GLY B 252 -37.00 10.10 -11.93
N GLY B 253 -36.95 9.01 -12.68
CA GLY B 253 -37.78 8.85 -13.88
C GLY B 253 -39.24 9.24 -13.68
N VAL B 254 -39.77 8.98 -12.50
CA VAL B 254 -41.21 9.14 -12.23
C VAL B 254 -41.58 10.62 -12.00
N ALA B 255 -40.57 11.48 -11.90
CA ALA B 255 -40.82 12.90 -11.79
C ALA B 255 -41.63 13.43 -12.99
N ALA B 256 -41.57 12.68 -14.09
CA ALA B 256 -42.41 12.95 -15.26
C ALA B 256 -43.88 13.20 -14.89
N ASN B 257 -44.41 12.38 -13.98
CA ASN B 257 -45.83 12.43 -13.61
C ASN B 257 -46.31 13.78 -13.06
N ASN B 258 -47.21 14.42 -13.83
CA ASN B 258 -47.76 15.74 -13.51
C ASN B 258 -48.65 15.80 -12.28
N ARG B 259 -49.40 14.73 -12.04
CA ARG B 259 -50.28 14.64 -10.89
C ARG B 259 -49.45 14.63 -9.60
N LEU B 260 -48.36 13.87 -9.61
CA LEU B 260 -47.40 13.84 -8.51
C LEU B 260 -46.86 15.23 -8.24
N ARG B 261 -46.25 15.86 -9.24
CA ARG B 261 -45.76 17.24 -9.12
C ARG B 261 -46.78 18.14 -8.42
N GLU B 262 -48.03 18.02 -8.89
CA GLU B 262 -49.13 18.87 -8.52
C GLU B 262 -49.43 18.74 -7.03
N MET B 263 -49.49 17.49 -6.57
CA MET B 263 -49.77 17.16 -5.17
C MET B 263 -48.67 17.64 -4.24
N LEU B 264 -47.43 17.55 -4.70
CA LEU B 264 -46.29 18.03 -3.94
C LEU B 264 -46.28 19.56 -3.86
N ARG B 265 -46.60 20.21 -4.97
CA ARG B 265 -46.73 21.66 -5.04
C ARG B 265 -47.83 22.20 -4.11
N ILE B 266 -48.99 21.53 -4.08
CA ILE B 266 -50.05 21.85 -3.11
C ILE B 266 -49.49 21.81 -1.69
N MET B 267 -48.78 20.74 -1.36
CA MET B 267 -48.19 20.60 -0.03
C MET B 267 -47.16 21.69 0.25
N THR B 268 -46.28 21.95 -0.71
CA THR B 268 -45.19 22.92 -0.53
C THR B 268 -45.69 24.36 -0.43
N GLU B 269 -46.81 24.65 -1.09
CA GLU B 269 -47.45 25.97 -0.99
C GLU B 269 -48.11 26.24 0.36
N ASP B 270 -48.83 25.26 0.92
CA ASP B 270 -49.40 25.40 2.27
C ASP B 270 -48.35 25.79 3.31
N ARG B 271 -47.19 25.15 3.22
CA ARG B 271 -46.11 25.38 4.16
C ARG B 271 -45.28 26.57 3.70
N GLY B 272 -45.49 26.97 2.45
CA GLY B 272 -44.86 28.18 1.90
C GLY B 272 -43.37 28.04 1.72
N ILE B 273 -42.98 26.98 0.99
CA ILE B 273 -41.56 26.60 0.81
C ILE B 273 -41.30 26.21 -0.66
N LYS B 274 -40.03 26.11 -1.04
CA LYS B 274 -39.64 25.95 -2.45
C LYS B 274 -39.83 24.53 -2.96
N PHE B 275 -40.36 24.41 -4.17
CA PHE B 275 -40.49 23.12 -4.82
C PHE B 275 -39.80 23.18 -6.17
N PHE B 276 -38.79 22.34 -6.36
CA PHE B 276 -38.03 22.37 -7.60
C PHE B 276 -37.89 20.97 -8.19
N VAL B 277 -38.13 20.87 -9.49
CA VAL B 277 -37.92 19.65 -10.24
C VAL B 277 -36.86 20.01 -11.28
N PRO B 278 -35.76 19.25 -11.36
CA PRO B 278 -34.75 19.62 -12.37
C PRO B 278 -35.21 19.26 -13.78
N PRO B 279 -34.51 19.76 -14.82
CA PRO B 279 -34.88 19.29 -16.17
C PRO B 279 -34.86 17.77 -16.29
N TYR B 280 -35.83 17.23 -17.02
CA TYR B 280 -36.00 15.79 -17.18
C TYR B 280 -34.68 15.00 -17.42
N ASP B 281 -33.75 15.57 -18.18
CA ASP B 281 -32.48 14.89 -18.49
C ASP B 281 -31.53 14.75 -17.29
N LEU B 282 -31.79 15.49 -16.23
CA LEU B 282 -31.05 15.36 -14.99
C LEU B 282 -31.98 14.81 -13.92
N CYS B 283 -33.18 14.42 -14.34
CA CYS B 283 -34.19 13.88 -13.46
C CYS B 283 -34.14 12.36 -13.53
N ARG B 284 -34.24 11.85 -14.76
CA ARG B 284 -34.13 10.41 -15.02
C ARG B 284 -32.68 9.96 -14.84
N ASP B 285 -32.45 8.65 -14.90
CA ASP B 285 -31.10 8.10 -14.73
C ASP B 285 -30.15 8.63 -15.81
N ASN B 286 -29.09 9.30 -15.37
CA ASN B 286 -28.16 9.95 -16.26
C ASN B 286 -26.77 10.05 -15.66
N GLY B 287 -25.76 10.26 -16.51
CA GLY B 287 -24.38 10.28 -16.06
C GLY B 287 -23.91 11.61 -15.53
N ALA B 288 -24.60 12.68 -15.94
CA ALA B 288 -24.24 14.04 -15.55
C ALA B 288 -24.37 14.25 -14.05
N MET B 289 -25.41 13.65 -13.46
CA MET B 289 -25.60 13.71 -12.02
C MET B 289 -24.47 12.98 -11.32
N ILE B 290 -23.97 11.92 -11.95
CA ILE B 290 -22.87 11.13 -11.37
C ILE B 290 -21.60 11.94 -11.42
N ALA B 291 -21.35 12.57 -12.57
CA ALA B 291 -20.18 13.41 -12.79
C ALA B 291 -20.16 14.59 -11.84
N TYR B 292 -21.34 15.18 -11.61
CA TYR B 292 -21.43 16.38 -10.81
C TYR B 292 -21.13 16.09 -9.36
N THR B 293 -21.85 15.15 -8.77
CA THR B 293 -21.59 14.73 -7.39
C THR B 293 -20.14 14.27 -7.29
N GLY B 294 -19.72 13.44 -8.23
CA GLY B 294 -18.35 12.97 -8.34
C GLY B 294 -17.33 14.09 -8.27
N LEU B 295 -17.61 15.19 -8.96
CA LEU B 295 -16.71 16.33 -9.00
C LEU B 295 -16.63 17.07 -7.66
N ARG B 296 -17.77 17.30 -7.03
CA ARG B 296 -17.79 17.95 -5.73
C ARG B 296 -16.93 17.12 -4.78
N MET B 297 -17.14 15.81 -4.79
CA MET B 297 -16.40 14.89 -3.94
C MET B 297 -14.90 15.08 -4.11
N TYR B 298 -14.48 15.06 -5.38
CA TYR B 298 -13.08 15.20 -5.71
C TYR B 298 -12.52 16.54 -5.25
N LYS B 299 -13.23 17.62 -5.58
CA LYS B 299 -12.82 18.96 -5.14
C LYS B 299 -12.63 19.04 -3.63
N ALA B 300 -13.31 18.17 -2.89
CA ALA B 300 -13.18 18.14 -1.43
C ALA B 300 -12.15 17.12 -0.93
N GLY B 301 -11.34 16.61 -1.85
CA GLY B 301 -10.21 15.76 -1.48
C GLY B 301 -10.48 14.28 -1.46
N ILE B 302 -11.66 13.86 -1.91
CA ILE B 302 -11.97 12.43 -2.00
C ILE B 302 -11.41 11.85 -3.30
N SER B 303 -10.54 10.84 -3.19
CA SER B 303 -10.06 10.11 -4.34
C SER B 303 -9.89 8.63 -3.95
N PHE B 304 -10.52 7.75 -4.71
CA PHE B 304 -10.60 6.35 -4.34
C PHE B 304 -9.34 5.60 -4.77
N ARG B 305 -8.85 4.73 -3.90
CA ARG B 305 -7.89 3.71 -4.27
C ARG B 305 -8.70 2.61 -4.93
N LEU B 306 -8.07 1.89 -5.87
CA LEU B 306 -8.70 0.75 -6.58
C LEU B 306 -9.42 -0.22 -5.64
N GLU B 307 -8.79 -0.55 -4.51
CA GLU B 307 -9.39 -1.43 -3.50
C GLU B 307 -10.80 -0.93 -3.07
N GLU B 308 -10.99 0.39 -3.09
CA GLU B 308 -12.21 1.04 -2.58
C GLU B 308 -13.31 1.20 -3.63
N THR B 309 -13.09 0.65 -4.82
CA THR B 309 -14.03 0.86 -5.92
C THR B 309 -14.83 -0.40 -6.28
N ILE B 310 -14.90 -1.35 -5.34
CA ILE B 310 -15.74 -2.55 -5.50
C ILE B 310 -17.18 -2.09 -5.67
N VAL B 311 -17.97 -2.77 -6.50
CA VAL B 311 -19.39 -2.42 -6.63
C VAL B 311 -20.15 -2.68 -5.32
N LYS B 312 -21.15 -1.85 -5.05
CA LYS B 312 -21.98 -1.98 -3.85
C LYS B 312 -23.43 -2.13 -4.25
N GLN B 313 -23.85 -3.35 -4.56
CA GLN B 313 -25.20 -3.59 -5.04
C GLN B 313 -26.25 -3.09 -4.06
N LYS B 314 -25.90 -3.05 -2.77
CA LYS B 314 -26.82 -2.58 -1.74
C LYS B 314 -26.35 -1.33 -0.98
N PHE B 315 -25.76 -0.40 -1.71
CA PHE B 315 -25.20 0.85 -1.19
C PHE B 315 -26.23 1.63 -0.38
N ARG B 316 -25.97 1.84 0.91
CA ARG B 316 -26.84 2.69 1.73
C ARG B 316 -26.45 4.15 1.60
N THR B 317 -27.45 5.01 1.51
CA THR B 317 -27.26 6.45 1.42
C THR B 317 -26.51 7.06 2.62
N ASP B 318 -26.68 6.47 3.80
CA ASP B 318 -26.07 7.01 5.01
C ASP B 318 -24.67 6.46 5.28
N GLU B 319 -24.12 5.73 4.31
CA GLU B 319 -22.74 5.25 4.37
C GLU B 319 -21.77 6.32 3.90
N VAL B 320 -22.21 7.22 3.04
CA VAL B 320 -21.32 8.21 2.47
C VAL B 320 -21.35 9.47 3.31
N GLU B 321 -20.20 9.83 3.89
CA GLU B 321 -20.10 11.09 4.59
C GLU B 321 -20.02 12.25 3.61
N ILE B 322 -20.88 13.25 3.81
CA ILE B 322 -21.03 14.37 2.89
C ILE B 322 -20.13 15.53 3.32
N VAL B 323 -18.83 15.37 3.09
CA VAL B 323 -17.82 16.32 3.51
C VAL B 323 -17.73 17.55 2.60
N TRP B 324 -18.52 17.58 1.53
CA TRP B 324 -18.41 18.68 0.56
C TRP B 324 -19.57 19.66 0.58
N HIS B 325 -20.44 19.57 1.59
CA HIS B 325 -21.66 20.40 1.61
C HIS B 325 -21.38 21.87 1.95
N MET C 1 3.48 -11.38 5.28
CA MET C 1 3.19 -10.57 4.05
C MET C 1 4.33 -10.57 3.04
N LEU C 2 3.97 -10.50 1.75
CA LEU C 2 4.93 -10.46 0.66
C LEU C 2 4.79 -9.18 -0.16
N ALA C 3 5.91 -8.65 -0.62
CA ALA C 3 5.93 -7.50 -1.51
C ALA C 3 6.76 -7.80 -2.74
N LEU C 4 6.25 -7.31 -3.87
CA LEU C 4 6.97 -7.34 -5.13
C LEU C 4 7.42 -5.91 -5.43
N GLY C 5 8.71 -5.74 -5.69
CA GLY C 5 9.28 -4.42 -5.95
C GLY C 5 9.93 -4.35 -7.31
N ILE C 6 9.69 -3.25 -8.02
CA ILE C 6 10.26 -3.07 -9.36
C ILE C 6 11.16 -1.83 -9.41
N GLU C 7 12.42 -2.06 -9.79
CA GLU C 7 13.43 -1.02 -9.91
C GLU C 7 13.79 -0.76 -11.37
N GLY C 8 13.66 0.49 -11.80
CA GLY C 8 14.09 0.87 -13.14
C GLY C 8 14.41 2.34 -13.31
N THR C 9 15.15 2.91 -12.35
CA THR C 9 15.48 4.33 -12.40
C THR C 9 16.56 4.60 -13.46
N ALA C 10 17.41 3.61 -13.72
CA ALA C 10 18.51 3.73 -14.68
C ALA C 10 18.64 2.49 -15.58
N HIS C 11 19.88 2.03 -15.77
CA HIS C 11 20.17 0.92 -16.69
C HIS C 11 19.84 -0.46 -16.15
N THR C 12 19.68 -0.57 -14.83
CA THR C 12 19.32 -1.86 -14.27
C THR C 12 17.81 -1.97 -14.15
N LEU C 13 17.26 -3.07 -14.67
CA LEU C 13 15.92 -3.48 -14.30
C LEU C 13 16.06 -4.59 -13.29
N GLY C 14 15.52 -4.35 -12.12
CA GLY C 14 15.57 -5.31 -11.03
C GLY C 14 14.21 -5.56 -10.42
N ILE C 15 13.93 -6.83 -10.15
CA ILE C 15 12.66 -7.22 -9.54
C ILE C 15 12.96 -8.04 -8.30
N GLY C 16 12.34 -7.67 -7.18
CA GLY C 16 12.54 -8.37 -5.91
C GLY C 16 11.25 -8.78 -5.22
N ILE C 17 11.33 -9.85 -4.44
CA ILE C 17 10.21 -10.30 -3.63
C ILE C 17 10.74 -10.49 -2.21
N VAL C 18 10.09 -9.83 -1.25
CA VAL C 18 10.56 -9.89 0.13
C VAL C 18 9.41 -9.98 1.14
N SER C 19 9.69 -10.62 2.28
CA SER C 19 8.85 -10.53 3.47
C SER C 19 9.52 -9.57 4.47
N GLU C 20 9.06 -9.51 5.72
CA GLU C 20 9.63 -8.54 6.68
C GLU C 20 11.09 -8.87 6.99
N ASP C 21 11.40 -10.15 7.23
CA ASP C 21 12.77 -10.52 7.61
C ASP C 21 13.65 -10.81 6.39
N LYS C 22 13.13 -11.60 5.46
CA LYS C 22 13.97 -12.19 4.43
C LYS C 22 13.62 -11.83 2.99
N VAL C 23 14.64 -11.85 2.13
CA VAL C 23 14.53 -11.64 0.68
C VAL C 23 14.30 -12.98 0.00
N LEU C 24 13.13 -13.14 -0.61
CA LEU C 24 12.78 -14.38 -1.30
C LEU C 24 13.32 -14.47 -2.72
N ALA C 25 13.45 -13.33 -3.39
CA ALA C 25 14.05 -13.27 -4.72
C ALA C 25 14.62 -11.88 -5.01
N ASN C 26 15.62 -11.82 -5.88
CA ASN C 26 16.23 -10.55 -6.29
C ASN C 26 16.97 -10.74 -7.62
N VAL C 27 16.40 -10.25 -8.72
CA VAL C 27 16.90 -10.58 -10.06
C VAL C 27 17.23 -9.40 -10.96
N PHE C 28 18.12 -9.61 -11.93
CA PHE C 28 18.82 -8.52 -12.60
C PHE C 28 18.90 -8.67 -14.10
N ASP C 29 18.68 -7.56 -14.80
CA ASP C 29 19.13 -7.40 -16.16
C ASP C 29 19.55 -5.96 -16.40
N THR C 30 20.82 -5.75 -16.73
CA THR C 30 21.36 -4.41 -16.92
C THR C 30 21.69 -4.15 -18.38
N LEU C 31 21.40 -2.94 -18.85
CA LEU C 31 21.65 -2.57 -20.25
C LEU C 31 23.14 -2.54 -20.60
N THR C 32 23.50 -3.29 -21.64
CA THR C 32 24.87 -3.38 -22.14
C THR C 32 25.18 -2.13 -22.97
N THR C 33 26.14 -1.34 -22.50
CA THR C 33 26.52 -0.07 -23.14
C THR C 33 27.92 -0.05 -23.75
N GLU C 34 28.02 0.53 -24.94
CA GLU C 34 29.31 0.59 -25.66
C GLU C 34 30.05 1.88 -25.32
N LYS C 35 29.54 3.00 -25.85
CA LYS C 35 30.04 4.35 -25.56
C LYS C 35 30.16 4.67 -24.06
N GLY C 36 29.40 3.96 -23.22
CA GLY C 36 29.27 4.24 -21.80
C GLY C 36 28.17 5.28 -21.60
N GLY C 37 28.22 5.99 -20.48
CA GLY C 37 27.24 7.06 -20.20
C GLY C 37 25.79 6.60 -20.09
N ILE C 38 24.86 7.53 -20.31
CA ILE C 38 23.44 7.28 -20.06
C ILE C 38 22.62 7.26 -21.37
N HIS C 39 21.72 6.30 -21.48
CA HIS C 39 20.89 6.13 -22.68
C HIS C 39 19.40 5.99 -22.32
N PRO C 40 18.68 7.12 -22.19
CA PRO C 40 17.28 7.14 -21.73
C PRO C 40 16.31 6.25 -22.52
N LYS C 41 16.19 6.47 -23.84
CA LYS C 41 15.25 5.70 -24.66
C LYS C 41 15.60 4.21 -24.77
N GLU C 42 16.89 3.91 -24.76
CA GLU C 42 17.38 2.53 -24.86
C GLU C 42 17.03 1.75 -23.59
N ALA C 43 17.23 2.39 -22.44
CA ALA C 43 16.88 1.82 -21.14
C ALA C 43 15.39 1.49 -21.04
N ALA C 44 14.55 2.41 -21.52
CA ALA C 44 13.10 2.21 -21.53
C ALA C 44 12.68 1.03 -22.40
N GLU C 45 13.25 0.91 -23.60
CA GLU C 45 12.97 -0.23 -24.47
C GLU C 45 13.47 -1.50 -23.83
N HIS C 46 14.61 -1.41 -23.14
CA HIS C 46 15.20 -2.52 -22.40
C HIS C 46 14.29 -3.03 -21.28
N HIS C 47 13.88 -2.11 -20.39
CA HIS C 47 12.99 -2.45 -19.27
C HIS C 47 11.67 -3.08 -19.70
N ALA C 48 11.12 -2.59 -20.82
CA ALA C 48 9.86 -3.10 -21.37
C ALA C 48 10.05 -4.50 -21.92
N ARG C 49 11.15 -4.73 -22.63
CA ARG C 49 11.46 -6.03 -23.23
C ARG C 49 11.70 -7.11 -22.19
N LEU C 50 12.29 -6.74 -21.06
CA LEU C 50 12.71 -7.71 -20.06
C LEU C 50 11.71 -7.93 -18.94
N MET C 51 10.68 -7.10 -18.89
CA MET C 51 9.72 -7.08 -17.79
C MET C 51 9.11 -8.45 -17.45
N LYS C 52 8.42 -9.05 -18.42
CA LYS C 52 7.75 -10.33 -18.17
C LYS C 52 8.73 -11.48 -17.86
N PRO C 53 9.82 -11.63 -18.66
CA PRO C 53 10.81 -12.67 -18.35
C PRO C 53 11.43 -12.54 -16.96
N LEU C 54 11.76 -11.32 -16.54
CA LEU C 54 12.31 -11.08 -15.20
C LEU C 54 11.28 -11.36 -14.12
N LEU C 55 10.06 -10.87 -14.32
CA LEU C 55 8.96 -11.13 -13.40
C LEU C 55 8.75 -12.62 -13.19
N ARG C 56 8.75 -13.36 -14.30
CA ARG C 56 8.56 -14.80 -14.30
C ARG C 56 9.64 -15.48 -13.45
N LYS C 57 10.89 -15.16 -13.74
CA LYS C 57 12.06 -15.69 -13.03
C LYS C 57 12.04 -15.39 -11.52
N ALA C 58 11.75 -14.14 -11.17
CA ALA C 58 11.63 -13.70 -9.78
C ALA C 58 10.62 -14.57 -9.03
N LEU C 59 9.41 -14.65 -9.57
CA LEU C 59 8.33 -15.44 -9.00
C LEU C 59 8.73 -16.91 -8.84
N SER C 60 9.42 -17.45 -9.84
CA SER C 60 9.90 -18.81 -9.77
C SER C 60 10.93 -19.01 -8.65
N GLU C 61 11.87 -18.08 -8.52
CA GLU C 61 12.86 -18.09 -7.44
C GLU C 61 12.19 -17.98 -6.06
N ALA C 62 11.30 -17.00 -5.91
CA ALA C 62 10.53 -16.80 -4.67
C ALA C 62 9.61 -17.98 -4.33
N GLY C 63 9.15 -18.69 -5.36
CA GLY C 63 8.24 -19.81 -5.22
C GLY C 63 6.85 -19.36 -4.78
N VAL C 64 6.39 -18.26 -5.37
CA VAL C 64 5.05 -17.74 -5.15
C VAL C 64 4.49 -17.24 -6.47
N SER C 65 3.18 -17.02 -6.50
CA SER C 65 2.55 -16.44 -7.68
C SER C 65 2.05 -15.05 -7.32
N LEU C 66 1.67 -14.27 -8.33
CA LEU C 66 1.25 -12.90 -8.10
C LEU C 66 0.10 -12.72 -7.11
N ASP C 67 -0.69 -13.78 -6.91
CA ASP C 67 -1.78 -13.75 -5.94
C ASP C 67 -1.32 -13.75 -4.50
N ASP C 68 -0.15 -14.33 -4.27
CA ASP C 68 0.48 -14.35 -2.95
C ASP C 68 0.99 -12.96 -2.55
N ILE C 69 1.31 -12.13 -3.53
CA ILE C 69 1.82 -10.77 -3.30
C ILE C 69 0.78 -9.89 -2.61
N ASP C 70 1.14 -9.31 -1.47
CA ASP C 70 0.23 -8.43 -0.74
C ASP C 70 0.20 -7.01 -1.30
N VAL C 71 1.34 -6.53 -1.80
CA VAL C 71 1.46 -5.16 -2.29
C VAL C 71 2.53 -5.05 -3.36
N ILE C 72 2.32 -4.17 -4.33
CA ILE C 72 3.27 -3.91 -5.39
C ILE C 72 3.96 -2.56 -5.17
N ALA C 73 5.29 -2.58 -5.17
CA ALA C 73 6.08 -1.37 -5.00
C ALA C 73 6.87 -1.12 -6.27
N PHE C 74 7.10 0.14 -6.59
CA PHE C 74 7.94 0.48 -7.74
C PHE C 74 8.77 1.71 -7.44
N SER C 75 9.93 1.82 -8.07
CA SER C 75 10.78 3.01 -7.93
C SER C 75 10.13 4.17 -8.67
N GLN C 76 9.58 5.10 -7.91
CA GLN C 76 8.82 6.23 -8.48
C GLN C 76 9.75 7.33 -8.96
N GLY C 77 10.96 7.35 -8.38
CA GLY C 77 11.97 8.34 -8.69
C GLY C 77 13.01 8.45 -7.58
N PRO C 78 14.04 9.29 -7.78
CA PRO C 78 14.30 10.02 -9.01
C PRO C 78 14.95 9.11 -10.05
N GLY C 79 15.09 9.60 -11.28
CA GLY C 79 15.73 8.80 -12.33
C GLY C 79 15.35 9.23 -13.73
N LEU C 80 15.54 8.32 -14.69
CA LEU C 80 15.24 8.58 -16.09
C LEU C 80 13.74 8.46 -16.42
N GLY C 81 13.15 9.55 -16.90
CA GLY C 81 11.74 9.61 -17.26
C GLY C 81 11.20 8.42 -18.02
N PRO C 82 11.69 8.19 -19.25
CA PRO C 82 11.07 7.11 -20.02
C PRO C 82 11.26 5.74 -19.36
N ALA C 83 12.35 5.56 -18.62
CA ALA C 83 12.57 4.32 -17.88
C ALA C 83 11.56 4.18 -16.73
N LEU C 84 11.47 5.24 -15.93
CA LEU C 84 10.54 5.28 -14.80
C LEU C 84 9.11 4.96 -15.24
N ARG C 85 8.72 5.51 -16.40
CA ARG C 85 7.38 5.35 -16.96
C ARG C 85 7.08 3.91 -17.36
N VAL C 86 8.10 3.22 -17.87
CA VAL C 86 7.95 1.82 -18.21
C VAL C 86 7.73 1.01 -16.93
N VAL C 87 8.52 1.34 -15.90
CA VAL C 87 8.39 0.70 -14.59
C VAL C 87 7.00 0.92 -14.01
N ALA C 88 6.61 2.19 -13.89
CA ALA C 88 5.34 2.56 -13.28
C ALA C 88 4.13 1.95 -13.99
N THR C 89 4.15 1.94 -15.33
CA THR C 89 3.03 1.40 -16.10
C THR C 89 2.87 -0.12 -15.89
N ALA C 90 4.00 -0.84 -15.88
CA ALA C 90 4.05 -2.28 -15.60
C ALA C 90 3.50 -2.56 -14.21
N ALA C 91 3.77 -1.65 -13.28
CA ALA C 91 3.37 -1.82 -11.89
C ALA C 91 1.87 -1.63 -11.72
N ARG C 92 1.35 -0.55 -12.29
CA ARG C 92 -0.09 -0.29 -12.31
C ARG C 92 -0.87 -1.42 -12.96
N ALA C 93 -0.33 -1.94 -14.08
CA ALA C 93 -0.92 -3.06 -14.82
C ALA C 93 -1.09 -4.27 -13.90
N LEU C 94 -0.04 -4.61 -13.16
CA LEU C 94 -0.10 -5.69 -12.18
C LEU C 94 -1.13 -5.42 -11.10
N ALA C 95 -1.19 -4.17 -10.65
CA ALA C 95 -2.11 -3.77 -9.60
C ALA C 95 -3.57 -3.94 -10.00
N VAL C 96 -3.90 -3.58 -11.25
CA VAL C 96 -5.27 -3.72 -11.74
C VAL C 96 -5.58 -5.18 -11.96
N LYS C 97 -4.67 -5.87 -12.64
CA LYS C 97 -4.88 -7.26 -13.02
C LYS C 97 -5.12 -8.20 -11.83
N TYR C 98 -4.29 -8.10 -10.79
CA TYR C 98 -4.41 -9.03 -9.67
C TYR C 98 -5.09 -8.34 -8.49
N ARG C 99 -5.62 -7.14 -8.77
CA ARG C 99 -6.29 -6.28 -7.79
C ARG C 99 -5.52 -6.19 -6.47
N LYS C 100 -4.33 -5.58 -6.57
CA LYS C 100 -3.40 -5.43 -5.45
C LYS C 100 -3.14 -3.96 -5.23
N PRO C 101 -2.93 -3.55 -3.97
CA PRO C 101 -2.51 -2.18 -3.69
C PRO C 101 -1.09 -1.88 -4.19
N ILE C 102 -0.85 -0.62 -4.53
CA ILE C 102 0.41 -0.20 -5.12
C ILE C 102 1.03 0.90 -4.29
N VAL C 103 2.35 0.87 -4.10
CA VAL C 103 3.08 2.00 -3.46
C VAL C 103 4.25 2.51 -4.29
N GLY C 104 4.33 3.83 -4.43
CA GLY C 104 5.48 4.48 -5.05
C GLY C 104 6.59 4.71 -4.04
N VAL C 105 7.77 4.18 -4.33
CA VAL C 105 8.91 4.26 -3.42
C VAL C 105 9.97 5.19 -3.96
N ASN C 106 10.54 6.01 -3.07
CA ASN C 106 11.68 6.87 -3.41
C ASN C 106 12.96 6.04 -3.41
N HIS C 107 13.67 6.07 -4.54
CA HIS C 107 14.85 5.24 -4.80
C HIS C 107 16.01 5.42 -3.79
N CYS C 108 16.32 6.66 -3.43
CA CYS C 108 17.40 6.92 -2.48
C CYS C 108 17.06 6.46 -1.09
N ILE C 109 15.84 6.74 -0.66
CA ILE C 109 15.37 6.29 0.63
C ILE C 109 15.55 4.77 0.72
N ALA C 110 15.10 4.07 -0.33
CA ALA C 110 15.18 2.62 -0.42
C ALA C 110 16.60 2.09 -0.19
N HIS C 111 17.58 2.74 -0.82
CA HIS C 111 19.00 2.39 -0.63
C HIS C 111 19.46 2.41 0.83
N VAL C 112 19.01 3.40 1.59
CA VAL C 112 19.30 3.47 3.01
C VAL C 112 18.44 2.47 3.79
N GLU C 113 17.13 2.46 3.50
CA GLU C 113 16.15 1.66 4.28
C GLU C 113 16.39 0.16 4.24
N ILE C 114 17.04 -0.33 3.18
CA ILE C 114 17.34 -1.76 3.07
C ILE C 114 18.33 -2.27 4.14
N THR C 115 19.17 -1.37 4.64
CA THR C 115 20.15 -1.74 5.66
C THR C 115 19.48 -2.08 6.99
N LYS C 116 18.26 -1.57 7.20
CA LYS C 116 17.56 -1.82 8.47
C LYS C 116 17.19 -3.29 8.63
N MET C 117 17.05 -3.98 7.49
CA MET C 117 16.86 -5.42 7.45
C MET C 117 18.00 -6.18 8.11
N PHE C 118 19.17 -5.54 8.24
CA PHE C 118 20.36 -6.20 8.79
C PHE C 118 20.75 -5.60 10.14
N GLY C 119 19.76 -5.22 10.94
CA GLY C 119 20.02 -4.72 12.30
C GLY C 119 20.34 -3.24 12.46
N VAL C 120 20.63 -2.55 11.35
CA VAL C 120 20.94 -1.12 11.39
C VAL C 120 19.71 -0.33 11.83
N LYS C 121 19.85 0.50 12.87
CA LYS C 121 18.71 1.20 13.47
C LYS C 121 18.39 2.57 12.88
N ASP C 122 19.40 3.45 12.85
CA ASP C 122 19.22 4.86 12.50
C ASP C 122 20.55 5.48 12.00
N PRO C 123 20.96 5.18 10.76
CA PRO C 123 22.27 5.58 10.28
C PRO C 123 22.31 6.92 9.58
N VAL C 124 23.49 7.53 9.54
CA VAL C 124 23.79 8.51 8.51
C VAL C 124 24.14 7.64 7.32
N GLY C 125 23.67 8.02 6.14
CA GLY C 125 23.91 7.22 4.97
C GLY C 125 24.55 8.04 3.88
N LEU C 126 25.54 7.45 3.22
CA LEU C 126 26.09 8.04 2.03
C LEU C 126 25.65 7.20 0.88
N TYR C 127 24.91 7.80 -0.05
CA TYR C 127 24.46 7.12 -1.26
C TYR C 127 25.24 7.62 -2.48
N VAL C 128 25.99 6.71 -3.09
CA VAL C 128 26.81 7.03 -4.25
C VAL C 128 26.54 6.09 -5.42
N SER C 129 26.26 6.66 -6.59
CA SER C 129 25.90 5.91 -7.79
C SER C 129 26.43 6.64 -9.03
N GLY C 130 25.98 6.24 -10.21
CA GLY C 130 26.32 6.99 -11.42
C GLY C 130 25.97 8.47 -11.28
N GLY C 131 24.68 8.76 -11.20
CA GLY C 131 24.20 10.14 -11.20
C GLY C 131 23.84 10.75 -9.86
N ASN C 132 23.90 9.94 -8.79
CA ASN C 132 23.55 10.44 -7.44
C ASN C 132 24.73 10.46 -6.49
N THR C 133 24.76 11.49 -5.65
CA THR C 133 25.63 11.54 -4.49
C THR C 133 24.97 12.36 -3.42
N GLN C 134 24.50 11.67 -2.37
CA GLN C 134 23.78 12.31 -1.29
C GLN C 134 24.14 11.72 0.05
N VAL C 135 24.29 12.60 1.04
CA VAL C 135 24.38 12.18 2.41
C VAL C 135 22.99 12.41 3.03
N LEU C 136 22.44 11.37 3.63
CA LEU C 136 21.08 11.46 4.15
C LEU C 136 20.90 10.78 5.51
N ALA C 137 20.00 11.33 6.32
CA ALA C 137 19.75 10.81 7.66
C ALA C 137 18.39 11.27 8.17
N LEU C 138 17.66 10.34 8.79
CA LEU C 138 16.35 10.56 9.40
C LEU C 138 16.46 11.59 10.50
N GLU C 139 15.59 12.58 10.46
CA GLU C 139 15.63 13.68 11.40
C GLU C 139 14.34 14.45 11.15
N GLY C 140 13.52 14.60 12.19
CA GLY C 140 12.27 15.36 12.07
C GLY C 140 11.27 14.77 11.08
N GLY C 141 11.10 13.45 11.14
CA GLY C 141 10.12 12.73 10.34
C GLY C 141 10.40 12.64 8.86
N ARG C 142 11.59 13.08 8.42
CA ARG C 142 11.98 13.00 7.03
C ARG C 142 13.39 12.46 6.92
N TYR C 143 13.78 12.03 5.72
CA TYR C 143 15.18 11.79 5.41
C TYR C 143 15.79 13.10 4.93
N ARG C 144 16.60 13.70 5.79
CA ARG C 144 17.18 15.01 5.55
C ARG C 144 18.38 14.88 4.61
N VAL C 145 18.57 15.88 3.75
CA VAL C 145 19.73 15.87 2.86
C VAL C 145 20.84 16.76 3.43
N PHE C 146 21.90 16.12 3.94
CA PHE C 146 22.99 16.84 4.58
C PHE C 146 24.11 17.28 3.66
N GLY C 147 23.95 17.00 2.37
CA GLY C 147 24.95 17.36 1.38
C GLY C 147 24.78 16.48 0.18
N GLU C 148 24.87 17.08 -1.00
CA GLU C 148 24.63 16.39 -2.24
C GLU C 148 25.42 17.07 -3.35
N THR C 149 25.65 16.35 -4.44
CA THR C 149 26.33 16.94 -5.60
C THR C 149 25.48 18.07 -6.19
N LEU C 150 26.11 19.16 -6.61
CA LEU C 150 25.41 20.29 -7.23
C LEU C 150 25.45 20.20 -8.75
N ASP C 151 26.14 19.18 -9.26
CA ASP C 151 26.23 18.96 -10.70
C ASP C 151 26.14 17.47 -11.02
N ILE C 152 27.30 16.83 -11.22
CA ILE C 152 27.37 15.43 -11.66
C ILE C 152 27.62 14.51 -10.49
N GLY C 153 27.10 13.29 -10.57
CA GLY C 153 27.31 12.28 -9.54
C GLY C 153 28.74 11.79 -9.53
N ILE C 154 29.18 11.21 -8.42
CA ILE C 154 30.56 10.73 -8.32
C ILE C 154 30.87 9.59 -9.31
N GLY C 155 29.94 8.65 -9.45
CA GLY C 155 30.11 7.54 -10.38
C GLY C 155 30.27 7.98 -11.82
N ASN C 156 29.53 9.00 -12.22
CA ASN C 156 29.56 9.52 -13.59
C ASN C 156 30.80 10.35 -13.87
N ALA C 157 31.23 11.11 -12.86
CA ALA C 157 32.43 11.91 -12.96
C ALA C 157 33.67 11.03 -13.18
N ILE C 158 33.72 9.88 -12.49
CA ILE C 158 34.77 8.89 -12.70
C ILE C 158 34.71 8.33 -14.12
N ASP C 159 33.52 7.96 -14.56
CA ASP C 159 33.30 7.44 -15.91
C ASP C 159 33.82 8.38 -17.00
N VAL C 160 33.48 9.66 -16.89
CA VAL C 160 33.95 10.68 -17.82
C VAL C 160 35.49 10.71 -17.84
N PHE C 161 36.08 10.58 -16.65
CA PHE C 161 37.52 10.58 -16.49
C PHE C 161 38.19 9.37 -17.15
N ALA C 162 37.59 8.20 -16.98
CA ALA C 162 38.13 6.98 -17.55
C ALA C 162 38.10 7.02 -19.09
N ARG C 163 36.99 7.53 -19.62
CA ARG C 163 36.78 7.66 -21.06
C ARG C 163 37.80 8.62 -21.69
N GLU C 164 38.19 9.65 -20.94
CA GLU C 164 39.26 10.57 -21.36
C GLU C 164 40.59 9.82 -21.46
N LEU C 165 40.87 9.00 -20.45
CA LEU C 165 42.11 8.20 -20.41
C LEU C 165 42.08 7.04 -21.39
N GLY C 166 41.06 7.00 -22.24
CA GLY C 166 40.89 5.93 -23.23
C GLY C 166 40.58 4.56 -22.65
N LEU C 167 40.36 4.50 -21.33
CA LEU C 167 40.08 3.26 -20.62
C LEU C 167 38.72 2.69 -20.96
N GLY C 168 38.53 1.40 -20.69
CA GLY C 168 37.34 0.67 -21.13
C GLY C 168 36.07 0.85 -20.31
N PHE C 169 35.25 -0.20 -20.29
CA PHE C 169 34.07 -0.28 -19.44
C PHE C 169 34.12 -1.58 -18.64
N PRO C 170 33.79 -1.53 -17.32
CA PRO C 170 33.25 -0.37 -16.61
C PRO C 170 34.35 0.63 -16.25
N GLY C 171 34.02 1.92 -16.36
CA GLY C 171 34.97 3.01 -16.12
C GLY C 171 35.54 3.06 -14.71
N GLY C 172 34.73 2.67 -13.73
CA GLY C 172 35.12 2.72 -12.32
C GLY C 172 36.23 1.77 -11.92
N PRO C 173 35.95 0.46 -11.92
CA PRO C 173 36.95 -0.53 -11.46
C PRO C 173 38.33 -0.29 -12.05
N LYS C 174 38.38 0.26 -13.27
CA LYS C 174 39.65 0.55 -13.94
C LYS C 174 40.42 1.76 -13.38
N VAL C 175 39.70 2.84 -13.07
CA VAL C 175 40.32 4.04 -12.49
C VAL C 175 40.84 3.70 -11.10
N GLU C 176 40.01 2.97 -10.35
CA GLU C 176 40.39 2.49 -9.02
C GLU C 176 41.70 1.71 -9.07
N LYS C 177 41.87 0.91 -10.12
CA LYS C 177 43.05 0.08 -10.29
C LYS C 177 44.33 0.91 -10.52
N LEU C 178 44.25 1.89 -11.42
CA LEU C 178 45.37 2.81 -11.65
C LEU C 178 45.71 3.58 -10.38
N ALA C 179 44.67 4.06 -9.69
CA ALA C 179 44.83 4.85 -8.48
C ALA C 179 45.64 4.10 -7.41
N GLU C 180 45.60 2.78 -7.43
CA GLU C 180 46.37 1.95 -6.50
C GLU C 180 47.87 2.04 -6.77
N LYS C 181 48.21 2.29 -8.03
CA LYS C 181 49.59 2.42 -8.50
C LYS C 181 50.15 3.85 -8.40
N GLY C 182 49.33 4.79 -7.94
CA GLY C 182 49.77 6.17 -7.71
C GLY C 182 50.58 6.29 -6.44
N GLU C 183 51.42 7.33 -6.35
CA GLU C 183 52.32 7.52 -5.19
C GLU C 183 52.74 8.98 -4.99
N LYS C 184 52.13 9.87 -5.76
CA LYS C 184 52.33 11.31 -5.62
C LYS C 184 50.97 12.00 -5.55
N TYR C 185 50.64 12.62 -4.42
CA TYR C 185 49.37 13.35 -4.37
C TYR C 185 49.45 14.72 -5.04
N ILE C 186 48.76 14.85 -6.17
CA ILE C 186 48.70 16.09 -6.93
C ILE C 186 47.48 16.94 -6.55
N GLU C 187 47.74 18.17 -6.11
CA GLU C 187 46.71 19.13 -5.70
C GLU C 187 45.67 19.31 -6.79
N LEU C 188 44.41 19.10 -6.42
CA LEU C 188 43.27 19.30 -7.32
C LEU C 188 42.18 20.06 -6.57
N PRO C 189 41.28 20.75 -7.31
CA PRO C 189 40.24 21.58 -6.69
C PRO C 189 39.46 20.85 -5.62
N TYR C 190 39.27 21.49 -4.47
CA TYR C 190 38.46 20.92 -3.40
C TYR C 190 37.04 20.66 -3.87
N ALA C 191 36.53 19.46 -3.58
CA ALA C 191 35.20 19.07 -4.04
C ALA C 191 34.07 19.38 -3.06
N VAL C 192 34.36 20.06 -1.95
CA VAL C 192 33.33 20.54 -1.03
C VAL C 192 33.02 22.01 -1.31
N LYS C 193 31.73 22.31 -1.47
CA LYS C 193 31.27 23.67 -1.71
C LYS C 193 30.11 24.04 -0.77
N GLY C 194 30.43 24.61 0.39
CA GLY C 194 29.43 24.88 1.41
C GLY C 194 29.05 23.63 2.18
N MET C 195 27.78 23.24 2.05
CA MET C 195 27.23 21.99 2.65
C MET C 195 27.35 20.83 1.67
N ASP C 196 27.53 21.17 0.40
CA ASP C 196 27.33 20.25 -0.70
C ASP C 196 28.62 19.96 -1.46
N LEU C 197 28.54 19.00 -2.39
CA LEU C 197 29.65 18.56 -3.23
C LEU C 197 29.55 19.17 -4.63
N SER C 198 30.71 19.33 -5.27
CA SER C 198 30.81 19.67 -6.69
C SER C 198 32.04 18.97 -7.23
N PHE C 199 31.89 18.22 -8.31
CA PHE C 199 33.04 17.52 -8.89
C PHE C 199 33.46 18.09 -10.24
N SER C 200 32.68 19.03 -10.77
CA SER C 200 32.94 19.59 -12.10
C SER C 200 34.34 20.20 -12.23
N GLY C 201 34.68 21.10 -11.31
CA GLY C 201 35.99 21.75 -11.29
C GLY C 201 37.08 20.71 -11.15
N LEU C 202 36.93 19.85 -10.14
CA LEU C 202 37.85 18.75 -9.89
C LEU C 202 38.08 17.93 -11.17
N LEU C 203 36.97 17.64 -11.85
CA LEU C 203 37.00 16.88 -13.11
C LEU C 203 37.74 17.62 -14.22
N THR C 204 37.29 18.83 -14.56
CA THR C 204 37.89 19.58 -15.68
C THR C 204 39.37 19.89 -15.46
N GLU C 205 39.79 20.04 -14.21
CA GLU C 205 41.19 20.30 -13.91
C GLU C 205 42.04 19.04 -14.04
N ALA C 206 41.52 17.92 -13.53
CA ALA C 206 42.20 16.62 -13.63
C ALA C 206 42.47 16.22 -15.09
N ILE C 207 41.57 16.65 -15.98
CA ILE C 207 41.70 16.45 -17.42
C ILE C 207 42.78 17.36 -17.99
N ARG C 208 42.74 18.64 -17.62
CA ARG C 208 43.71 19.61 -18.12
C ARG C 208 45.16 19.22 -17.79
N LYS C 209 45.38 18.67 -16.60
CA LYS C 209 46.70 18.22 -16.17
C LYS C 209 47.15 16.95 -16.91
N TYR C 210 46.19 16.08 -17.22
CA TYR C 210 46.47 14.89 -17.98
C TYR C 210 46.97 15.25 -19.38
N ARG C 211 46.15 15.98 -20.13
CA ARG C 211 46.46 16.42 -21.49
C ARG C 211 47.83 17.12 -21.57
N SER C 212 48.25 17.73 -20.47
CA SER C 212 49.51 18.46 -20.42
C SER C 212 50.73 17.53 -20.31
N GLY C 213 50.49 16.22 -20.23
CA GLY C 213 51.56 15.21 -20.19
C GLY C 213 52.54 15.27 -19.02
N LYS C 214 52.50 16.36 -18.26
CA LYS C 214 53.47 16.62 -17.19
C LYS C 214 53.46 15.62 -16.04
N TYR C 215 52.44 14.74 -16.01
CA TYR C 215 52.21 13.84 -14.87
C TYR C 215 52.02 12.40 -15.27
N ARG C 216 52.44 11.49 -14.38
CA ARG C 216 52.09 10.07 -14.49
C ARG C 216 50.57 9.92 -14.47
N VAL C 217 50.06 8.96 -15.22
CA VAL C 217 48.61 8.69 -15.26
C VAL C 217 48.10 8.17 -13.90
N GLU C 218 48.83 7.23 -13.32
CA GLU C 218 48.48 6.61 -12.03
C GLU C 218 48.40 7.65 -10.94
N ASP C 219 49.33 8.60 -10.97
CA ASP C 219 49.42 9.66 -9.97
C ASP C 219 48.21 10.58 -10.03
N LEU C 220 47.68 10.79 -11.24
CA LEU C 220 46.47 11.58 -11.44
C LEU C 220 45.22 10.82 -11.00
N ALA C 221 45.07 9.58 -11.47
CA ALA C 221 43.98 8.71 -11.05
C ALA C 221 43.88 8.65 -9.53
N TYR C 222 45.03 8.51 -8.89
CA TYR C 222 45.12 8.49 -7.43
C TYR C 222 44.62 9.79 -6.84
N SER C 223 45.13 10.92 -7.34
CA SER C 223 44.81 12.23 -6.80
C SER C 223 43.34 12.59 -6.98
N PHE C 224 42.78 12.19 -8.12
CA PHE C 224 41.38 12.39 -8.43
C PHE C 224 40.53 11.68 -7.38
N GLN C 225 40.77 10.38 -7.20
CA GLN C 225 40.00 9.62 -6.22
C GLN C 225 40.07 10.21 -4.82
N GLU C 226 41.28 10.44 -4.31
CA GLU C 226 41.47 10.96 -2.96
C GLU C 226 40.81 12.33 -2.76
N THR C 227 40.82 13.18 -3.77
CA THR C 227 40.17 14.49 -3.62
C THR C 227 38.64 14.33 -3.58
N ALA C 228 38.13 13.48 -4.46
CA ALA C 228 36.70 13.19 -4.52
C ALA C 228 36.21 12.57 -3.22
N PHE C 229 37.01 11.63 -2.69
CA PHE C 229 36.59 10.79 -1.59
C PHE C 229 36.74 11.46 -0.23
N ALA C 230 37.75 12.29 -0.08
CA ALA C 230 37.91 13.06 1.15
C ALA C 230 36.70 13.97 1.32
N ALA C 231 36.30 14.62 0.23
CA ALA C 231 35.07 15.39 0.21
C ALA C 231 33.88 14.54 0.67
N LEU C 232 33.70 13.36 0.09
CA LEU C 232 32.60 12.48 0.49
C LEU C 232 32.67 12.12 1.97
N VAL C 233 33.89 11.88 2.46
CA VAL C 233 34.07 11.54 3.87
C VAL C 233 33.80 12.74 4.78
N GLU C 234 34.25 13.93 4.37
CA GLU C 234 34.07 15.13 5.19
C GLU C 234 32.59 15.45 5.41
N VAL C 235 31.83 15.42 4.32
CA VAL C 235 30.39 15.67 4.32
C VAL C 235 29.62 14.63 5.18
N THR C 236 29.95 13.35 5.03
CA THR C 236 29.39 12.30 5.88
C THR C 236 29.65 12.61 7.35
N GLU C 237 30.91 12.92 7.66
CA GLU C 237 31.32 13.15 9.02
C GLU C 237 30.61 14.36 9.62
N ARG C 238 30.50 15.44 8.85
CA ARG C 238 29.76 16.61 9.28
C ARG C 238 28.35 16.22 9.74
N ALA C 239 27.76 15.28 9.03
CA ALA C 239 26.42 14.78 9.38
C ALA C 239 26.45 13.84 10.59
N VAL C 240 27.43 12.93 10.64
CA VAL C 240 27.60 12.06 11.81
C VAL C 240 27.74 12.88 13.11
N ALA C 241 28.48 13.98 13.04
CA ALA C 241 28.80 14.80 14.22
C ALA C 241 27.60 15.64 14.64
N HIS C 242 26.91 16.23 13.66
CA HIS C 242 25.76 17.08 13.92
C HIS C 242 24.59 16.30 14.50
N THR C 243 24.30 15.13 13.93
CA THR C 243 23.12 14.35 14.29
C THR C 243 23.36 13.45 15.48
N GLU C 244 24.63 13.19 15.78
CA GLU C 244 25.03 12.30 16.90
C GLU C 244 24.60 10.84 16.74
N LYS C 245 24.38 10.44 15.49
CA LYS C 245 24.04 9.06 15.17
C LYS C 245 25.28 8.19 15.27
N ASP C 246 25.10 6.91 15.58
CA ASP C 246 26.24 6.05 15.89
C ASP C 246 26.52 4.96 14.87
N GLU C 247 25.99 5.10 13.66
CA GLU C 247 26.27 4.17 12.57
C GLU C 247 26.32 4.89 11.22
N VAL C 248 27.09 4.33 10.29
CA VAL C 248 27.20 4.86 8.94
C VAL C 248 27.01 3.73 7.92
N VAL C 249 26.11 3.95 6.97
CA VAL C 249 25.93 3.02 5.86
C VAL C 249 26.44 3.64 4.57
N LEU C 250 27.08 2.82 3.75
CA LEU C 250 27.55 3.23 2.42
C LEU C 250 26.82 2.38 1.41
N VAL C 251 26.02 3.02 0.57
CA VAL C 251 25.11 2.31 -0.31
C VAL C 251 25.21 2.85 -1.73
N GLY C 252 24.68 2.10 -2.69
CA GLY C 252 24.71 2.49 -4.09
C GLY C 252 25.79 1.73 -4.86
N GLY C 253 25.77 1.86 -6.19
CA GLY C 253 26.74 1.19 -7.05
C GLY C 253 28.21 1.45 -6.73
N VAL C 254 28.54 2.72 -6.48
CA VAL C 254 29.92 3.11 -6.20
C VAL C 254 30.46 2.61 -4.83
N ALA C 255 29.58 2.05 -4.00
CA ALA C 255 30.03 1.50 -2.70
C ALA C 255 30.96 0.32 -2.92
N ALA C 256 31.09 -0.10 -4.18
CA ALA C 256 31.94 -1.23 -4.55
C ALA C 256 33.41 -0.81 -4.75
N ASN C 257 33.74 0.40 -4.32
CA ASN C 257 35.08 0.93 -4.45
C ASN C 257 35.82 0.80 -3.13
N ASN C 258 36.79 -0.12 -3.09
CA ASN C 258 37.51 -0.49 -1.87
C ASN C 258 38.07 0.70 -1.12
N ARG C 259 38.53 1.68 -1.90
CA ARG C 259 39.24 2.83 -1.37
C ARG C 259 38.29 3.78 -0.66
N LEU C 260 37.15 4.04 -1.30
CA LEU C 260 36.12 4.85 -0.67
C LEU C 260 35.69 4.18 0.62
N ARG C 261 35.41 2.87 0.52
CA ARG C 261 35.03 2.08 1.66
C ARG C 261 36.04 2.15 2.82
N GLU C 262 37.33 2.02 2.48
CA GLU C 262 38.42 2.01 3.46
C GLU C 262 38.51 3.34 4.19
N MET C 263 38.35 4.43 3.44
CA MET C 263 38.43 5.77 4.00
C MET C 263 37.28 6.03 4.97
N LEU C 264 36.07 5.62 4.60
CA LEU C 264 34.91 5.74 5.48
C LEU C 264 35.07 4.88 6.71
N ARG C 265 35.59 3.66 6.52
CA ARG C 265 35.91 2.74 7.61
C ARG C 265 36.84 3.43 8.60
N ILE C 266 37.86 4.09 8.05
CA ILE C 266 38.84 4.84 8.85
C ILE C 266 38.16 5.94 9.68
N MET C 267 37.31 6.74 9.02
CA MET C 267 36.57 7.81 9.70
C MET C 267 35.68 7.30 10.82
N THR C 268 35.00 6.18 10.60
CA THR C 268 34.11 5.59 11.61
C THR C 268 34.84 4.98 12.81
N GLU C 269 35.97 4.33 12.55
CA GLU C 269 36.77 3.74 13.63
C GLU C 269 37.33 4.81 14.59
N ASP C 270 37.86 5.90 14.03
CA ASP C 270 38.40 7.02 14.81
C ASP C 270 37.36 7.67 15.70
N ARG C 271 36.11 7.67 15.24
CA ARG C 271 35.00 8.22 16.00
C ARG C 271 34.36 7.18 16.91
N GLY C 272 34.74 5.92 16.72
CA GLY C 272 34.28 4.81 17.55
C GLY C 272 32.83 4.42 17.33
N ILE C 273 32.40 4.44 16.08
CA ILE C 273 30.99 4.16 15.75
C ILE C 273 30.90 3.03 14.70
N LYS C 274 29.70 2.58 14.38
CA LYS C 274 29.53 1.42 13.48
C LYS C 274 29.56 1.82 12.00
N PHE C 275 29.93 0.86 11.16
CA PHE C 275 30.04 1.05 9.72
C PHE C 275 29.60 -0.21 8.99
N PHE C 276 28.65 -0.05 8.08
CA PHE C 276 28.05 -1.20 7.43
C PHE C 276 27.88 -0.96 5.95
N VAL C 277 28.07 -2.00 5.15
CA VAL C 277 27.76 -1.93 3.72
C VAL C 277 26.97 -3.19 3.38
N PRO C 278 25.76 -3.01 2.80
CA PRO C 278 24.88 -4.17 2.58
C PRO C 278 25.43 -5.13 1.53
N PRO C 279 24.92 -6.38 1.46
CA PRO C 279 25.38 -7.30 0.43
C PRO C 279 25.22 -6.70 -0.96
N TYR C 280 26.20 -6.94 -1.84
CA TYR C 280 26.25 -6.26 -3.12
C TYR C 280 24.93 -6.17 -3.90
N ASP C 281 24.19 -7.29 -3.95
CA ASP C 281 22.93 -7.36 -4.70
C ASP C 281 21.84 -6.51 -4.07
N LEU C 282 22.08 -6.01 -2.87
CA LEU C 282 21.17 -5.08 -2.21
C LEU C 282 21.80 -3.71 -2.08
N CYS C 283 22.99 -3.56 -2.64
CA CYS C 283 23.74 -2.32 -2.57
C CYS C 283 23.60 -1.52 -3.87
N ARG C 284 23.82 -2.18 -5.00
CA ARG C 284 23.56 -1.60 -6.31
C ARG C 284 22.07 -1.52 -6.56
N ASP C 285 21.68 -0.79 -7.60
CA ASP C 285 20.26 -0.66 -7.91
C ASP C 285 19.63 -2.05 -8.06
N ASN C 286 18.63 -2.34 -7.23
CA ASN C 286 17.92 -3.61 -7.26
C ASN C 286 16.44 -3.45 -6.90
N GLY C 287 15.65 -4.49 -7.19
CA GLY C 287 14.22 -4.50 -6.90
C GLY C 287 13.82 -4.84 -5.47
N ALA C 288 14.63 -5.65 -4.80
CA ALA C 288 14.34 -6.09 -3.44
C ALA C 288 14.29 -4.95 -2.44
N MET C 289 15.20 -3.99 -2.57
CA MET C 289 15.20 -2.81 -1.70
C MET C 289 13.89 -2.02 -1.85
N ILE C 290 13.36 -2.00 -3.08
CA ILE C 290 12.09 -1.34 -3.40
C ILE C 290 10.92 -2.04 -2.71
N ALA C 291 10.88 -3.37 -2.85
CA ALA C 291 9.85 -4.22 -2.25
C ALA C 291 9.84 -4.06 -0.74
N TYR C 292 11.03 -4.00 -0.16
CA TYR C 292 11.22 -3.92 1.28
C TYR C 292 10.72 -2.61 1.91
N THR C 293 11.03 -1.50 1.27
CA THR C 293 10.54 -0.19 1.70
C THR C 293 9.05 -0.12 1.38
N GLY C 294 8.69 -0.52 0.17
CA GLY C 294 7.29 -0.60 -0.20
C GLY C 294 6.44 -1.34 0.82
N LEU C 295 6.97 -2.44 1.36
CA LEU C 295 6.24 -3.25 2.33
C LEU C 295 6.05 -2.55 3.67
N ARG C 296 7.12 -1.92 4.16
CA ARG C 296 7.07 -1.18 5.42
C ARG C 296 6.05 -0.04 5.30
N MET C 297 6.08 0.67 4.17
CA MET C 297 5.09 1.71 3.86
C MET C 297 3.66 1.17 3.88
N TYR C 298 3.47 0.00 3.26
CA TYR C 298 2.14 -0.56 3.20
C TYR C 298 1.64 -1.00 4.58
N LYS C 299 2.52 -1.59 5.38
CA LYS C 299 2.17 -2.01 6.74
C LYS C 299 1.83 -0.83 7.64
N ALA C 300 2.31 0.37 7.29
CA ALA C 300 1.91 1.58 8.00
C ALA C 300 0.67 2.24 7.38
N GLY C 301 -0.02 1.52 6.51
CA GLY C 301 -1.26 2.01 5.94
C GLY C 301 -1.16 2.93 4.74
N ILE C 302 0.03 3.05 4.16
CA ILE C 302 0.17 3.79 2.90
C ILE C 302 -0.22 2.88 1.74
N SER C 303 -1.20 3.33 0.97
CA SER C 303 -1.64 2.60 -0.21
C SER C 303 -2.06 3.61 -1.26
N PHE C 304 -1.31 3.66 -2.36
CA PHE C 304 -1.44 4.76 -3.32
C PHE C 304 -2.72 4.72 -4.15
N ARG C 305 -3.22 5.91 -4.48
CA ARG C 305 -4.22 6.09 -5.53
C ARG C 305 -3.46 6.21 -6.85
N LEU C 306 -4.11 5.82 -7.95
CA LEU C 306 -3.45 5.81 -9.25
C LEU C 306 -2.85 7.18 -9.60
N GLU C 307 -3.60 8.26 -9.31
CA GLU C 307 -3.11 9.60 -9.63
C GLU C 307 -1.83 9.95 -8.87
N GLU C 308 -1.60 9.27 -7.75
CA GLU C 308 -0.41 9.45 -6.93
C GLU C 308 0.80 8.66 -7.45
N THR C 309 0.61 7.88 -8.51
CA THR C 309 1.70 7.03 -9.03
C THR C 309 2.41 7.64 -10.23
N ILE C 310 2.16 8.93 -10.49
CA ILE C 310 2.91 9.66 -11.52
C ILE C 310 4.40 9.51 -11.22
N VAL C 311 5.23 9.28 -12.23
CA VAL C 311 6.68 9.21 -12.04
C VAL C 311 7.19 10.57 -11.56
N LYS C 312 8.16 10.53 -10.65
CA LYS C 312 8.81 11.74 -10.14
C LYS C 312 10.30 11.72 -10.49
N GLN C 313 10.65 12.20 -11.68
CA GLN C 313 12.05 12.19 -12.16
C GLN C 313 12.98 12.92 -11.21
N LYS C 314 12.51 14.01 -10.62
CA LYS C 314 13.34 14.79 -9.73
C LYS C 314 12.92 14.65 -8.26
N PHE C 315 12.38 13.48 -7.94
CA PHE C 315 11.92 13.10 -6.60
C PHE C 315 12.91 13.48 -5.51
N ARG C 316 12.52 14.46 -4.67
CA ARG C 316 13.33 14.92 -3.54
C ARG C 316 13.19 14.00 -2.33
N THR C 317 14.30 13.71 -1.67
CA THR C 317 14.35 12.79 -0.51
C THR C 317 13.54 13.25 0.72
N ASP C 318 13.48 14.56 0.93
CA ASP C 318 12.75 15.14 2.06
C ASP C 318 11.25 15.36 1.77
N GLU C 319 10.79 14.83 0.64
CA GLU C 319 9.37 14.92 0.26
C GLU C 319 8.52 13.82 0.87
N VAL C 320 9.15 12.83 1.51
CA VAL C 320 8.41 11.66 1.97
C VAL C 320 8.33 11.62 3.49
N GLU C 321 7.10 11.74 4.01
CA GLU C 321 6.84 11.54 5.43
C GLU C 321 7.11 10.08 5.82
N ILE C 322 8.16 9.89 6.60
CA ILE C 322 8.60 8.57 7.03
C ILE C 322 7.80 8.16 8.26
N VAL C 323 6.67 7.50 8.01
CA VAL C 323 5.66 7.23 9.03
C VAL C 323 5.72 5.79 9.54
N TRP C 324 6.62 4.99 8.98
CA TRP C 324 6.74 3.58 9.32
C TRP C 324 7.96 3.26 10.18
N HIS C 325 8.70 4.28 10.58
CA HIS C 325 9.97 4.09 11.29
C HIS C 325 9.81 3.57 12.74
N MET D 1 65.67 -8.76 -17.00
CA MET D 1 66.08 -10.05 -17.61
C MET D 1 64.95 -10.63 -18.43
N LEU D 2 65.28 -11.54 -19.33
CA LEU D 2 64.26 -12.24 -20.12
C LEU D 2 64.20 -13.74 -19.74
N ALA D 3 63.05 -14.36 -20.03
CA ALA D 3 62.82 -15.78 -19.74
C ALA D 3 61.99 -16.42 -20.84
N LEU D 4 62.20 -17.70 -21.09
CA LEU D 4 61.43 -18.38 -22.11
C LEU D 4 60.67 -19.55 -21.51
N GLY D 5 59.36 -19.59 -21.77
CA GLY D 5 58.50 -20.62 -21.21
C GLY D 5 57.96 -21.54 -22.27
N ILE D 6 57.86 -22.82 -21.95
CA ILE D 6 57.22 -23.80 -22.82
C ILE D 6 56.15 -24.54 -22.01
N GLU D 7 54.91 -24.41 -22.47
CA GLU D 7 53.76 -25.05 -21.84
C GLU D 7 53.31 -26.20 -22.72
N GLY D 8 53.04 -27.35 -22.11
CA GLY D 8 52.53 -28.48 -22.86
C GLY D 8 51.94 -29.60 -22.04
N THR D 9 51.24 -29.26 -20.96
CA THR D 9 50.61 -30.27 -20.12
C THR D 9 49.45 -31.01 -20.82
N ALA D 10 48.79 -30.29 -21.73
CA ALA D 10 47.59 -30.78 -22.41
C ALA D 10 47.69 -30.63 -23.94
N HIS D 11 46.55 -30.40 -24.59
CA HIS D 11 46.49 -30.29 -26.05
C HIS D 11 47.12 -29.01 -26.62
N THR D 12 47.57 -28.09 -25.77
CA THR D 12 48.15 -26.85 -26.28
C THR D 12 49.67 -26.80 -26.11
N LEU D 13 50.37 -26.40 -27.17
CA LEU D 13 51.76 -25.98 -27.05
C LEU D 13 51.83 -24.46 -27.14
N GLY D 14 52.31 -23.85 -26.06
CA GLY D 14 52.43 -22.42 -25.99
C GLY D 14 53.84 -22.07 -25.62
N ILE D 15 54.37 -21.03 -26.25
CA ILE D 15 55.70 -20.56 -25.94
C ILE D 15 55.61 -19.08 -25.65
N GLY D 16 56.20 -18.67 -24.54
CA GLY D 16 56.17 -17.29 -24.14
C GLY D 16 57.55 -16.75 -23.81
N ILE D 17 57.75 -15.48 -24.14
CA ILE D 17 58.94 -14.75 -23.76
C ILE D 17 58.46 -13.54 -22.98
N VAL D 18 59.01 -13.33 -21.78
CA VAL D 18 58.55 -12.27 -20.91
C VAL D 18 59.72 -11.60 -20.19
N SER D 19 59.52 -10.34 -19.80
CA SER D 19 60.41 -9.68 -18.86
C SER D 19 59.68 -9.58 -17.53
N GLU D 20 60.26 -8.88 -16.55
CA GLU D 20 59.66 -8.73 -15.23
C GLU D 20 58.34 -7.96 -15.29
N ASP D 21 58.17 -7.12 -16.31
CA ASP D 21 57.07 -6.15 -16.42
C ASP D 21 56.08 -6.41 -17.55
N LYS D 22 56.53 -7.12 -18.58
CA LYS D 22 55.73 -7.23 -19.80
C LYS D 22 55.92 -8.54 -20.57
N VAL D 23 54.88 -8.88 -21.34
CA VAL D 23 54.84 -10.06 -22.19
C VAL D 23 55.31 -9.69 -23.59
N LEU D 24 56.52 -10.16 -23.94
CA LEU D 24 57.15 -9.82 -25.23
C LEU D 24 56.69 -10.70 -26.40
N ALA D 25 56.27 -11.92 -26.11
CA ALA D 25 55.70 -12.82 -27.12
C ALA D 25 54.87 -13.86 -26.43
N ASN D 26 53.77 -14.26 -27.06
CA ASN D 26 52.91 -15.29 -26.49
C ASN D 26 52.16 -16.01 -27.59
N VAL D 27 52.78 -17.08 -28.09
CA VAL D 27 52.29 -17.77 -29.27
C VAL D 27 51.66 -19.11 -28.92
N PHE D 28 50.68 -19.52 -29.72
CA PHE D 28 49.90 -20.71 -29.42
C PHE D 28 49.83 -21.67 -30.60
N ASP D 29 49.47 -22.91 -30.28
CA ASP D 29 49.10 -23.90 -31.26
C ASP D 29 48.44 -25.03 -30.50
N THR D 30 47.24 -25.40 -30.93
CA THR D 30 46.48 -26.40 -30.22
C THR D 30 46.05 -27.53 -31.14
N LEU D 31 46.16 -28.75 -30.65
CA LEU D 31 45.67 -29.95 -31.34
C LEU D 31 44.17 -29.84 -31.55
N THR D 32 43.77 -29.61 -32.80
CA THR D 32 42.36 -29.55 -33.21
C THR D 32 41.74 -30.94 -33.05
N THR D 33 40.63 -31.02 -32.31
CA THR D 33 39.96 -32.30 -32.08
C THR D 33 38.45 -32.25 -32.40
N GLU D 34 37.86 -33.42 -32.59
CA GLU D 34 36.45 -33.50 -33.00
C GLU D 34 35.51 -33.84 -31.84
N LYS D 35 35.71 -35.04 -31.28
CA LYS D 35 34.83 -35.60 -30.23
C LYS D 35 35.27 -35.24 -28.80
N GLY D 36 36.09 -34.20 -28.67
CA GLY D 36 36.72 -33.87 -27.38
C GLY D 36 37.76 -34.93 -27.02
N GLY D 37 37.73 -35.38 -25.76
CA GLY D 37 38.57 -36.49 -25.31
C GLY D 37 40.07 -36.26 -25.17
N ILE D 38 40.70 -37.06 -24.32
CA ILE D 38 42.14 -36.96 -24.07
C ILE D 38 42.89 -37.83 -25.10
N HIS D 39 43.73 -37.19 -25.90
CA HIS D 39 44.51 -37.87 -26.92
C HIS D 39 46.00 -37.76 -26.62
N PRO D 40 46.49 -38.59 -25.68
CA PRO D 40 47.80 -38.33 -25.06
C PRO D 40 48.97 -38.50 -26.02
N LYS D 41 48.95 -39.58 -26.81
CA LYS D 41 50.03 -39.87 -27.74
C LYS D 41 49.98 -39.01 -28.99
N GLU D 42 48.79 -38.47 -29.28
CA GLU D 42 48.59 -37.58 -30.42
C GLU D 42 49.10 -36.17 -30.15
N ALA D 43 48.85 -35.69 -28.92
CA ALA D 43 49.34 -34.40 -28.48
C ALA D 43 50.87 -34.35 -28.45
N ALA D 44 51.49 -35.44 -28.00
CA ALA D 44 52.95 -35.54 -27.91
C ALA D 44 53.63 -35.39 -29.27
N GLU D 45 53.05 -36.01 -30.30
CA GLU D 45 53.48 -35.82 -31.69
C GLU D 45 53.34 -34.35 -32.08
N HIS D 46 52.17 -33.78 -31.80
CA HIS D 46 51.87 -32.38 -32.12
C HIS D 46 52.93 -31.43 -31.57
N HIS D 47 53.23 -31.58 -30.28
CA HIS D 47 54.22 -30.75 -29.61
C HIS D 47 55.61 -30.89 -30.25
N ALA D 48 56.02 -32.15 -30.48
CA ALA D 48 57.31 -32.48 -31.11
C ALA D 48 57.42 -31.87 -32.51
N ARG D 49 56.35 -32.00 -33.29
CA ARG D 49 56.29 -31.45 -34.63
C ARG D 49 56.28 -29.91 -34.66
N LEU D 50 55.71 -29.29 -33.63
CA LEU D 50 55.51 -27.84 -33.65
C LEU D 50 56.55 -27.03 -32.86
N MET D 51 57.41 -27.71 -32.12
CA MET D 51 58.37 -27.04 -31.24
C MET D 51 59.32 -26.09 -31.97
N LYS D 52 59.96 -26.57 -33.03
CA LYS D 52 60.89 -25.76 -33.85
C LYS D 52 60.22 -24.57 -34.56
N PRO D 53 59.06 -24.80 -35.25
CA PRO D 53 58.33 -23.68 -35.85
C PRO D 53 57.94 -22.60 -34.83
N LEU D 54 57.28 -23.00 -33.74
CA LEU D 54 56.80 -22.05 -32.73
C LEU D 54 57.92 -21.31 -32.01
N LEU D 55 58.98 -22.02 -31.65
CA LEU D 55 60.15 -21.41 -31.05
C LEU D 55 60.67 -20.24 -31.90
N ARG D 56 60.84 -20.48 -33.21
CA ARG D 56 61.26 -19.45 -34.15
C ARG D 56 60.27 -18.28 -34.19
N LYS D 57 58.98 -18.61 -34.14
CA LYS D 57 57.90 -17.61 -34.22
C LYS D 57 57.89 -16.64 -33.04
N ALA D 58 58.19 -17.15 -31.85
CA ALA D 58 58.22 -16.35 -30.63
C ALA D 58 59.45 -15.43 -30.58
N LEU D 59 60.62 -16.00 -30.86
CA LEU D 59 61.89 -15.26 -30.90
C LEU D 59 61.80 -14.08 -31.88
N SER D 60 61.12 -14.31 -32.99
CA SER D 60 60.83 -13.27 -33.97
C SER D 60 60.00 -12.14 -33.35
N GLU D 61 58.79 -12.48 -32.90
CA GLU D 61 57.85 -11.53 -32.29
C GLU D 61 58.37 -10.84 -31.03
N ALA D 62 59.36 -11.43 -30.39
CA ALA D 62 60.00 -10.79 -29.25
C ALA D 62 61.23 -9.99 -29.71
N GLY D 63 61.68 -10.26 -30.94
CA GLY D 63 62.84 -9.60 -31.49
C GLY D 63 64.06 -9.77 -30.61
N VAL D 64 64.30 -11.00 -30.18
CA VAL D 64 65.50 -11.37 -29.41
C VAL D 64 65.97 -12.74 -29.85
N SER D 65 67.26 -13.02 -29.62
CA SER D 65 67.82 -14.36 -29.86
C SER D 65 67.90 -15.17 -28.55
N LEU D 66 68.21 -16.45 -28.69
CA LEU D 66 68.31 -17.34 -27.54
C LEU D 66 69.42 -16.96 -26.55
N ASP D 67 70.34 -16.10 -26.97
CA ASP D 67 71.44 -15.64 -26.11
C ASP D 67 71.00 -14.51 -25.16
N ASP D 68 69.93 -13.83 -25.54
CA ASP D 68 69.34 -12.75 -24.73
C ASP D 68 68.56 -13.33 -23.53
N ILE D 69 68.06 -14.54 -23.71
CA ILE D 69 67.34 -15.29 -22.68
C ILE D 69 68.23 -15.60 -21.47
N ASP D 70 67.78 -15.20 -20.28
CA ASP D 70 68.53 -15.49 -19.06
C ASP D 70 68.20 -16.86 -18.45
N VAL D 71 66.99 -17.36 -18.71
CA VAL D 71 66.54 -18.64 -18.15
C VAL D 71 65.47 -19.32 -19.01
N ILE D 72 65.52 -20.65 -19.06
CA ILE D 72 64.54 -21.46 -19.75
C ILE D 72 63.66 -22.19 -18.75
N ALA D 73 62.37 -21.92 -18.84
CA ALA D 73 61.37 -22.55 -17.98
C ALA D 73 60.44 -23.44 -18.81
N PHE D 74 59.91 -24.48 -18.18
CA PHE D 74 59.01 -25.40 -18.85
C PHE D 74 57.98 -25.96 -17.86
N SER D 75 56.83 -26.37 -18.38
CA SER D 75 55.79 -26.95 -17.55
C SER D 75 56.22 -28.35 -17.18
N GLN D 76 56.63 -28.51 -15.93
CA GLN D 76 57.08 -29.79 -15.42
C GLN D 76 55.91 -30.75 -15.13
N GLY D 77 54.71 -30.18 -15.00
CA GLY D 77 53.50 -30.94 -14.68
C GLY D 77 52.59 -30.08 -13.84
N PRO D 78 51.43 -30.63 -13.39
CA PRO D 78 50.90 -31.97 -13.67
C PRO D 78 50.34 -32.03 -15.08
N GLY D 79 50.13 -33.23 -15.59
CA GLY D 79 49.58 -33.35 -16.94
C GLY D 79 49.86 -34.66 -17.62
N LEU D 80 49.79 -34.63 -18.95
CA LEU D 80 49.95 -35.83 -19.75
C LEU D 80 51.44 -36.14 -19.95
N GLY D 81 51.83 -37.32 -19.46
CA GLY D 81 53.20 -37.79 -19.54
C GLY D 81 53.84 -37.58 -20.91
N PRO D 82 53.27 -38.22 -21.95
CA PRO D 82 53.86 -38.12 -23.30
C PRO D 82 54.17 -36.67 -23.66
N ALA D 83 53.19 -35.79 -23.43
CA ALA D 83 53.30 -34.38 -23.76
C ALA D 83 54.39 -33.70 -22.94
N LEU D 84 54.37 -33.95 -21.62
CA LEU D 84 55.38 -33.40 -20.71
C LEU D 84 56.81 -33.78 -21.11
N ARG D 85 57.03 -35.03 -21.49
CA ARG D 85 58.37 -35.50 -21.88
C ARG D 85 58.93 -34.78 -23.09
N VAL D 86 58.06 -34.54 -24.08
CA VAL D 86 58.44 -33.79 -25.27
C VAL D 86 58.94 -32.39 -24.91
N VAL D 87 58.10 -31.67 -24.16
CA VAL D 87 58.40 -30.31 -23.66
C VAL D 87 59.68 -30.27 -22.82
N ALA D 88 59.76 -31.16 -21.82
CA ALA D 88 60.96 -31.31 -20.98
C ALA D 88 62.24 -31.55 -21.80
N THR D 89 62.18 -32.47 -22.77
CA THR D 89 63.32 -32.73 -23.64
C THR D 89 63.84 -31.45 -24.30
N ALA D 90 62.98 -30.77 -25.03
CA ALA D 90 63.35 -29.57 -25.78
C ALA D 90 63.94 -28.47 -24.88
N ALA D 91 63.45 -28.37 -23.65
CA ALA D 91 63.93 -27.36 -22.72
C ALA D 91 65.33 -27.68 -22.22
N ARG D 92 65.58 -28.96 -21.92
CA ARG D 92 66.91 -29.44 -21.58
C ARG D 92 67.87 -29.29 -22.76
N ALA D 93 67.36 -29.51 -23.97
CA ALA D 93 68.16 -29.39 -25.20
C ALA D 93 68.75 -27.99 -25.35
N LEU D 94 67.89 -26.99 -25.16
CA LEU D 94 68.30 -25.60 -25.29
C LEU D 94 69.23 -25.16 -24.17
N ALA D 95 68.95 -25.57 -22.94
CA ALA D 95 69.83 -25.27 -21.78
C ALA D 95 71.24 -25.87 -21.93
N VAL D 96 71.31 -27.05 -22.54
CA VAL D 96 72.59 -27.69 -22.87
C VAL D 96 73.33 -26.86 -23.91
N LYS D 97 72.61 -26.52 -24.98
CA LYS D 97 73.17 -25.85 -26.14
C LYS D 97 73.68 -24.46 -25.77
N TYR D 98 72.89 -23.73 -24.99
CA TYR D 98 73.20 -22.33 -24.70
C TYR D 98 73.68 -22.12 -23.29
N ARG D 99 73.99 -23.23 -22.61
CA ARG D 99 74.51 -23.22 -21.23
C ARG D 99 73.72 -22.25 -20.34
N LYS D 100 72.39 -22.34 -20.50
CA LYS D 100 71.43 -21.47 -19.82
C LYS D 100 70.83 -22.16 -18.62
N PRO D 101 70.55 -21.39 -17.55
CA PRO D 101 69.72 -21.87 -16.44
C PRO D 101 68.41 -22.50 -16.93
N ILE D 102 67.98 -23.57 -16.27
CA ILE D 102 66.71 -24.23 -16.57
C ILE D 102 65.87 -24.37 -15.29
N VAL D 103 64.56 -24.12 -15.37
CA VAL D 103 63.67 -24.31 -14.21
C VAL D 103 62.35 -25.00 -14.57
N GLY D 104 61.95 -25.97 -13.76
CA GLY D 104 60.70 -26.70 -13.95
C GLY D 104 59.58 -26.01 -13.23
N VAL D 105 58.61 -25.52 -13.99
CA VAL D 105 57.51 -24.76 -13.44
C VAL D 105 56.29 -25.65 -13.18
N ASN D 106 55.67 -25.46 -12.02
CA ASN D 106 54.37 -26.07 -11.76
C ASN D 106 53.28 -25.29 -12.49
N HIS D 107 52.52 -26.03 -13.29
CA HIS D 107 51.49 -25.51 -14.17
C HIS D 107 50.38 -24.71 -13.47
N CYS D 108 49.83 -25.28 -12.39
CA CYS D 108 48.78 -24.60 -11.62
C CYS D 108 49.31 -23.34 -10.98
N ILE D 109 50.43 -23.46 -10.29
CA ILE D 109 51.07 -22.30 -9.70
C ILE D 109 51.18 -21.22 -10.78
N ALA D 110 51.77 -21.56 -11.91
CA ALA D 110 51.91 -20.63 -13.03
C ALA D 110 50.63 -19.85 -13.29
N HIS D 111 49.52 -20.57 -13.54
CA HIS D 111 48.21 -19.96 -13.80
C HIS D 111 47.85 -18.83 -12.82
N VAL D 112 48.11 -19.05 -11.54
CA VAL D 112 47.87 -18.02 -10.54
C VAL D 112 48.98 -16.97 -10.53
N GLU D 113 50.23 -17.40 -10.68
CA GLU D 113 51.38 -16.51 -10.53
C GLU D 113 51.45 -15.42 -11.60
N ILE D 114 50.94 -15.71 -12.80
CA ILE D 114 50.97 -14.72 -13.88
C ILE D 114 50.22 -13.43 -13.51
N THR D 115 49.27 -13.53 -12.59
CA THR D 115 48.46 -12.37 -12.22
C THR D 115 49.28 -11.34 -11.48
N LYS D 116 50.40 -11.78 -10.92
CA LYS D 116 51.29 -10.91 -10.16
C LYS D 116 52.01 -9.90 -11.07
N MET D 117 52.10 -10.23 -12.35
CA MET D 117 52.62 -9.33 -13.36
C MET D 117 51.73 -8.09 -13.52
N PHE D 118 50.47 -8.21 -13.11
CA PHE D 118 49.47 -7.14 -13.24
C PHE D 118 49.08 -6.52 -11.90
N GLY D 119 49.92 -6.66 -10.89
CA GLY D 119 49.71 -5.95 -9.63
C GLY D 119 48.95 -6.69 -8.54
N VAL D 120 48.66 -7.96 -8.75
CA VAL D 120 48.00 -8.75 -7.71
C VAL D 120 49.08 -9.25 -6.73
N LYS D 121 48.91 -8.92 -5.45
CA LYS D 121 49.95 -9.20 -4.46
C LYS D 121 49.92 -10.64 -3.95
N ASP D 122 48.81 -11.03 -3.30
CA ASP D 122 48.70 -12.32 -2.62
C ASP D 122 47.24 -12.82 -2.65
N PRO D 123 46.82 -13.44 -3.78
CA PRO D 123 45.43 -13.79 -4.03
C PRO D 123 45.03 -15.20 -3.63
N VAL D 124 43.72 -15.40 -3.52
CA VAL D 124 43.15 -16.73 -3.57
C VAL D 124 42.81 -16.99 -5.04
N GLY D 125 43.30 -18.09 -5.58
CA GLY D 125 43.08 -18.44 -6.97
C GLY D 125 42.05 -19.53 -7.14
N LEU D 126 41.06 -19.27 -8.01
CA LEU D 126 40.18 -20.30 -8.50
C LEU D 126 40.68 -20.64 -9.88
N TYR D 127 41.28 -21.82 -10.01
CA TYR D 127 41.81 -22.29 -11.30
C TYR D 127 40.87 -23.33 -11.88
N VAL D 128 40.24 -22.95 -12.98
CA VAL D 128 39.27 -23.80 -13.64
C VAL D 128 39.61 -23.96 -15.12
N SER D 129 39.69 -25.22 -15.54
CA SER D 129 39.97 -25.58 -16.92
C SER D 129 39.24 -26.89 -17.27
N GLY D 130 39.62 -27.52 -18.39
CA GLY D 130 39.04 -28.80 -18.82
C GLY D 130 39.11 -29.87 -17.74
N GLY D 131 40.32 -30.24 -17.32
CA GLY D 131 40.51 -31.30 -16.33
C GLY D 131 40.82 -30.86 -14.90
N ASN D 132 41.31 -29.64 -14.73
CA ASN D 132 41.62 -29.15 -13.38
C ASN D 132 40.50 -28.30 -12.81
N THR D 133 40.35 -28.40 -11.49
CA THR D 133 39.54 -27.46 -10.73
C THR D 133 40.07 -27.41 -9.31
N GLN D 134 40.66 -26.25 -8.97
CA GLN D 134 41.38 -26.04 -7.70
C GLN D 134 41.22 -24.64 -7.14
N VAL D 135 41.00 -24.56 -5.84
CA VAL D 135 41.14 -23.29 -5.13
C VAL D 135 42.48 -23.32 -4.41
N LEU D 136 43.37 -22.40 -4.78
CA LEU D 136 44.72 -22.39 -4.20
C LEU D 136 45.16 -21.03 -3.66
N ALA D 137 46.04 -21.08 -2.66
CA ALA D 137 46.46 -19.87 -1.97
C ALA D 137 47.75 -20.10 -1.21
N LEU D 138 48.54 -19.04 -1.11
CA LEU D 138 49.81 -19.08 -0.40
C LEU D 138 49.56 -19.14 1.10
N GLU D 139 50.08 -20.17 1.74
CA GLU D 139 49.98 -20.32 3.20
C GLU D 139 51.11 -21.20 3.69
N GLY D 140 51.83 -20.71 4.70
CA GLY D 140 52.98 -21.42 5.23
C GLY D 140 54.04 -21.73 4.17
N GLY D 141 54.40 -20.72 3.37
CA GLY D 141 55.45 -20.84 2.37
C GLY D 141 55.15 -21.69 1.15
N ARG D 142 53.91 -22.16 1.05
CA ARG D 142 53.49 -22.95 -0.12
C ARG D 142 52.13 -22.49 -0.64
N TYR D 143 51.81 -22.89 -1.86
CA TYR D 143 50.44 -22.85 -2.32
C TYR D 143 49.72 -24.08 -1.78
N ARG D 144 48.65 -23.88 -1.01
CA ARG D 144 47.85 -25.02 -0.50
C ARG D 144 46.57 -25.18 -1.27
N VAL D 145 46.06 -26.41 -1.34
CA VAL D 145 44.76 -26.64 -1.96
C VAL D 145 43.67 -26.52 -0.91
N PHE D 146 42.73 -25.60 -1.14
CA PHE D 146 41.64 -25.38 -0.20
C PHE D 146 40.37 -26.11 -0.61
N GLY D 147 40.40 -26.69 -1.80
CA GLY D 147 39.28 -27.42 -2.32
C GLY D 147 39.58 -27.69 -3.78
N GLU D 148 39.33 -28.92 -4.20
CA GLU D 148 39.61 -29.33 -5.57
C GLU D 148 38.63 -30.40 -5.99
N THR D 149 38.50 -30.59 -7.30
CA THR D 149 37.66 -31.67 -7.82
C THR D 149 38.14 -33.05 -7.36
N LEU D 150 37.21 -33.91 -6.95
CA LEU D 150 37.53 -35.30 -6.61
C LEU D 150 37.32 -36.25 -7.79
N ASP D 151 36.93 -35.69 -8.93
CA ASP D 151 36.65 -36.49 -10.12
C ASP D 151 36.99 -35.71 -11.38
N ILE D 152 35.99 -35.07 -12.01
CA ILE D 152 36.20 -34.40 -13.31
C ILE D 152 36.27 -32.89 -13.17
N GLY D 153 37.11 -32.26 -13.98
CA GLY D 153 37.18 -30.81 -14.04
C GLY D 153 35.85 -30.21 -14.48
N ILE D 154 35.57 -29.00 -14.02
CA ILE D 154 34.33 -28.31 -14.37
C ILE D 154 34.16 -28.11 -15.89
N GLY D 155 35.26 -27.82 -16.58
CA GLY D 155 35.24 -27.64 -18.03
C GLY D 155 34.80 -28.88 -18.77
N ASN D 156 35.29 -30.03 -18.33
CA ASN D 156 34.96 -31.31 -18.95
C ASN D 156 33.50 -31.70 -18.72
N ALA D 157 33.02 -31.43 -17.50
CA ALA D 157 31.65 -31.70 -17.11
C ALA D 157 30.69 -30.92 -18.01
N ILE D 158 30.95 -29.63 -18.17
CA ILE D 158 30.19 -28.77 -19.08
C ILE D 158 30.21 -29.36 -20.50
N ASP D 159 31.39 -29.80 -20.93
CA ASP D 159 31.57 -30.41 -22.25
C ASP D 159 30.71 -31.67 -22.41
N VAL D 160 30.76 -32.59 -21.46
CA VAL D 160 29.94 -33.80 -21.51
C VAL D 160 28.45 -33.44 -21.59
N PHE D 161 28.06 -32.44 -20.80
CA PHE D 161 26.68 -31.96 -20.78
C PHE D 161 26.30 -31.34 -22.13
N ALA D 162 27.23 -30.61 -22.73
CA ALA D 162 27.03 -29.99 -24.03
C ALA D 162 26.77 -31.04 -25.11
N ARG D 163 27.65 -32.05 -25.16
CA ARG D 163 27.55 -33.15 -26.12
C ARG D 163 26.23 -33.96 -25.96
N GLU D 164 25.83 -34.23 -24.71
CA GLU D 164 24.56 -34.88 -24.47
C GLU D 164 23.42 -34.06 -25.05
N LEU D 165 23.47 -32.75 -24.85
CA LEU D 165 22.43 -31.84 -25.35
C LEU D 165 22.52 -31.58 -26.85
N GLY D 166 23.52 -32.16 -27.50
CA GLY D 166 23.70 -32.03 -28.95
C GLY D 166 24.22 -30.70 -29.48
N LEU D 167 24.82 -29.90 -28.61
CA LEU D 167 25.44 -28.63 -29.01
C LEU D 167 26.81 -28.87 -29.66
N GLY D 168 27.31 -27.85 -30.36
CA GLY D 168 28.57 -27.99 -31.11
C GLY D 168 29.88 -27.65 -30.39
N PHE D 169 30.63 -28.70 -30.01
CA PHE D 169 31.98 -28.57 -29.42
C PHE D 169 32.84 -27.54 -30.19
N PRO D 170 33.50 -26.58 -29.48
CA PRO D 170 33.53 -26.38 -28.01
C PRO D 170 32.16 -26.14 -27.35
N GLY D 171 31.89 -26.89 -26.28
CA GLY D 171 30.61 -26.86 -25.57
C GLY D 171 30.40 -25.77 -24.52
N GLY D 172 31.50 -25.18 -24.03
CA GLY D 172 31.44 -24.11 -23.04
C GLY D 172 30.46 -23.00 -23.32
N PRO D 173 30.73 -22.18 -24.35
CA PRO D 173 29.91 -20.98 -24.62
C PRO D 173 28.48 -21.31 -25.05
N LYS D 174 28.28 -22.48 -25.64
CA LYS D 174 26.96 -22.89 -26.07
C LYS D 174 26.01 -23.18 -24.90
N VAL D 175 26.55 -23.74 -23.82
CA VAL D 175 25.77 -24.00 -22.62
C VAL D 175 25.54 -22.70 -21.84
N GLU D 176 26.53 -21.80 -21.89
CA GLU D 176 26.43 -20.50 -21.23
C GLU D 176 25.30 -19.70 -21.83
N LYS D 177 25.22 -19.74 -23.16
CA LYS D 177 24.26 -18.98 -23.94
C LYS D 177 22.82 -19.47 -23.70
N LEU D 178 22.65 -20.79 -23.63
CA LEU D 178 21.37 -21.38 -23.23
C LEU D 178 20.95 -20.92 -21.84
N ALA D 179 21.89 -20.90 -20.91
CA ALA D 179 21.64 -20.63 -19.51
C ALA D 179 21.11 -19.22 -19.30
N GLU D 180 21.59 -18.28 -20.13
CA GLU D 180 21.11 -16.89 -20.12
C GLU D 180 19.61 -16.79 -20.31
N LYS D 181 19.02 -17.83 -20.91
CA LYS D 181 17.60 -17.88 -21.25
C LYS D 181 16.78 -18.67 -20.23
N GLY D 182 17.44 -19.19 -19.20
CA GLY D 182 16.75 -19.93 -18.15
C GLY D 182 16.02 -19.00 -17.22
N GLU D 183 14.87 -19.43 -16.72
CA GLU D 183 14.12 -18.62 -15.76
C GLU D 183 13.49 -19.43 -14.64
N LYS D 184 13.82 -20.72 -14.59
CA LYS D 184 13.34 -21.60 -13.54
C LYS D 184 14.53 -22.41 -13.00
N TYR D 185 14.77 -22.35 -11.69
CA TYR D 185 15.81 -23.18 -11.08
C TYR D 185 15.28 -24.58 -10.74
N ILE D 186 15.91 -25.60 -11.29
CA ILE D 186 15.54 -26.99 -11.03
C ILE D 186 16.58 -27.60 -10.10
N GLU D 187 16.13 -28.20 -9.01
CA GLU D 187 17.03 -28.79 -8.01
C GLU D 187 17.95 -29.85 -8.63
N LEU D 188 19.23 -29.81 -8.23
CA LEU D 188 20.27 -30.72 -8.69
C LEU D 188 21.27 -30.91 -7.55
N PRO D 189 21.94 -32.07 -7.47
CA PRO D 189 22.81 -32.34 -6.31
C PRO D 189 23.88 -31.26 -6.12
N TYR D 190 24.09 -30.87 -4.86
CA TYR D 190 25.16 -29.93 -4.53
C TYR D 190 26.53 -30.53 -4.79
N ALA D 191 27.40 -29.74 -5.40
CA ALA D 191 28.73 -30.21 -5.82
C ALA D 191 29.81 -30.07 -4.74
N VAL D 192 29.47 -29.46 -3.60
CA VAL D 192 30.42 -29.35 -2.50
C VAL D 192 30.36 -30.60 -1.60
N LYS D 193 31.46 -31.35 -1.58
CA LYS D 193 31.55 -32.54 -0.72
C LYS D 193 32.65 -32.35 0.32
N GLY D 194 32.22 -32.18 1.57
CA GLY D 194 33.11 -31.79 2.65
C GLY D 194 33.85 -30.51 2.28
N MET D 195 35.16 -30.66 2.09
CA MET D 195 36.06 -29.55 1.80
C MET D 195 36.26 -29.37 0.31
N ASP D 196 35.95 -30.42 -0.45
CA ASP D 196 36.30 -30.50 -1.87
C ASP D 196 35.11 -30.38 -2.81
N LEU D 197 35.39 -30.40 -4.11
CA LEU D 197 34.38 -30.35 -5.15
C LEU D 197 34.09 -31.74 -5.76
N SER D 198 32.88 -31.92 -6.28
CA SER D 198 32.50 -33.16 -6.98
C SER D 198 31.44 -32.88 -8.03
N PHE D 199 31.73 -33.23 -9.28
CA PHE D 199 30.81 -32.90 -10.36
C PHE D 199 30.11 -34.10 -11.02
N SER D 200 30.58 -35.31 -10.71
CA SER D 200 30.04 -36.53 -11.29
C SER D 200 28.57 -36.73 -10.95
N GLY D 201 28.23 -36.53 -9.68
CA GLY D 201 26.85 -36.66 -9.23
C GLY D 201 25.93 -35.66 -9.90
N LEU D 202 26.41 -34.43 -10.04
CA LEU D 202 25.65 -33.33 -10.63
C LEU D 202 25.41 -33.59 -12.11
N LEU D 203 26.43 -34.12 -12.77
CA LEU D 203 26.37 -34.30 -14.21
C LEU D 203 25.36 -35.39 -14.58
N THR D 204 25.47 -36.55 -13.93
CA THR D 204 24.64 -37.71 -14.31
C THR D 204 23.16 -37.45 -13.99
N GLU D 205 22.91 -36.62 -12.97
CA GLU D 205 21.55 -36.24 -12.64
C GLU D 205 20.99 -35.25 -13.66
N ALA D 206 21.83 -34.31 -14.10
CA ALA D 206 21.41 -33.32 -15.09
C ALA D 206 21.09 -33.99 -16.41
N ILE D 207 21.89 -34.97 -16.81
CA ILE D 207 21.64 -35.80 -17.98
C ILE D 207 20.32 -36.59 -17.81
N ARG D 208 20.14 -37.18 -16.63
CA ARG D 208 18.95 -37.97 -16.36
C ARG D 208 17.66 -37.13 -16.54
N LYS D 209 17.67 -35.91 -15.99
CA LYS D 209 16.53 -34.98 -16.07
C LYS D 209 16.28 -34.48 -17.49
N TYR D 210 17.36 -34.30 -18.24
CA TYR D 210 17.26 -33.92 -19.64
C TYR D 210 16.53 -35.00 -20.43
N ARG D 211 16.96 -36.25 -20.25
CA ARG D 211 16.38 -37.39 -20.93
C ARG D 211 14.93 -37.63 -20.56
N SER D 212 14.52 -37.20 -19.36
CA SER D 212 13.15 -37.39 -18.89
C SER D 212 12.13 -36.45 -19.56
N GLY D 213 12.61 -35.50 -20.35
CA GLY D 213 11.74 -34.59 -21.11
C GLY D 213 10.78 -33.70 -20.33
N LYS D 214 10.91 -33.67 -19.01
CA LYS D 214 9.99 -32.90 -18.15
C LYS D 214 10.38 -31.44 -17.96
N TYR D 215 11.52 -31.02 -18.53
CA TYR D 215 12.03 -29.69 -18.25
C TYR D 215 12.45 -28.95 -19.51
N ARG D 216 12.38 -27.62 -19.49
CA ARG D 216 12.99 -26.81 -20.55
C ARG D 216 14.50 -26.99 -20.55
N VAL D 217 15.08 -27.22 -21.73
CA VAL D 217 16.53 -27.31 -21.86
C VAL D 217 17.21 -26.08 -21.23
N GLU D 218 16.68 -24.88 -21.49
CA GLU D 218 17.29 -23.64 -20.98
C GLU D 218 17.31 -23.61 -19.45
N ASP D 219 16.25 -24.12 -18.84
CA ASP D 219 16.16 -24.17 -17.39
C ASP D 219 17.21 -25.11 -16.79
N LEU D 220 17.35 -26.30 -17.39
CA LEU D 220 18.39 -27.26 -16.96
C LEU D 220 19.78 -26.68 -17.11
N ALA D 221 20.11 -26.20 -18.31
CA ALA D 221 21.40 -25.58 -18.60
C ALA D 221 21.70 -24.50 -17.57
N TYR D 222 20.73 -23.63 -17.35
CA TYR D 222 20.84 -22.56 -16.37
C TYR D 222 21.08 -23.12 -14.98
N SER D 223 20.31 -24.15 -14.61
CA SER D 223 20.42 -24.73 -13.29
C SER D 223 21.75 -25.44 -13.07
N PHE D 224 22.21 -26.15 -14.09
CA PHE D 224 23.47 -26.88 -14.05
C PHE D 224 24.65 -25.91 -13.83
N GLN D 225 24.73 -24.85 -14.62
CA GLN D 225 25.74 -23.83 -14.40
C GLN D 225 25.63 -23.21 -13.00
N GLU D 226 24.41 -22.94 -12.54
CA GLU D 226 24.24 -22.26 -11.25
C GLU D 226 24.73 -23.07 -10.06
N THR D 227 24.42 -24.37 -10.03
CA THR D 227 24.84 -25.25 -8.94
C THR D 227 26.36 -25.47 -8.93
N ALA D 228 26.93 -25.63 -10.11
CA ALA D 228 28.35 -25.88 -10.23
C ALA D 228 29.13 -24.63 -9.83
N PHE D 229 28.72 -23.48 -10.35
CA PHE D 229 29.45 -22.26 -10.13
C PHE D 229 29.30 -21.79 -8.69
N ALA D 230 28.11 -21.99 -8.11
CA ALA D 230 27.84 -21.66 -6.72
C ALA D 230 28.77 -22.45 -5.80
N ALA D 231 28.97 -23.73 -6.14
CA ALA D 231 29.93 -24.62 -5.47
C ALA D 231 31.35 -24.05 -5.55
N LEU D 232 31.76 -23.68 -6.76
CA LEU D 232 33.08 -23.09 -6.96
C LEU D 232 33.23 -21.83 -6.16
N VAL D 233 32.15 -21.07 -6.04
CA VAL D 233 32.21 -19.80 -5.32
C VAL D 233 32.30 -20.06 -3.82
N GLU D 234 31.50 -20.99 -3.32
CA GLU D 234 31.51 -21.27 -1.88
C GLU D 234 32.90 -21.66 -1.41
N VAL D 235 33.51 -22.63 -2.10
CA VAL D 235 34.83 -23.10 -1.74
C VAL D 235 35.88 -21.97 -1.87
N THR D 236 35.77 -21.15 -2.90
CA THR D 236 36.67 -20.01 -3.04
C THR D 236 36.48 -19.06 -1.86
N GLU D 237 35.23 -18.83 -1.47
CA GLU D 237 34.91 -17.90 -0.40
C GLU D 237 35.45 -18.39 0.92
N ARG D 238 35.32 -19.70 1.17
CA ARG D 238 35.87 -20.35 2.35
C ARG D 238 37.35 -20.03 2.47
N ALA D 239 38.07 -20.14 1.36
CA ALA D 239 39.49 -19.83 1.34
C ALA D 239 39.72 -18.37 1.69
N VAL D 240 38.93 -17.46 1.13
CA VAL D 240 39.08 -16.03 1.43
C VAL D 240 38.88 -15.74 2.92
N ALA D 241 37.79 -16.25 3.48
CA ALA D 241 37.48 -16.08 4.89
C ALA D 241 38.59 -16.62 5.79
N HIS D 242 39.11 -17.80 5.46
CA HIS D 242 40.14 -18.44 6.29
C HIS D 242 41.48 -17.71 6.23
N THR D 243 42.00 -17.52 5.02
CA THR D 243 43.31 -16.91 4.79
C THR D 243 43.32 -15.40 5.01
N GLU D 244 42.15 -14.78 5.00
CA GLU D 244 42.03 -13.34 5.20
C GLU D 244 42.73 -12.54 4.11
N LYS D 245 42.83 -13.12 2.93
CA LYS D 245 43.41 -12.41 1.79
C LYS D 245 42.37 -11.49 1.22
N ASP D 246 42.79 -10.50 0.44
CA ASP D 246 41.83 -9.49 -0.04
C ASP D 246 41.83 -9.28 -1.54
N GLU D 247 42.33 -10.27 -2.27
CA GLU D 247 42.20 -10.31 -3.72
C GLU D 247 41.87 -11.73 -4.13
N VAL D 248 41.07 -11.86 -5.19
CA VAL D 248 40.72 -13.15 -5.76
C VAL D 248 41.01 -13.10 -7.24
N VAL D 249 41.68 -14.12 -7.74
CA VAL D 249 41.86 -14.24 -9.18
C VAL D 249 41.13 -15.47 -9.72
N LEU D 250 40.68 -15.35 -10.97
CA LEU D 250 40.02 -16.42 -11.70
C LEU D 250 40.84 -16.72 -12.94
N VAL D 251 41.36 -17.94 -13.00
CA VAL D 251 42.29 -18.33 -14.06
C VAL D 251 41.90 -19.67 -14.71
N GLY D 252 42.55 -19.99 -15.83
CA GLY D 252 42.24 -21.20 -16.59
C GLY D 252 41.36 -20.95 -17.80
N GLY D 253 41.10 -22.01 -18.56
CA GLY D 253 40.26 -21.93 -19.77
C GLY D 253 38.86 -21.44 -19.46
N VAL D 254 38.25 -22.05 -18.45
CA VAL D 254 36.85 -21.77 -18.06
C VAL D 254 36.62 -20.32 -17.56
N ALA D 255 37.69 -19.59 -17.30
CA ALA D 255 37.59 -18.21 -16.84
C ALA D 255 36.91 -17.30 -17.87
N ALA D 256 36.68 -17.82 -19.07
CA ALA D 256 35.99 -17.06 -20.11
C ALA D 256 34.49 -17.01 -19.86
N ASN D 257 33.98 -17.95 -19.05
CA ASN D 257 32.54 -18.02 -18.77
C ASN D 257 32.06 -16.82 -17.96
N ASN D 258 31.40 -15.89 -18.65
CA ASN D 258 30.92 -14.63 -18.03
C ASN D 258 30.01 -14.80 -16.84
N ARG D 259 29.29 -15.91 -16.78
CA ARG D 259 28.43 -16.17 -15.64
C ARG D 259 29.25 -16.45 -14.38
N LEU D 260 30.31 -17.23 -14.52
CA LEU D 260 31.20 -17.53 -13.40
C LEU D 260 31.91 -16.27 -12.93
N ARG D 261 32.39 -15.44 -13.87
CA ARG D 261 32.94 -14.12 -13.53
C ARG D 261 31.94 -13.34 -12.70
N GLU D 262 30.75 -13.15 -13.25
CA GLU D 262 29.65 -12.44 -12.61
C GLU D 262 29.44 -12.93 -11.17
N MET D 263 29.34 -14.24 -10.98
CA MET D 263 29.13 -14.79 -9.63
C MET D 263 30.27 -14.48 -8.67
N LEU D 264 31.50 -14.78 -9.10
CA LEU D 264 32.69 -14.49 -8.30
C LEU D 264 32.79 -13.01 -7.98
N ARG D 265 32.67 -12.16 -9.00
CA ARG D 265 32.71 -10.70 -8.78
C ARG D 265 31.74 -10.29 -7.68
N ILE D 266 30.53 -10.87 -7.69
CA ILE D 266 29.53 -10.55 -6.68
C ILE D 266 29.99 -10.93 -5.26
N MET D 267 30.58 -12.11 -5.12
CA MET D 267 31.11 -12.56 -3.84
C MET D 267 32.22 -11.63 -3.30
N THR D 268 33.05 -11.11 -4.20
CA THR D 268 34.15 -10.24 -3.77
C THR D 268 33.65 -8.87 -3.35
N GLU D 269 32.45 -8.50 -3.82
CA GLU D 269 31.83 -7.25 -3.38
C GLU D 269 31.12 -7.35 -2.03
N ASP D 270 30.43 -8.46 -1.79
CA ASP D 270 29.85 -8.73 -0.47
C ASP D 270 30.88 -8.60 0.65
N ARG D 271 32.16 -8.79 0.32
CA ARG D 271 33.23 -8.86 1.34
C ARG D 271 34.22 -7.69 1.27
N GLY D 272 34.05 -6.83 0.27
CA GLY D 272 34.89 -5.65 0.11
C GLY D 272 36.33 -5.97 -0.26
N ILE D 273 36.54 -6.94 -1.15
CA ILE D 273 37.88 -7.35 -1.59
C ILE D 273 38.03 -7.26 -3.13
N LYS D 274 39.24 -7.44 -3.65
CA LYS D 274 39.53 -7.21 -5.07
C LYS D 274 39.31 -8.45 -5.94
N PHE D 275 38.98 -8.24 -7.21
CA PHE D 275 38.73 -9.33 -8.15
C PHE D 275 39.48 -9.06 -9.42
N PHE D 276 40.27 -10.04 -9.86
CA PHE D 276 41.07 -9.87 -11.06
C PHE D 276 41.01 -11.09 -11.96
N VAL D 277 40.89 -10.83 -13.26
CA VAL D 277 40.96 -11.84 -14.29
C VAL D 277 41.91 -11.35 -15.37
N PRO D 278 42.96 -12.14 -15.67
CA PRO D 278 43.95 -11.78 -16.70
C PRO D 278 43.36 -11.80 -18.12
N PRO D 279 44.01 -11.12 -19.09
CA PRO D 279 43.55 -11.19 -20.49
C PRO D 279 43.42 -12.63 -20.96
N TYR D 280 42.68 -12.89 -22.04
CA TYR D 280 42.41 -14.29 -22.40
C TYR D 280 43.66 -15.15 -22.67
N ASP D 281 44.64 -14.56 -23.35
CA ASP D 281 45.88 -15.29 -23.64
C ASP D 281 46.65 -15.71 -22.39
N LEU D 282 46.35 -15.08 -21.26
CA LEU D 282 47.05 -15.40 -20.02
C LEU D 282 46.22 -16.22 -19.04
N CYS D 283 44.96 -16.49 -19.41
CA CYS D 283 44.06 -17.34 -18.64
C CYS D 283 44.16 -18.78 -19.07
N ARG D 284 44.11 -19.01 -20.38
CA ARG D 284 44.19 -20.35 -20.94
C ARG D 284 45.61 -20.89 -20.87
N ASP D 285 45.77 -22.21 -21.00
CA ASP D 285 47.09 -22.81 -21.05
C ASP D 285 47.98 -22.00 -21.98
N ASN D 286 49.06 -21.45 -21.44
CA ASN D 286 50.01 -20.67 -22.23
C ASN D 286 51.43 -20.75 -21.72
N GLY D 287 52.38 -20.27 -22.53
CA GLY D 287 53.80 -20.31 -22.20
C GLY D 287 54.31 -19.06 -21.49
N ALA D 288 53.63 -17.94 -21.67
CA ALA D 288 54.04 -16.71 -21.01
C ALA D 288 53.94 -16.83 -19.49
N MET D 289 52.94 -17.57 -19.01
CA MET D 289 52.76 -17.80 -17.57
C MET D 289 53.86 -18.67 -17.00
N ILE D 290 54.31 -19.63 -17.82
CA ILE D 290 55.45 -20.48 -17.48
C ILE D 290 56.76 -19.69 -17.48
N ALA D 291 56.90 -18.79 -18.44
CA ALA D 291 58.08 -17.92 -18.54
C ALA D 291 58.15 -17.00 -17.34
N TYR D 292 57.01 -16.44 -16.96
CA TYR D 292 56.97 -15.46 -15.88
C TYR D 292 57.36 -16.11 -14.56
N THR D 293 56.71 -17.24 -14.25
CA THR D 293 56.96 -17.95 -13.01
C THR D 293 58.42 -18.43 -12.97
N GLY D 294 58.89 -19.00 -14.07
CA GLY D 294 60.30 -19.34 -14.21
C GLY D 294 61.24 -18.21 -13.84
N LEU D 295 61.00 -17.03 -14.41
CA LEU D 295 61.83 -15.85 -14.14
C LEU D 295 61.86 -15.44 -12.67
N ARG D 296 60.69 -15.39 -12.03
CA ARG D 296 60.63 -15.08 -10.60
C ARG D 296 61.34 -16.14 -9.77
N MET D 297 61.35 -17.38 -10.26
CA MET D 297 62.05 -18.47 -9.58
C MET D 297 63.55 -18.26 -9.69
N TYR D 298 63.98 -17.98 -10.92
CA TYR D 298 65.40 -17.74 -11.19
C TYR D 298 65.99 -16.54 -10.44
N LYS D 299 65.25 -15.43 -10.43
CA LYS D 299 65.67 -14.23 -9.71
C LYS D 299 65.87 -14.47 -8.21
N ALA D 300 65.11 -15.39 -7.61
CA ALA D 300 65.28 -15.74 -6.20
C ALA D 300 66.39 -16.79 -6.00
N GLY D 301 67.06 -17.16 -7.09
CA GLY D 301 68.23 -18.03 -6.99
C GLY D 301 67.91 -19.50 -7.15
N ILE D 302 66.90 -19.82 -7.95
CA ILE D 302 66.59 -21.20 -8.28
C ILE D 302 67.14 -21.52 -9.67
N SER D 303 67.95 -22.57 -9.72
CA SER D 303 68.48 -23.07 -10.97
C SER D 303 68.51 -24.58 -10.86
N PHE D 304 67.89 -25.25 -11.82
CA PHE D 304 67.65 -26.68 -11.75
C PHE D 304 68.84 -27.46 -12.29
N ARG D 305 69.16 -28.56 -11.62
CA ARG D 305 70.06 -29.56 -12.17
C ARG D 305 69.22 -30.45 -13.08
N LEU D 306 69.84 -31.01 -14.11
CA LEU D 306 69.13 -31.84 -15.09
C LEU D 306 68.35 -33.04 -14.49
N GLU D 307 68.80 -33.56 -13.34
CA GLU D 307 68.07 -34.67 -12.69
C GLU D 307 66.86 -34.19 -11.91
N GLU D 308 66.78 -32.88 -11.72
CA GLU D 308 65.65 -32.28 -11.03
C GLU D 308 64.56 -31.88 -12.02
N THR D 309 64.82 -32.10 -13.33
CA THR D 309 63.87 -31.70 -14.39
C THR D 309 63.02 -32.86 -14.91
N ILE D 310 63.01 -33.96 -14.18
CA ILE D 310 62.21 -35.13 -14.56
C ILE D 310 60.73 -34.78 -14.55
N VAL D 311 60.00 -35.21 -15.58
CA VAL D 311 58.58 -34.89 -15.69
C VAL D 311 57.81 -35.32 -14.43
N LYS D 312 56.86 -34.49 -14.00
CA LYS D 312 56.04 -34.80 -12.82
C LYS D 312 54.54 -34.78 -13.20
N GLN D 313 54.03 -35.94 -13.63
CA GLN D 313 52.64 -36.06 -14.11
C GLN D 313 51.63 -35.79 -13.03
N LYS D 314 51.92 -36.19 -11.79
CA LYS D 314 51.04 -35.91 -10.65
C LYS D 314 51.66 -34.88 -9.70
N PHE D 315 52.22 -33.82 -10.27
CA PHE D 315 52.84 -32.72 -9.54
C PHE D 315 51.89 -32.04 -8.54
N ARG D 316 52.01 -32.37 -7.25
CA ARG D 316 51.23 -31.67 -6.23
C ARG D 316 51.62 -30.20 -6.15
N THR D 317 50.65 -29.37 -5.82
CA THR D 317 50.87 -27.94 -5.66
C THR D 317 51.78 -27.58 -4.46
N ASP D 318 51.55 -28.23 -3.31
CA ASP D 318 52.30 -27.87 -2.10
C ASP D 318 53.67 -28.53 -2.02
N GLU D 319 54.13 -29.07 -3.15
CA GLU D 319 55.48 -29.60 -3.25
C GLU D 319 56.50 -28.51 -3.54
N VAL D 320 56.03 -27.36 -4.01
CA VAL D 320 56.92 -26.25 -4.40
C VAL D 320 57.00 -25.17 -3.31
N GLU D 321 58.21 -24.93 -2.82
CA GLU D 321 58.41 -23.90 -1.82
C GLU D 321 58.55 -22.56 -2.50
N ILE D 322 57.67 -21.63 -2.13
CA ILE D 322 57.55 -20.37 -2.82
C ILE D 322 58.47 -19.36 -2.16
N VAL D 323 59.73 -19.37 -2.60
CA VAL D 323 60.80 -18.59 -2.00
C VAL D 323 60.98 -17.22 -2.65
N TRP D 324 60.13 -16.91 -3.63
CA TRP D 324 60.21 -15.61 -4.31
C TRP D 324 59.15 -14.61 -3.88
N HIS D 325 58.54 -14.86 -2.72
CA HIS D 325 57.47 -14.00 -2.22
C HIS D 325 57.88 -13.24 -0.95
W WO4 E . -29.45 31.29 28.89
O1 WO4 E . -30.97 30.47 27.79
O2 WO4 E . -29.02 33.15 28.19
O3 WO4 E . -27.79 30.11 28.78
O4 WO4 E . -30.03 31.39 30.85
W WO4 F . -68.17 17.98 25.37
O1 WO4 F . -69.75 16.76 24.96
O2 WO4 F . -67.39 18.69 23.63
O3 WO4 F . -66.73 16.92 26.39
O4 WO4 F . -68.79 19.54 26.53
W WO4 G . -19.82 28.83 28.96
O1 WO4 G . -21.83 29.12 28.75
O2 WO4 G . -18.89 29.72 27.38
O3 WO4 G . -19.36 26.84 28.99
O4 WO4 G . -19.21 29.71 30.70
W WO4 H . -7.38 15.55 15.83
O1 WO4 H . -7.16 17.02 14.43
O2 WO4 H . -5.54 15.03 16.59
O3 WO4 H . -8.24 13.91 14.96
O4 WO4 H . -8.59 16.22 17.34
W WO4 I . -25.17 -10.46 -7.89
O1 WO4 I . -26.32 -11.14 -6.36
O2 WO4 I . -23.51 -11.61 -8.08
O3 WO4 I . -24.63 -8.53 -7.52
O4 WO4 I . -26.26 -10.50 -9.64
W WO4 J . -6.63 8.70 4.52
O1 WO4 J . -8.47 9.53 4.22
O2 WO4 J . -5.47 8.99 2.87
O3 WO4 J . -6.85 6.70 4.88
O4 WO4 J . -5.74 9.60 6.13
W WO4 K . 11.46 13.34 -19.84
O1 WO4 K . 12.93 14.54 -19.09
O2 WO4 K . 10.11 14.46 -20.89
O3 WO4 K . 10.46 12.39 -18.34
O4 WO4 K . 12.27 11.93 -21.07
W WO4 L . 50.12 24.73 -14.31
O1 WO4 L . 51.13 25.49 -12.71
O2 WO4 L . 48.35 25.73 -14.51
O3 WO4 L . 49.76 22.74 -14.02
O4 WO4 L . 51.24 24.97 -16.00
W WO4 M . 3.55 8.89 -15.93
O1 WO4 M . 2.78 8.67 -17.80
O2 WO4 M . 4.87 10.46 -15.96
O3 WO4 M . 4.45 7.16 -15.37
O4 WO4 M . 2.06 9.33 -14.61
W WO4 N . 52.67 -42.46 -18.59
O1 WO4 N . 50.94 -41.97 -17.61
O2 WO4 N . 53.44 -44.15 -17.77
O3 WO4 N . 54.02 -40.94 -18.41
O4 WO4 N . 52.29 -42.73 -20.58
W WO4 O . 11.51 -38.18 -10.11
O1 WO4 O . 9.57 -37.97 -9.51
O2 WO4 O . 12.64 -38.94 -8.59
O3 WO4 O . 12.17 -36.34 -10.70
O4 WO4 O . 11.62 -39.47 -11.70
#